data_2OA2
# 
_entry.id   2OA2 
# 
_audit_conform.dict_name       mmcif_pdbx.dic 
_audit_conform.dict_version    5.397 
_audit_conform.dict_location   http://mmcif.pdb.org/dictionaries/ascii/mmcif_pdbx.dic 
# 
loop_
_database_2.database_id 
_database_2.database_code 
_database_2.pdbx_database_accession 
_database_2.pdbx_DOI 
PDB   2OA2         pdb_00002oa2 10.2210/pdb2oa2/pdb 
RCSB  RCSB040876   ?            ?                   
WWPDB D_1000040876 ?            ?                   
# 
loop_
_pdbx_audit_revision_history.ordinal 
_pdbx_audit_revision_history.data_content_type 
_pdbx_audit_revision_history.major_revision 
_pdbx_audit_revision_history.minor_revision 
_pdbx_audit_revision_history.revision_date 
1 'Structure model' 1 0 2007-01-16 
2 'Structure model' 1 1 2008-05-01 
3 'Structure model' 1 2 2011-07-13 
4 'Structure model' 1 3 2017-10-18 
5 'Structure model' 1 4 2017-10-25 
6 'Structure model' 1 5 2023-01-25 
7 'Structure model' 1 6 2024-10-30 
# 
_pdbx_audit_revision_details.ordinal             1 
_pdbx_audit_revision_details.revision_ordinal    1 
_pdbx_audit_revision_details.data_content_type   'Structure model' 
_pdbx_audit_revision_details.provider            repository 
_pdbx_audit_revision_details.type                'Initial release' 
_pdbx_audit_revision_details.description         ? 
_pdbx_audit_revision_details.details             ? 
# 
loop_
_pdbx_audit_revision_group.ordinal 
_pdbx_audit_revision_group.revision_ordinal 
_pdbx_audit_revision_group.data_content_type 
_pdbx_audit_revision_group.group 
1  2 'Structure model' 'Version format compliance'  
2  3 'Structure model' Advisory                     
3  3 'Structure model' 'Derived calculations'       
4  3 'Structure model' 'Version format compliance'  
5  4 'Structure model' 'Refinement description'     
6  5 'Structure model' 'Author supporting evidence' 
7  6 'Structure model' 'Database references'        
8  6 'Structure model' 'Derived calculations'       
9  7 'Structure model' 'Data collection'            
10 7 'Structure model' 'Structure summary'          
# 
loop_
_pdbx_audit_revision_category.ordinal 
_pdbx_audit_revision_category.revision_ordinal 
_pdbx_audit_revision_category.data_content_type 
_pdbx_audit_revision_category.category 
1 4 'Structure model' software                           
2 5 'Structure model' pdbx_struct_assembly_auth_evidence 
3 6 'Structure model' database_2                         
4 6 'Structure model' struct_conn                        
5 6 'Structure model' struct_ref_seq_dif                 
6 7 'Structure model' chem_comp_atom                     
7 7 'Structure model' chem_comp_bond                     
8 7 'Structure model' pdbx_entry_details                 
9 7 'Structure model' pdbx_modification_feature          
# 
loop_
_pdbx_audit_revision_item.ordinal 
_pdbx_audit_revision_item.revision_ordinal 
_pdbx_audit_revision_item.data_content_type 
_pdbx_audit_revision_item.item 
1 4 'Structure model' '_software.classification'            
2 4 'Structure model' '_software.name'                      
3 6 'Structure model' '_database_2.pdbx_DOI'                
4 6 'Structure model' '_database_2.pdbx_database_accession' 
5 6 'Structure model' '_struct_conn.pdbx_leaving_atom_flag' 
6 6 'Structure model' '_struct_ref_seq_dif.details'         
# 
_pdbx_database_status.SG_entry                        Y 
_pdbx_database_status.entry_id                        2OA2 
_pdbx_database_status.deposit_site                    RCSB 
_pdbx_database_status.process_site                    RCSB 
_pdbx_database_status.recvd_initial_deposition_date   2006-12-14 
_pdbx_database_status.status_code                     REL 
_pdbx_database_status.status_code_sf                  REL 
_pdbx_database_status.status_code_mr                  ? 
_pdbx_database_status.pdb_format_compatible           Y 
_pdbx_database_status.status_code_cs                  ? 
_pdbx_database_status.methods_development_category    ? 
_pdbx_database_status.status_code_nmr_data            ? 
# 
_pdbx_database_related.db_name        TargetDB 
_pdbx_database_related.db_id          371834 
_pdbx_database_related.details        . 
_pdbx_database_related.content_type   unspecified 
# 
_audit_author.name           'Joint Center for Structural Genomics (JCSG)' 
_audit_author.pdbx_ordinal   1 
# 
_citation.id                        primary 
_citation.title                     'Crystal structure of BH2720 (10175341) from Bacillus halodurans at 1.41 A resolution' 
_citation.journal_abbrev            'To be published' 
_citation.journal_volume            ? 
_citation.page_first                ? 
_citation.page_last                 ? 
_citation.year                      ? 
_citation.journal_id_ASTM           ? 
_citation.country                   ? 
_citation.journal_id_ISSN           ? 
_citation.journal_id_CSD            0353 
_citation.book_publisher            ? 
_citation.pdbx_database_id_PubMed   ? 
_citation.pdbx_database_id_DOI      ? 
# 
_citation_author.citation_id        primary 
_citation_author.name               'Joint Center for Structural Genomics (JCSG)' 
_citation_author.ordinal            1 
_citation_author.identifier_ORCID   ? 
# 
loop_
_entity.id 
_entity.type 
_entity.src_method 
_entity.pdbx_description 
_entity.formula_weight 
_entity.pdbx_number_of_molecules 
_entity.pdbx_ec 
_entity.pdbx_mutation 
_entity.pdbx_fragment 
_entity.details 
1 polymer man 'BH2720 protein' 17187.719 1   ? ? ? ? 
2 water   nat water            18.015    143 ? ? ? ? 
# 
_entity_poly.entity_id                      1 
_entity_poly.type                           'polypeptide(L)' 
_entity_poly.nstd_linkage                   no 
_entity_poly.nstd_monomer                   yes 
_entity_poly.pdbx_seq_one_letter_code       
;GSLHEEADHRVTDHGPRPFVVNIEDETKRNRAFRRALWTGDHLQVTL(MSE)SIQVGEDIGLEIHPHLDQFLRVEEGRGL
VQ(MSE)GHRQDNLHFQEEVFDDYAILIPAGTWHNVRNTGNRPLKLYSIYAPPQHPHGTVHETKAIA(MSE)AAEEHHHL
;
_entity_poly.pdbx_seq_one_letter_code_can   
;GSLHEEADHRVTDHGPRPFVVNIEDETKRNRAFRRALWTGDHLQVTLMSIQVGEDIGLEIHPHLDQFLRVEEGRGLVQMG
HRQDNLHFQEEVFDDYAILIPAGTWHNVRNTGNRPLKLYSIYAPPQHPHGTVHETKAIAMAAEEHHHL
;
_entity_poly.pdbx_strand_id                 A 
_entity_poly.pdbx_target_identifier         371834 
# 
_pdbx_entity_nonpoly.entity_id   2 
_pdbx_entity_nonpoly.name        water 
_pdbx_entity_nonpoly.comp_id     HOH 
# 
loop_
_entity_poly_seq.entity_id 
_entity_poly_seq.num 
_entity_poly_seq.mon_id 
_entity_poly_seq.hetero 
1 1   GLY n 
1 2   SER n 
1 3   LEU n 
1 4   HIS n 
1 5   GLU n 
1 6   GLU n 
1 7   ALA n 
1 8   ASP n 
1 9   HIS n 
1 10  ARG n 
1 11  VAL n 
1 12  THR n 
1 13  ASP n 
1 14  HIS n 
1 15  GLY n 
1 16  PRO n 
1 17  ARG n 
1 18  PRO n 
1 19  PHE n 
1 20  VAL n 
1 21  VAL n 
1 22  ASN n 
1 23  ILE n 
1 24  GLU n 
1 25  ASP n 
1 26  GLU n 
1 27  THR n 
1 28  LYS n 
1 29  ARG n 
1 30  ASN n 
1 31  ARG n 
1 32  ALA n 
1 33  PHE n 
1 34  ARG n 
1 35  ARG n 
1 36  ALA n 
1 37  LEU n 
1 38  TRP n 
1 39  THR n 
1 40  GLY n 
1 41  ASP n 
1 42  HIS n 
1 43  LEU n 
1 44  GLN n 
1 45  VAL n 
1 46  THR n 
1 47  LEU n 
1 48  MSE n 
1 49  SER n 
1 50  ILE n 
1 51  GLN n 
1 52  VAL n 
1 53  GLY n 
1 54  GLU n 
1 55  ASP n 
1 56  ILE n 
1 57  GLY n 
1 58  LEU n 
1 59  GLU n 
1 60  ILE n 
1 61  HIS n 
1 62  PRO n 
1 63  HIS n 
1 64  LEU n 
1 65  ASP n 
1 66  GLN n 
1 67  PHE n 
1 68  LEU n 
1 69  ARG n 
1 70  VAL n 
1 71  GLU n 
1 72  GLU n 
1 73  GLY n 
1 74  ARG n 
1 75  GLY n 
1 76  LEU n 
1 77  VAL n 
1 78  GLN n 
1 79  MSE n 
1 80  GLY n 
1 81  HIS n 
1 82  ARG n 
1 83  GLN n 
1 84  ASP n 
1 85  ASN n 
1 86  LEU n 
1 87  HIS n 
1 88  PHE n 
1 89  GLN n 
1 90  GLU n 
1 91  GLU n 
1 92  VAL n 
1 93  PHE n 
1 94  ASP n 
1 95  ASP n 
1 96  TYR n 
1 97  ALA n 
1 98  ILE n 
1 99  LEU n 
1 100 ILE n 
1 101 PRO n 
1 102 ALA n 
1 103 GLY n 
1 104 THR n 
1 105 TRP n 
1 106 HIS n 
1 107 ASN n 
1 108 VAL n 
1 109 ARG n 
1 110 ASN n 
1 111 THR n 
1 112 GLY n 
1 113 ASN n 
1 114 ARG n 
1 115 PRO n 
1 116 LEU n 
1 117 LYS n 
1 118 LEU n 
1 119 TYR n 
1 120 SER n 
1 121 ILE n 
1 122 TYR n 
1 123 ALA n 
1 124 PRO n 
1 125 PRO n 
1 126 GLN n 
1 127 HIS n 
1 128 PRO n 
1 129 HIS n 
1 130 GLY n 
1 131 THR n 
1 132 VAL n 
1 133 HIS n 
1 134 GLU n 
1 135 THR n 
1 136 LYS n 
1 137 ALA n 
1 138 ILE n 
1 139 ALA n 
1 140 MSE n 
1 141 ALA n 
1 142 ALA n 
1 143 GLU n 
1 144 GLU n 
1 145 HIS n 
1 146 HIS n 
1 147 HIS n 
1 148 LEU n 
# 
_entity_src_gen.entity_id                          1 
_entity_src_gen.pdbx_src_id                        1 
_entity_src_gen.pdbx_alt_source_flag               sample 
_entity_src_gen.pdbx_seq_type                      ? 
_entity_src_gen.pdbx_beg_seq_num                   ? 
_entity_src_gen.pdbx_end_seq_num                   ? 
_entity_src_gen.gene_src_common_name               ? 
_entity_src_gen.gene_src_genus                     Bacillus 
_entity_src_gen.pdbx_gene_src_gene                 10175341 
_entity_src_gen.gene_src_species                   ? 
_entity_src_gen.gene_src_strain                    ? 
_entity_src_gen.gene_src_tissue                    ? 
_entity_src_gen.gene_src_tissue_fraction           ? 
_entity_src_gen.gene_src_details                   ? 
_entity_src_gen.pdbx_gene_src_fragment             ? 
_entity_src_gen.pdbx_gene_src_scientific_name      'Bacillus halodurans' 
_entity_src_gen.pdbx_gene_src_ncbi_taxonomy_id     86665 
_entity_src_gen.pdbx_gene_src_variant              ? 
_entity_src_gen.pdbx_gene_src_cell_line            ? 
_entity_src_gen.pdbx_gene_src_atcc                 ? 
_entity_src_gen.pdbx_gene_src_organ                ? 
_entity_src_gen.pdbx_gene_src_organelle            ? 
_entity_src_gen.pdbx_gene_src_cell                 ? 
_entity_src_gen.pdbx_gene_src_cellular_location    ? 
_entity_src_gen.host_org_common_name               ? 
_entity_src_gen.pdbx_host_org_scientific_name      'Escherichia coli' 
_entity_src_gen.pdbx_host_org_ncbi_taxonomy_id     562 
_entity_src_gen.host_org_genus                     Escherichia 
_entity_src_gen.pdbx_host_org_gene                 ? 
_entity_src_gen.pdbx_host_org_organ                ? 
_entity_src_gen.host_org_species                   ? 
_entity_src_gen.pdbx_host_org_tissue               ? 
_entity_src_gen.pdbx_host_org_tissue_fraction      ? 
_entity_src_gen.pdbx_host_org_strain               ? 
_entity_src_gen.pdbx_host_org_variant              ? 
_entity_src_gen.pdbx_host_org_cell_line            ? 
_entity_src_gen.pdbx_host_org_atcc                 ? 
_entity_src_gen.pdbx_host_org_culture_collection   ? 
_entity_src_gen.pdbx_host_org_cell                 ? 
_entity_src_gen.pdbx_host_org_organelle            ? 
_entity_src_gen.pdbx_host_org_cellular_location    ? 
_entity_src_gen.pdbx_host_org_vector_type          Plasmid 
_entity_src_gen.pdbx_host_org_vector               ? 
_entity_src_gen.host_org_details                   ? 
_entity_src_gen.expression_system_id               ? 
_entity_src_gen.plasmid_name                       ? 
_entity_src_gen.plasmid_details                    ? 
_entity_src_gen.pdbx_description                   ? 
# 
loop_
_chem_comp.id 
_chem_comp.type 
_chem_comp.mon_nstd_flag 
_chem_comp.name 
_chem_comp.pdbx_synonyms 
_chem_comp.formula 
_chem_comp.formula_weight 
ALA 'L-peptide linking' y ALANINE          ? 'C3 H7 N O2'     89.093  
ARG 'L-peptide linking' y ARGININE         ? 'C6 H15 N4 O2 1' 175.209 
ASN 'L-peptide linking' y ASPARAGINE       ? 'C4 H8 N2 O3'    132.118 
ASP 'L-peptide linking' y 'ASPARTIC ACID'  ? 'C4 H7 N O4'     133.103 
GLN 'L-peptide linking' y GLUTAMINE        ? 'C5 H10 N2 O3'   146.144 
GLU 'L-peptide linking' y 'GLUTAMIC ACID'  ? 'C5 H9 N O4'     147.129 
GLY 'peptide linking'   y GLYCINE          ? 'C2 H5 N O2'     75.067  
HIS 'L-peptide linking' y HISTIDINE        ? 'C6 H10 N3 O2 1' 156.162 
HOH non-polymer         . WATER            ? 'H2 O'           18.015  
ILE 'L-peptide linking' y ISOLEUCINE       ? 'C6 H13 N O2'    131.173 
LEU 'L-peptide linking' y LEUCINE          ? 'C6 H13 N O2'    131.173 
LYS 'L-peptide linking' y LYSINE           ? 'C6 H15 N2 O2 1' 147.195 
MET 'L-peptide linking' y METHIONINE       ? 'C5 H11 N O2 S'  149.211 
MSE 'L-peptide linking' n SELENOMETHIONINE ? 'C5 H11 N O2 Se' 196.106 
PHE 'L-peptide linking' y PHENYLALANINE    ? 'C9 H11 N O2'    165.189 
PRO 'L-peptide linking' y PROLINE          ? 'C5 H9 N O2'     115.130 
SER 'L-peptide linking' y SERINE           ? 'C3 H7 N O3'     105.093 
THR 'L-peptide linking' y THREONINE        ? 'C4 H9 N O3'     119.119 
TRP 'L-peptide linking' y TRYPTOPHAN       ? 'C11 H12 N2 O2'  204.225 
TYR 'L-peptide linking' y TYROSINE         ? 'C9 H11 N O3'    181.189 
VAL 'L-peptide linking' y VALINE           ? 'C5 H11 N O2'    117.146 
# 
loop_
_pdbx_poly_seq_scheme.asym_id 
_pdbx_poly_seq_scheme.entity_id 
_pdbx_poly_seq_scheme.seq_id 
_pdbx_poly_seq_scheme.mon_id 
_pdbx_poly_seq_scheme.ndb_seq_num 
_pdbx_poly_seq_scheme.pdb_seq_num 
_pdbx_poly_seq_scheme.auth_seq_num 
_pdbx_poly_seq_scheme.pdb_mon_id 
_pdbx_poly_seq_scheme.auth_mon_id 
_pdbx_poly_seq_scheme.pdb_strand_id 
_pdbx_poly_seq_scheme.pdb_ins_code 
_pdbx_poly_seq_scheme.hetero 
A 1 1   GLY 1   148 ?   ?   ?   A . n 
A 1 2   SER 2   149 ?   ?   ?   A . n 
A 1 3   LEU 3   150 ?   ?   ?   A . n 
A 1 4   HIS 4   151 ?   ?   ?   A . n 
A 1 5   GLU 5   152 ?   ?   ?   A . n 
A 1 6   GLU 6   153 ?   ?   ?   A . n 
A 1 7   ALA 7   154 ?   ?   ?   A . n 
A 1 8   ASP 8   155 ?   ?   ?   A . n 
A 1 9   HIS 9   156 ?   ?   ?   A . n 
A 1 10  ARG 10  157 ?   ?   ?   A . n 
A 1 11  VAL 11  158 158 VAL VAL A . n 
A 1 12  THR 12  159 159 THR THR A . n 
A 1 13  ASP 13  160 160 ASP ASP A . n 
A 1 14  HIS 14  161 161 HIS HIS A . n 
A 1 15  GLY 15  162 162 GLY GLY A . n 
A 1 16  PRO 16  163 163 PRO PRO A . n 
A 1 17  ARG 17  164 164 ARG ARG A . n 
A 1 18  PRO 18  165 165 PRO PRO A . n 
A 1 19  PHE 19  166 166 PHE PHE A . n 
A 1 20  VAL 20  167 167 VAL VAL A . n 
A 1 21  VAL 21  168 168 VAL VAL A . n 
A 1 22  ASN 22  169 169 ASN ASN A . n 
A 1 23  ILE 23  170 170 ILE ILE A . n 
A 1 24  GLU 24  171 171 GLU GLU A . n 
A 1 25  ASP 25  172 172 ASP ASP A . n 
A 1 26  GLU 26  173 173 GLU GLU A . n 
A 1 27  THR 27  174 174 THR THR A . n 
A 1 28  LYS 28  175 175 LYS LYS A . n 
A 1 29  ARG 29  176 176 ARG ARG A . n 
A 1 30  ASN 30  177 177 ASN ASN A . n 
A 1 31  ARG 31  178 178 ARG ARG A . n 
A 1 32  ALA 32  179 179 ALA ALA A . n 
A 1 33  PHE 33  180 180 PHE PHE A . n 
A 1 34  ARG 34  181 181 ARG ARG A . n 
A 1 35  ARG 35  182 182 ARG ARG A . n 
A 1 36  ALA 36  183 183 ALA ALA A . n 
A 1 37  LEU 37  184 184 LEU LEU A . n 
A 1 38  TRP 38  185 185 TRP TRP A . n 
A 1 39  THR 39  186 186 THR THR A . n 
A 1 40  GLY 40  187 187 GLY GLY A . n 
A 1 41  ASP 41  188 188 ASP ASP A . n 
A 1 42  HIS 42  189 189 HIS HIS A . n 
A 1 43  LEU 43  190 190 LEU LEU A . n 
A 1 44  GLN 44  191 191 GLN GLN A . n 
A 1 45  VAL 45  192 192 VAL VAL A . n 
A 1 46  THR 46  193 193 THR THR A . n 
A 1 47  LEU 47  194 194 LEU LEU A . n 
A 1 48  MSE 48  195 195 MSE MSE A . n 
A 1 49  SER 49  196 196 SER SER A . n 
A 1 50  ILE 50  197 197 ILE ILE A . n 
A 1 51  GLN 51  198 198 GLN GLN A . n 
A 1 52  VAL 52  199 199 VAL VAL A . n 
A 1 53  GLY 53  200 200 GLY GLY A . n 
A 1 54  GLU 54  201 201 GLU GLU A . n 
A 1 55  ASP 55  202 202 ASP ASP A . n 
A 1 56  ILE 56  203 203 ILE ILE A . n 
A 1 57  GLY 57  204 204 GLY GLY A . n 
A 1 58  LEU 58  205 205 LEU LEU A . n 
A 1 59  GLU 59  206 206 GLU GLU A . n 
A 1 60  ILE 60  207 207 ILE ILE A . n 
A 1 61  HIS 61  208 208 HIS HIS A . n 
A 1 62  PRO 62  209 209 PRO PRO A . n 
A 1 63  HIS 63  210 210 HIS HIS A . n 
A 1 64  LEU 64  211 211 LEU LEU A . n 
A 1 65  ASP 65  212 212 ASP ASP A . n 
A 1 66  GLN 66  213 213 GLN GLN A . n 
A 1 67  PHE 67  214 214 PHE PHE A . n 
A 1 68  LEU 68  215 215 LEU LEU A . n 
A 1 69  ARG 69  216 216 ARG ARG A . n 
A 1 70  VAL 70  217 217 VAL VAL A . n 
A 1 71  GLU 71  218 218 GLU GLU A . n 
A 1 72  GLU 72  219 219 GLU GLU A . n 
A 1 73  GLY 73  220 220 GLY GLY A . n 
A 1 74  ARG 74  221 221 ARG ARG A . n 
A 1 75  GLY 75  222 222 GLY GLY A . n 
A 1 76  LEU 76  223 223 LEU LEU A . n 
A 1 77  VAL 77  224 224 VAL VAL A . n 
A 1 78  GLN 78  225 225 GLN GLN A . n 
A 1 79  MSE 79  226 226 MSE MSE A . n 
A 1 80  GLY 80  227 227 GLY GLY A . n 
A 1 81  HIS 81  228 228 HIS HIS A . n 
A 1 82  ARG 82  229 229 ARG ARG A . n 
A 1 83  GLN 83  230 230 GLN GLN A . n 
A 1 84  ASP 84  231 231 ASP ASP A . n 
A 1 85  ASN 85  232 232 ASN ASN A . n 
A 1 86  LEU 86  233 233 LEU LEU A . n 
A 1 87  HIS 87  234 234 HIS HIS A . n 
A 1 88  PHE 88  235 235 PHE PHE A . n 
A 1 89  GLN 89  236 236 GLN GLN A . n 
A 1 90  GLU 90  237 237 GLU GLU A . n 
A 1 91  GLU 91  238 238 GLU GLU A . n 
A 1 92  VAL 92  239 239 VAL VAL A . n 
A 1 93  PHE 93  240 240 PHE PHE A . n 
A 1 94  ASP 94  241 241 ASP ASP A . n 
A 1 95  ASP 95  242 242 ASP ASP A . n 
A 1 96  TYR 96  243 243 TYR TYR A . n 
A 1 97  ALA 97  244 244 ALA ALA A . n 
A 1 98  ILE 98  245 245 ILE ILE A . n 
A 1 99  LEU 99  246 246 LEU LEU A . n 
A 1 100 ILE 100 247 247 ILE ILE A . n 
A 1 101 PRO 101 248 248 PRO PRO A . n 
A 1 102 ALA 102 249 249 ALA ALA A . n 
A 1 103 GLY 103 250 250 GLY GLY A . n 
A 1 104 THR 104 251 251 THR THR A . n 
A 1 105 TRP 105 252 252 TRP TRP A . n 
A 1 106 HIS 106 253 253 HIS HIS A . n 
A 1 107 ASN 107 254 254 ASN ASN A . n 
A 1 108 VAL 108 255 255 VAL VAL A . n 
A 1 109 ARG 109 256 256 ARG ARG A . n 
A 1 110 ASN 110 257 257 ASN ASN A . n 
A 1 111 THR 111 258 258 THR THR A . n 
A 1 112 GLY 112 259 259 GLY GLY A . n 
A 1 113 ASN 113 260 260 ASN ASN A . n 
A 1 114 ARG 114 261 261 ARG ARG A . n 
A 1 115 PRO 115 262 262 PRO PRO A . n 
A 1 116 LEU 116 263 263 LEU LEU A . n 
A 1 117 LYS 117 264 264 LYS LYS A . n 
A 1 118 LEU 118 265 265 LEU LEU A . n 
A 1 119 TYR 119 266 266 TYR TYR A . n 
A 1 120 SER 120 267 267 SER SER A . n 
A 1 121 ILE 121 268 268 ILE ILE A . n 
A 1 122 TYR 122 269 269 TYR TYR A . n 
A 1 123 ALA 123 270 270 ALA ALA A . n 
A 1 124 PRO 124 271 271 PRO PRO A . n 
A 1 125 PRO 125 272 272 PRO PRO A . n 
A 1 126 GLN 126 273 273 GLN GLN A . n 
A 1 127 HIS 127 274 274 HIS HIS A . n 
A 1 128 PRO 128 275 275 PRO PRO A . n 
A 1 129 HIS 129 276 276 HIS HIS A . n 
A 1 130 GLY 130 277 277 GLY GLY A . n 
A 1 131 THR 131 278 278 THR THR A . n 
A 1 132 VAL 132 279 279 VAL VAL A . n 
A 1 133 HIS 133 280 280 HIS HIS A . n 
A 1 134 GLU 134 281 281 GLU GLU A . n 
A 1 135 THR 135 282 282 THR THR A . n 
A 1 136 LYS 136 283 283 LYS LYS A . n 
A 1 137 ALA 137 284 284 ALA ALA A . n 
A 1 138 ILE 138 285 285 ILE ILE A . n 
A 1 139 ALA 139 286 286 ALA ALA A . n 
A 1 140 MSE 140 287 287 MSE MSE A . n 
A 1 141 ALA 141 288 288 ALA ALA A . n 
A 1 142 ALA 142 289 289 ALA ALA A . n 
A 1 143 GLU 143 290 ?   ?   ?   A . n 
A 1 144 GLU 144 291 ?   ?   ?   A . n 
A 1 145 HIS 145 292 ?   ?   ?   A . n 
A 1 146 HIS 146 293 ?   ?   ?   A . n 
A 1 147 HIS 147 294 ?   ?   ?   A . n 
A 1 148 LEU 148 295 ?   ?   ?   A . n 
# 
loop_
_pdbx_nonpoly_scheme.asym_id 
_pdbx_nonpoly_scheme.entity_id 
_pdbx_nonpoly_scheme.mon_id 
_pdbx_nonpoly_scheme.ndb_seq_num 
_pdbx_nonpoly_scheme.pdb_seq_num 
_pdbx_nonpoly_scheme.auth_seq_num 
_pdbx_nonpoly_scheme.pdb_mon_id 
_pdbx_nonpoly_scheme.auth_mon_id 
_pdbx_nonpoly_scheme.pdb_strand_id 
_pdbx_nonpoly_scheme.pdb_ins_code 
B 2 HOH 1   1   1   HOH HOH A . 
B 2 HOH 2   2   2   HOH HOH A . 
B 2 HOH 3   3   3   HOH HOH A . 
B 2 HOH 4   4   4   HOH HOH A . 
B 2 HOH 5   5   5   HOH HOH A . 
B 2 HOH 6   6   6   HOH HOH A . 
B 2 HOH 7   7   7   HOH HOH A . 
B 2 HOH 8   8   8   HOH HOH A . 
B 2 HOH 9   9   9   HOH HOH A . 
B 2 HOH 10  10  10  HOH HOH A . 
B 2 HOH 11  11  11  HOH HOH A . 
B 2 HOH 12  12  12  HOH HOH A . 
B 2 HOH 13  13  13  HOH HOH A . 
B 2 HOH 14  14  14  HOH HOH A . 
B 2 HOH 15  15  15  HOH HOH A . 
B 2 HOH 16  16  16  HOH HOH A . 
B 2 HOH 17  17  17  HOH HOH A . 
B 2 HOH 18  18  18  HOH HOH A . 
B 2 HOH 19  19  19  HOH HOH A . 
B 2 HOH 20  20  20  HOH HOH A . 
B 2 HOH 21  21  21  HOH HOH A . 
B 2 HOH 22  22  22  HOH HOH A . 
B 2 HOH 23  23  23  HOH HOH A . 
B 2 HOH 24  24  24  HOH HOH A . 
B 2 HOH 25  25  25  HOH HOH A . 
B 2 HOH 26  26  26  HOH HOH A . 
B 2 HOH 27  27  27  HOH HOH A . 
B 2 HOH 28  28  28  HOH HOH A . 
B 2 HOH 29  29  29  HOH HOH A . 
B 2 HOH 30  30  30  HOH HOH A . 
B 2 HOH 31  31  31  HOH HOH A . 
B 2 HOH 32  32  32  HOH HOH A . 
B 2 HOH 33  33  33  HOH HOH A . 
B 2 HOH 34  34  34  HOH HOH A . 
B 2 HOH 35  35  35  HOH HOH A . 
B 2 HOH 36  36  36  HOH HOH A . 
B 2 HOH 37  37  37  HOH HOH A . 
B 2 HOH 38  38  38  HOH HOH A . 
B 2 HOH 39  39  39  HOH HOH A . 
B 2 HOH 40  40  40  HOH HOH A . 
B 2 HOH 41  41  41  HOH HOH A . 
B 2 HOH 42  42  42  HOH HOH A . 
B 2 HOH 43  43  43  HOH HOH A . 
B 2 HOH 44  44  44  HOH HOH A . 
B 2 HOH 45  45  45  HOH HOH A . 
B 2 HOH 46  46  46  HOH HOH A . 
B 2 HOH 47  47  47  HOH HOH A . 
B 2 HOH 48  48  48  HOH HOH A . 
B 2 HOH 49  49  49  HOH HOH A . 
B 2 HOH 50  50  50  HOH HOH A . 
B 2 HOH 51  51  51  HOH HOH A . 
B 2 HOH 52  52  52  HOH HOH A . 
B 2 HOH 53  53  53  HOH HOH A . 
B 2 HOH 54  54  54  HOH HOH A . 
B 2 HOH 55  55  55  HOH HOH A . 
B 2 HOH 56  56  56  HOH HOH A . 
B 2 HOH 57  57  57  HOH HOH A . 
B 2 HOH 58  58  58  HOH HOH A . 
B 2 HOH 59  59  59  HOH HOH A . 
B 2 HOH 60  60  60  HOH HOH A . 
B 2 HOH 61  61  61  HOH HOH A . 
B 2 HOH 62  62  62  HOH HOH A . 
B 2 HOH 63  63  63  HOH HOH A . 
B 2 HOH 64  64  64  HOH HOH A . 
B 2 HOH 65  65  65  HOH HOH A . 
B 2 HOH 66  66  66  HOH HOH A . 
B 2 HOH 67  67  67  HOH HOH A . 
B 2 HOH 68  68  68  HOH HOH A . 
B 2 HOH 69  69  69  HOH HOH A . 
B 2 HOH 70  70  70  HOH HOH A . 
B 2 HOH 71  71  71  HOH HOH A . 
B 2 HOH 72  72  72  HOH HOH A . 
B 2 HOH 73  73  73  HOH HOH A . 
B 2 HOH 74  74  74  HOH HOH A . 
B 2 HOH 75  75  75  HOH HOH A . 
B 2 HOH 76  76  76  HOH HOH A . 
B 2 HOH 77  77  77  HOH HOH A . 
B 2 HOH 78  78  78  HOH HOH A . 
B 2 HOH 79  79  79  HOH HOH A . 
B 2 HOH 80  80  80  HOH HOH A . 
B 2 HOH 81  81  81  HOH HOH A . 
B 2 HOH 82  82  82  HOH HOH A . 
B 2 HOH 83  83  83  HOH HOH A . 
B 2 HOH 84  84  84  HOH HOH A . 
B 2 HOH 85  85  85  HOH HOH A . 
B 2 HOH 86  86  86  HOH HOH A . 
B 2 HOH 87  87  87  HOH HOH A . 
B 2 HOH 88  88  88  HOH HOH A . 
B 2 HOH 89  89  89  HOH HOH A . 
B 2 HOH 90  90  90  HOH HOH A . 
B 2 HOH 91  91  91  HOH HOH A . 
B 2 HOH 92  92  92  HOH HOH A . 
B 2 HOH 93  93  93  HOH HOH A . 
B 2 HOH 94  94  94  HOH HOH A . 
B 2 HOH 95  95  95  HOH HOH A . 
B 2 HOH 96  96  96  HOH HOH A . 
B 2 HOH 97  97  97  HOH HOH A . 
B 2 HOH 98  98  98  HOH HOH A . 
B 2 HOH 99  99  99  HOH HOH A . 
B 2 HOH 100 100 100 HOH HOH A . 
B 2 HOH 101 101 101 HOH HOH A . 
B 2 HOH 102 102 102 HOH HOH A . 
B 2 HOH 103 103 103 HOH HOH A . 
B 2 HOH 104 104 104 HOH HOH A . 
B 2 HOH 105 105 105 HOH HOH A . 
B 2 HOH 106 106 106 HOH HOH A . 
B 2 HOH 107 107 107 HOH HOH A . 
B 2 HOH 108 108 108 HOH HOH A . 
B 2 HOH 109 109 109 HOH HOH A . 
B 2 HOH 110 110 110 HOH HOH A . 
B 2 HOH 111 111 111 HOH HOH A . 
B 2 HOH 112 112 112 HOH HOH A . 
B 2 HOH 113 113 113 HOH HOH A . 
B 2 HOH 114 114 114 HOH HOH A . 
B 2 HOH 115 115 115 HOH HOH A . 
B 2 HOH 116 116 116 HOH HOH A . 
B 2 HOH 117 117 117 HOH HOH A . 
B 2 HOH 118 118 118 HOH HOH A . 
B 2 HOH 119 119 119 HOH HOH A . 
B 2 HOH 120 120 120 HOH HOH A . 
B 2 HOH 121 121 121 HOH HOH A . 
B 2 HOH 122 122 122 HOH HOH A . 
B 2 HOH 123 123 123 HOH HOH A . 
B 2 HOH 124 124 124 HOH HOH A . 
B 2 HOH 125 125 125 HOH HOH A . 
B 2 HOH 126 126 126 HOH HOH A . 
B 2 HOH 127 127 127 HOH HOH A . 
B 2 HOH 128 128 128 HOH HOH A . 
B 2 HOH 129 129 129 HOH HOH A . 
B 2 HOH 130 130 130 HOH HOH A . 
B 2 HOH 131 131 131 HOH HOH A . 
B 2 HOH 132 132 132 HOH HOH A . 
B 2 HOH 133 133 133 HOH HOH A . 
B 2 HOH 134 134 134 HOH HOH A . 
B 2 HOH 135 135 135 HOH HOH A . 
B 2 HOH 136 136 136 HOH HOH A . 
B 2 HOH 137 137 137 HOH HOH A . 
B 2 HOH 138 138 138 HOH HOH A . 
B 2 HOH 139 139 139 HOH HOH A . 
B 2 HOH 140 140 140 HOH HOH A . 
B 2 HOH 141 141 141 HOH HOH A . 
B 2 HOH 142 142 142 HOH HOH A . 
B 2 HOH 143 143 143 HOH HOH A . 
# 
loop_
_pdbx_unobs_or_zero_occ_atoms.id 
_pdbx_unobs_or_zero_occ_atoms.PDB_model_num 
_pdbx_unobs_or_zero_occ_atoms.polymer_flag 
_pdbx_unobs_or_zero_occ_atoms.occupancy_flag 
_pdbx_unobs_or_zero_occ_atoms.auth_asym_id 
_pdbx_unobs_or_zero_occ_atoms.auth_comp_id 
_pdbx_unobs_or_zero_occ_atoms.auth_seq_id 
_pdbx_unobs_or_zero_occ_atoms.PDB_ins_code 
_pdbx_unobs_or_zero_occ_atoms.auth_atom_id 
_pdbx_unobs_or_zero_occ_atoms.label_alt_id 
_pdbx_unobs_or_zero_occ_atoms.label_asym_id 
_pdbx_unobs_or_zero_occ_atoms.label_comp_id 
_pdbx_unobs_or_zero_occ_atoms.label_seq_id 
_pdbx_unobs_or_zero_occ_atoms.label_atom_id 
1  1 Y 1 A ARG 176 ? NE  ? A ARG 29  NE  
2  1 Y 1 A ARG 176 ? CZ  ? A ARG 29  CZ  
3  1 Y 1 A ARG 176 ? NH1 ? A ARG 29  NH1 
4  1 Y 1 A ARG 176 ? NH2 ? A ARG 29  NH2 
5  1 Y 1 A ARG 178 ? CZ  ? A ARG 31  CZ  
6  1 Y 1 A ARG 178 ? NH1 ? A ARG 31  NH1 
7  1 Y 1 A ARG 178 ? NH2 ? A ARG 31  NH2 
8  1 Y 1 A ARG 221 ? CD  ? A ARG 74  CD  
9  1 Y 1 A ARG 221 ? NE  ? A ARG 74  NE  
10 1 Y 1 A ARG 221 ? CZ  ? A ARG 74  CZ  
11 1 Y 1 A ARG 221 ? NH1 ? A ARG 74  NH1 
12 1 Y 1 A ARG 221 ? NH2 ? A ARG 74  NH2 
13 1 Y 1 A GLU 281 ? CD  ? A GLU 134 CD  
14 1 Y 1 A GLU 281 ? OE1 ? A GLU 134 OE1 
15 1 Y 1 A GLU 281 ? OE2 ? A GLU 134 OE2 
# 
loop_
_software.name 
_software.version 
_software.date 
_software.type 
_software.contact_author 
_software.contact_author_email 
_software.classification 
_software.location 
_software.language 
_software.citation_id 
_software.pdbx_ordinal 
MolProbity  3beta29  ?                package 'D.C. & J.S. Richardson lab' molprobity@kinemage.biochem.duke.edu 'model building'  
http://kinemage.biochem.duke.edu/molprobity/                       ?          ? 1 
SHELX       .        ?                package 'George Sheldrick'           gsheldr@shelx.uni-ac.gwdg.de         phasing           
http://shelx.uni-ac.gwdg.de/SHELX/                                 Fortran_77 ? 2 
REFMAC      5.2.0005 ?                program 'Murshudov, G.N.'            ccp4@dl.ac.uk                        refinement        
http://www.ccp4.ac.uk/main.html                                    Fortran_77 ? 3 
XSCALE      .        ?                package 'Wolfgang Kabsch'            ?                                    'data scaling'    
http://www.mpimf-heidelberg.mpg.de/~kabsch/xds/xscale_program.html ?          ? 4 
PDB_EXTRACT 2.000    'April. 3, 2006' package PDB                          sw-help@rcsb.rutgers.edu             'data extraction' 
http://pdb.rutgers.edu/software/                                   C++        ? 5 
XDS         .        ?                ?       ?                            ?                                    'data reduction'  
?                                                                  ?          ? 6 
SHELXD      .        ?                ?       ?                            ?                                    phasing           
?                                                                  ?          ? 7 
autoSHARP   .        ?                ?       ?                            ?                                    phasing           
?                                                                  ?          ? 8 
# 
_cell.entry_id           2OA2 
_cell.length_a           68.610 
_cell.length_b           68.610 
_cell.length_c           60.106 
_cell.angle_alpha        90.000 
_cell.angle_beta         90.000 
_cell.angle_gamma        90.000 
_cell.pdbx_unique_axis   ? 
_cell.Z_PDB              8 
_cell.length_a_esd       ? 
_cell.length_b_esd       ? 
_cell.length_c_esd       ? 
_cell.angle_alpha_esd    ? 
_cell.angle_beta_esd     ? 
_cell.angle_gamma_esd    ? 
# 
_symmetry.entry_id                         2OA2 
_symmetry.Int_Tables_number                92 
_symmetry.space_group_name_H-M             'P 41 21 2' 
_symmetry.pdbx_full_space_group_name_H-M   ? 
_symmetry.cell_setting                     ? 
_symmetry.space_group_name_Hall            ? 
# 
_exptl.crystals_number   1 
_exptl.method            'X-RAY DIFFRACTION' 
_exptl.entry_id          2OA2 
# 
_exptl_crystal.id                    1 
_exptl_crystal.density_Matthews      2.06 
_exptl_crystal.density_meas          ? 
_exptl_crystal.density_percent_sol   40.20 
_exptl_crystal.description           ? 
_exptl_crystal.F_000                 ? 
_exptl_crystal.preparation           ? 
# 
_exptl_crystal_grow.crystal_id      1 
_exptl_crystal_grow.method          'VAPOR DIFFUSION, SITTING DROP, NANODROP' 
_exptl_crystal_grow.pH              6.0 
_exptl_crystal_grow.temp            277 
_exptl_crystal_grow.pdbx_details    '10.0% MPD, 0.1M MES pH 6.0, VAPOR DIFFUSION, SITTING DROP, NANODROP, temperature 277K' 
_exptl_crystal_grow.temp_details    ? 
_exptl_crystal_grow.pdbx_pH_range   . 
# 
_diffrn.id                     1 
_diffrn.ambient_temp           100 
_diffrn.ambient_temp_details   ? 
_diffrn.crystal_id             1 
# 
_diffrn_detector.diffrn_id              1 
_diffrn_detector.detector               CCD 
_diffrn_detector.type                   'MARMOSAIC 325 mm CCD' 
_diffrn_detector.details                'Flat mirror (vertical focusing)' 
_diffrn_detector.pdbx_collection_date   2006-11-19 
# 
_diffrn_radiation.diffrn_id                        1 
_diffrn_radiation.pdbx_monochromatic_or_laue_m_l   M 
_diffrn_radiation.monochromator                    'Single crystal Si(111) bent monochromator (horizontal focusing)' 
_diffrn_radiation.pdbx_diffrn_protocol             MAD 
_diffrn_radiation.wavelength_id                    1 
_diffrn_radiation.pdbx_scattering_type             x-ray 
# 
loop_
_diffrn_radiation_wavelength.id 
_diffrn_radiation_wavelength.wavelength 
_diffrn_radiation_wavelength.wt 
1 0.91837 1.0 
2 0.97971 1.0 
3 0.97925 1.0 
# 
_diffrn_source.diffrn_id                   1 
_diffrn_source.source                      SYNCHROTRON 
_diffrn_source.pdbx_synchrotron_beamline   BL11-1 
_diffrn_source.type                        'SSRL BEAMLINE BL11-1' 
_diffrn_source.pdbx_wavelength_list        '0.91837, 0.97971, 0.97925' 
_diffrn_source.pdbx_wavelength             ? 
_diffrn_source.pdbx_synchrotron_site       SSRL 
# 
_reflns.entry_id                     2OA2 
_reflns.d_resolution_high            1.410 
_reflns.d_resolution_low             48.507 
_reflns.number_obs                   26400 
_reflns.pdbx_Rmerge_I_obs            0.051 
_reflns.pdbx_netI_over_sigmaI        21.480 
_reflns.percent_possible_obs         91.500 
_reflns.B_iso_Wilson_estimate        23.109 
_reflns.observed_criterion_sigma_F   ? 
_reflns.observed_criterion_sigma_I   ? 
_reflns.number_all                   ? 
_reflns.pdbx_Rsym_value              ? 
_reflns.pdbx_redundancy              ? 
_reflns.R_free_details               ? 
_reflns.limit_h_max                  ? 
_reflns.limit_h_min                  ? 
_reflns.limit_k_max                  ? 
_reflns.limit_k_min                  ? 
_reflns.limit_l_max                  ? 
_reflns.limit_l_min                  ? 
_reflns.observed_criterion_F_max     ? 
_reflns.observed_criterion_F_min     ? 
_reflns.pdbx_chi_squared             ? 
_reflns.pdbx_scaling_rejects         ? 
_reflns.pdbx_ordinal                 1 
_reflns.pdbx_diffrn_id               1 
# 
loop_
_reflns_shell.d_res_high 
_reflns_shell.d_res_low 
_reflns_shell.number_measured_obs 
_reflns_shell.number_measured_all 
_reflns_shell.number_unique_obs 
_reflns_shell.Rmerge_I_obs 
_reflns_shell.meanI_over_sigI_obs 
_reflns_shell.pdbx_Rsym_value 
_reflns_shell.pdbx_chi_squared 
_reflns_shell.pdbx_redundancy 
_reflns_shell.percent_possible_obs 
_reflns_shell.number_unique_all 
_reflns_shell.percent_possible_all 
_reflns_shell.pdbx_ordinal 
_reflns_shell.pdbx_diffrn_id 
1.41 1.46 5654  ? ? 0.457 2.6  ? ? ? ? 1638 59.50 1 1 
1.46 1.52 8649  ? ? 0.388 3.3  ? ? ? ? 2091 73.40 2 1 
1.52 1.59 12084 ? ? 0.301 5.0  ? ? ? ? 2409 86.20 3 1 
1.59 1.67 17096 ? ? 0.247 7.2  ? ? ? ? 2600 97.70 4 1 
1.67 1.78 20665 ? ? 0.183 10.0 ? ? ? ? 2894 99.00 5 1 
1.78 1.91 22357 ? ? 0.121 15.0 ? ? ? ? 2636 99.00 6 1 
1.91 2.11 32410 ? ? 0.084 24.2 ? ? ? ? 2927 99.70 7 1 
2.11 2.41 38854 ? ? 0.065 34.0 ? ? ? ? 2783 99.80 8 1 
2.41 ?    40047 ? ? 0.051 42.8 ? ? ? ? 2865 99.90 9 1 
# 
_refine.entry_id                                 2OA2 
_refine.ls_d_res_high                            1.410 
_refine.ls_d_res_low                             48.507 
_refine.pdbx_ls_sigma_F                          0.00 
_refine.ls_percent_reflns_obs                    93.470 
_refine.ls_number_reflns_obs                     26355 
_refine.pdbx_ls_cross_valid_method               THROUGHOUT 
_refine.pdbx_R_Free_selection_details            RANDOM 
_refine.details                                  
;1. HYDROGENS HAVE BEEN ADDED IN THE RIDING POSITIONS. 2. ATOM RECORD CONTAINS RESIDUAL B FACTORS ONLY. 3. A MET-INHIBITION PROTOCOL WAS USED FOR SELENOMETHIONINE INCORPORATION DURING PROTEIN EXPRESSION.  THE OCCUPANCY OF THE SE ATOMS IN THE MSE RESIDUES WAS REDUCED TO 0.75 FOR THE REDUCED SCATTERING POWER DUE TO PARTIAL S-MET INCORPORATION. 4. RESIDUES 149-157 AND 290-295 ARE DISORDERED AND WERE NOT MODELED.
;
_refine.ls_R_factor_all                          ? 
_refine.ls_R_factor_R_work                       0.165 
_refine.ls_R_factor_R_free                       0.189 
_refine.ls_percent_reflns_R_free                 5.000 
_refine.ls_number_reflns_R_free                  1314 
_refine.B_iso_mean                               19.041 
_refine.aniso_B[1][1]                            -0.850 
_refine.aniso_B[2][2]                            -0.850 
_refine.aniso_B[3][3]                            1.690 
_refine.aniso_B[1][2]                            0.000 
_refine.aniso_B[1][3]                            0.000 
_refine.aniso_B[2][3]                            0.000 
_refine.correlation_coeff_Fo_to_Fc               0.973 
_refine.correlation_coeff_Fo_to_Fc_free          0.966 
_refine.pdbx_overall_ESU_R                       0.061 
_refine.pdbx_overall_ESU_R_Free                  0.062 
_refine.overall_SU_ML                            0.049 
_refine.overall_SU_B                             2.766 
_refine.solvent_model_details                    MASK 
_refine.pdbx_solvent_vdw_probe_radii             1.200 
_refine.pdbx_solvent_ion_probe_radii             0.800 
_refine.pdbx_solvent_shrinkage_radii             0.800 
_refine.pdbx_method_to_determine_struct          MAD 
_refine.pdbx_stereochemistry_target_values       'MAXIMUM LIKELIHOOD WITH PHASES' 
_refine.pdbx_ls_sigma_I                          ? 
_refine.ls_number_reflns_all                     ? 
_refine.ls_R_factor_obs                          0.166 
_refine.ls_redundancy_reflns_obs                 ? 
_refine.pdbx_data_cutoff_high_absF               ? 
_refine.pdbx_data_cutoff_low_absF                ? 
_refine.ls_number_parameters                     ? 
_refine.ls_number_restraints                     ? 
_refine.ls_R_factor_R_free_error                 ? 
_refine.ls_R_factor_R_free_error_details         ? 
_refine.pdbx_starting_model                      ? 
_refine.pdbx_stereochem_target_val_spec_case     ? 
_refine.solvent_model_param_bsol                 ? 
_refine.solvent_model_param_ksol                 ? 
_refine.occupancy_max                            ? 
_refine.occupancy_min                            ? 
_refine.pdbx_isotropic_thermal_model             ? 
_refine.B_iso_min                                ? 
_refine.B_iso_max                                ? 
_refine.overall_SU_R_Cruickshank_DPI             ? 
_refine.overall_SU_R_free                        ? 
_refine.pdbx_data_cutoff_high_rms_absF           ? 
_refine.ls_wR_factor_R_free                      ? 
_refine.ls_wR_factor_R_work                      ? 
_refine.overall_FOM_free_R_set                   ? 
_refine.overall_FOM_work_R_set                   ? 
_refine.pdbx_refine_id                           'X-RAY DIFFRACTION' 
_refine.pdbx_TLS_residual_ADP_flag               'LIKELY RESIDUAL' 
_refine.pdbx_diffrn_id                           1 
_refine.pdbx_overall_phase_error                 ? 
_refine.pdbx_overall_SU_R_free_Cruickshank_DPI   ? 
_refine.pdbx_overall_SU_R_Blow_DPI               ? 
_refine.pdbx_overall_SU_R_free_Blow_DPI          ? 
# 
_refine_hist.pdbx_refine_id                   'X-RAY DIFFRACTION' 
_refine_hist.cycle_id                         LAST 
_refine_hist.pdbx_number_atoms_protein        1052 
_refine_hist.pdbx_number_atoms_nucleic_acid   0 
_refine_hist.pdbx_number_atoms_ligand         0 
_refine_hist.number_atoms_solvent             143 
_refine_hist.number_atoms_total               1195 
_refine_hist.d_res_high                       1.410 
_refine_hist.d_res_low                        48.507 
# 
loop_
_refine_ls_restr.type 
_refine_ls_restr.number 
_refine_ls_restr.dev_ideal 
_refine_ls_restr.dev_ideal_target 
_refine_ls_restr.weight 
_refine_ls_restr.pdbx_refine_id 
_refine_ls_restr.pdbx_restraint_function 
r_bond_refined_d         1157 0.017  0.021  ? 'X-RAY DIFFRACTION' ? 
r_bond_other_d           1046 0.001  0.020  ? 'X-RAY DIFFRACTION' ? 
r_angle_refined_deg      1593 1.709  1.928  ? 'X-RAY DIFFRACTION' ? 
r_angle_other_deg        2440 0.823  3.000  ? 'X-RAY DIFFRACTION' ? 
r_dihedral_angle_1_deg   154  6.165  5.000  ? 'X-RAY DIFFRACTION' ? 
r_dihedral_angle_2_deg   61   35.417 23.934 ? 'X-RAY DIFFRACTION' ? 
r_dihedral_angle_3_deg   193  12.415 15.000 ? 'X-RAY DIFFRACTION' ? 
r_dihedral_angle_4_deg   8    20.268 15.000 ? 'X-RAY DIFFRACTION' ? 
r_chiral_restr           175  0.101  0.200  ? 'X-RAY DIFFRACTION' ? 
r_gen_planes_refined     1322 0.008  0.020  ? 'X-RAY DIFFRACTION' ? 
r_gen_planes_other       236  0.001  0.020  ? 'X-RAY DIFFRACTION' ? 
r_nbd_refined            195  0.198  0.200  ? 'X-RAY DIFFRACTION' ? 
r_nbd_other              1028 0.186  0.200  ? 'X-RAY DIFFRACTION' ? 
r_nbtor_refined          523  0.175  0.200  ? 'X-RAY DIFFRACTION' ? 
r_nbtor_other            699  0.088  0.200  ? 'X-RAY DIFFRACTION' ? 
r_xyhbond_nbd_refined    97   0.162  0.200  ? 'X-RAY DIFFRACTION' ? 
r_symmetry_vdw_refined   3    0.058  0.200  ? 'X-RAY DIFFRACTION' ? 
r_symmetry_vdw_other     57   0.278  0.200  ? 'X-RAY DIFFRACTION' ? 
r_symmetry_hbond_refined 30   0.141  0.200  ? 'X-RAY DIFFRACTION' ? 
r_mcbond_it              739  2.006  3.000  ? 'X-RAY DIFFRACTION' ? 
r_mcbond_other           280  0.500  3.000  ? 'X-RAY DIFFRACTION' ? 
r_mcangle_it             1139 2.666  5.000  ? 'X-RAY DIFFRACTION' ? 
r_scbond_it              497  4.168  8.000  ? 'X-RAY DIFFRACTION' ? 
r_scangle_it             442  5.485  11.000 ? 'X-RAY DIFFRACTION' ? 
# 
_refine_ls_shell.d_res_high                       1.411 
_refine_ls_shell.d_res_low                        1.448 
_refine_ls_shell.pdbx_total_number_of_bins_used   20 
_refine_ls_shell.percent_reflns_obs               64.790 
_refine_ls_shell.number_reflns_R_work             1263 
_refine_ls_shell.R_factor_all                     ? 
_refine_ls_shell.R_factor_R_work                  0.328 
_refine_ls_shell.R_factor_R_free                  0.312 
_refine_ls_shell.percent_reflns_R_free            ? 
_refine_ls_shell.number_reflns_R_free             71 
_refine_ls_shell.R_factor_R_free_error            ? 
_refine_ls_shell.number_reflns_all                ? 
_refine_ls_shell.number_reflns_obs                1334 
_refine_ls_shell.redundancy_reflns_obs            ? 
_refine_ls_shell.pdbx_refine_id                   'X-RAY DIFFRACTION' 
# 
_struct.entry_id                  2OA2 
_struct.title                     'Crystal structure of BH2720 (10175341) from Bacillus halodurans at 1.41 A resolution' 
_struct.pdbx_model_details        ? 
_struct.pdbx_CASP_flag            ? 
_struct.pdbx_model_type_details   ? 
# 
_struct_keywords.text            
;10175341, BH2720, Structural Genomics, Joint Center for Structural Genomics, JCSG, Protein Structure Initiative, PSI-2, UNKNOWN FUNCTION
;
_struct_keywords.pdbx_keywords   'STRUCTURAL GENOMICS, UNKNOWN FUNCTION' 
_struct_keywords.entry_id        2OA2 
# 
loop_
_struct_asym.id 
_struct_asym.pdbx_blank_PDB_chainid_flag 
_struct_asym.pdbx_modified 
_struct_asym.entity_id 
_struct_asym.details 
A N N 1 ? 
B N N 2 ? 
# 
_struct_ref.id                         1 
_struct_ref.db_name                    UNP 
_struct_ref.db_code                    Q9K9C9_BACHD 
_struct_ref.pdbx_db_accession          Q9K9C9 
_struct_ref.entity_id                  1 
_struct_ref.pdbx_seq_one_letter_code   
;SLHEEADHRVTDHGPRPFVVNIEDETKRNRAFRRALWTGDHLQVTLMSIQVGEDIGLEIHPHLDQFLRVEEGRGLVQMGH
RQDNLHFQEEVFDDYAILIPAGTWHNVRNTGNRPLKLYSIYAPPQHPHGTVHETKAIAMAAEEHHHL
;
_struct_ref.pdbx_align_begin           149 
_struct_ref.pdbx_db_isoform            ? 
# 
_struct_ref_seq.align_id                      1 
_struct_ref_seq.ref_id                        1 
_struct_ref_seq.pdbx_PDB_id_code              2OA2 
_struct_ref_seq.pdbx_strand_id                A 
_struct_ref_seq.seq_align_beg                 2 
_struct_ref_seq.pdbx_seq_align_beg_ins_code   ? 
_struct_ref_seq.seq_align_end                 148 
_struct_ref_seq.pdbx_seq_align_end_ins_code   ? 
_struct_ref_seq.pdbx_db_accession             Q9K9C9 
_struct_ref_seq.db_align_beg                  149 
_struct_ref_seq.pdbx_db_align_beg_ins_code    ? 
_struct_ref_seq.db_align_end                  295 
_struct_ref_seq.pdbx_db_align_end_ins_code    ? 
_struct_ref_seq.pdbx_auth_seq_align_beg       149 
_struct_ref_seq.pdbx_auth_seq_align_end       295 
# 
loop_
_struct_ref_seq_dif.align_id 
_struct_ref_seq_dif.pdbx_pdb_id_code 
_struct_ref_seq_dif.mon_id 
_struct_ref_seq_dif.pdbx_pdb_strand_id 
_struct_ref_seq_dif.seq_num 
_struct_ref_seq_dif.pdbx_pdb_ins_code 
_struct_ref_seq_dif.pdbx_seq_db_name 
_struct_ref_seq_dif.pdbx_seq_db_accession_code 
_struct_ref_seq_dif.db_mon_id 
_struct_ref_seq_dif.pdbx_seq_db_seq_num 
_struct_ref_seq_dif.details 
_struct_ref_seq_dif.pdbx_auth_seq_num 
_struct_ref_seq_dif.pdbx_ordinal 
1 2OA2 GLY A 1   ? UNP Q9K9C9 ?   ?   'expression tag'   148 1 
1 2OA2 MSE A 48  ? UNP Q9K9C9 MET 195 'modified residue' 195 2 
1 2OA2 MSE A 79  ? UNP Q9K9C9 MET 226 'modified residue' 226 3 
1 2OA2 MSE A 140 ? UNP Q9K9C9 MET 287 'modified residue' 287 4 
# 
_pdbx_struct_assembly.id                   1 
_pdbx_struct_assembly.details              author_and_software_defined_assembly 
_pdbx_struct_assembly.method_details       PISA,PQS 
_pdbx_struct_assembly.oligomeric_details   dimeric 
_pdbx_struct_assembly.oligomeric_count     2 
# 
loop_
_pdbx_struct_assembly_prop.biol_id 
_pdbx_struct_assembly_prop.type 
_pdbx_struct_assembly_prop.value 
_pdbx_struct_assembly_prop.details 
1 'ABSA (A^2)' 2970  ? 
1 MORE         -25   ? 
1 'SSA (A^2)'  11120 ? 
# 
_pdbx_struct_assembly_gen.assembly_id       1 
_pdbx_struct_assembly_gen.oper_expression   1,2 
_pdbx_struct_assembly_gen.asym_id_list      A,B 
# 
loop_
_pdbx_struct_assembly_auth_evidence.id 
_pdbx_struct_assembly_auth_evidence.assembly_id 
_pdbx_struct_assembly_auth_evidence.experimental_support 
_pdbx_struct_assembly_auth_evidence.details 
1 1 'gel filtration'   ? 
2 1 'light scattering' ? 
# 
loop_
_pdbx_struct_oper_list.id 
_pdbx_struct_oper_list.type 
_pdbx_struct_oper_list.name 
_pdbx_struct_oper_list.symmetry_operation 
_pdbx_struct_oper_list.matrix[1][1] 
_pdbx_struct_oper_list.matrix[1][2] 
_pdbx_struct_oper_list.matrix[1][3] 
_pdbx_struct_oper_list.vector[1] 
_pdbx_struct_oper_list.matrix[2][1] 
_pdbx_struct_oper_list.matrix[2][2] 
_pdbx_struct_oper_list.matrix[2][3] 
_pdbx_struct_oper_list.vector[2] 
_pdbx_struct_oper_list.matrix[3][1] 
_pdbx_struct_oper_list.matrix[3][2] 
_pdbx_struct_oper_list.matrix[3][3] 
_pdbx_struct_oper_list.vector[3] 
1 'identity operation'         1_555 x,y,z    1.0000000000  0.0000000000 0.0000000000 0.0000000000   0.0000000000 1.0000000000  0.0000000000 0.0000000000   0.0000000000 0.0000000000 1.0000000000 0.0000000000 
2 'crystal symmetry operation' 7_556 y,x,-z+1 -0.9941220329 0.0083535974 0.1079425821 -14.0030118250 0.0083535974 -0.9881281082 0.1534048863 -16.2636769508 0.1079425821 0.1534048863 0.9822501412 2.0211620548 
# 
_struct_biol.id                    1 
_struct_biol.details               
;SIZE EXCLUSION CHROMATOGRAPHY WITH STATIC LIGHT
SCATTERING SUPPORTS THE ASSIGNMENT OF A DIMER AS A
BIOLOGICALLY SIGNIFICANT OLIGOMERIZATION STATE.
;
_struct_biol.pdbx_parent_biol_id   ? 
# 
loop_
_struct_conf.conf_type_id 
_struct_conf.id 
_struct_conf.pdbx_PDB_helix_id 
_struct_conf.beg_label_comp_id 
_struct_conf.beg_label_asym_id 
_struct_conf.beg_label_seq_id 
_struct_conf.pdbx_beg_PDB_ins_code 
_struct_conf.end_label_comp_id 
_struct_conf.end_label_asym_id 
_struct_conf.end_label_seq_id 
_struct_conf.pdbx_end_PDB_ins_code 
_struct_conf.beg_auth_comp_id 
_struct_conf.beg_auth_asym_id 
_struct_conf.beg_auth_seq_id 
_struct_conf.end_auth_comp_id 
_struct_conf.end_auth_asym_id 
_struct_conf.end_auth_seq_id 
_struct_conf.pdbx_PDB_helix_class 
_struct_conf.details 
_struct_conf.pdbx_PDB_helix_length 
HELX_P HELX_P1 1 ASN A 22  ? ASN A 30  ? ASN A 169 ASN A 177 1 ? 9 
HELX_P HELX_P2 2 THR A 135 ? ALA A 142 ? THR A 282 ALA A 289 1 ? 8 
# 
_struct_conf_type.id          HELX_P 
_struct_conf_type.criteria    ? 
_struct_conf_type.reference   ? 
# 
loop_
_struct_conn.id 
_struct_conn.conn_type_id 
_struct_conn.pdbx_leaving_atom_flag 
_struct_conn.pdbx_PDB_id 
_struct_conn.ptnr1_label_asym_id 
_struct_conn.ptnr1_label_comp_id 
_struct_conn.ptnr1_label_seq_id 
_struct_conn.ptnr1_label_atom_id 
_struct_conn.pdbx_ptnr1_label_alt_id 
_struct_conn.pdbx_ptnr1_PDB_ins_code 
_struct_conn.pdbx_ptnr1_standard_comp_id 
_struct_conn.ptnr1_symmetry 
_struct_conn.ptnr2_label_asym_id 
_struct_conn.ptnr2_label_comp_id 
_struct_conn.ptnr2_label_seq_id 
_struct_conn.ptnr2_label_atom_id 
_struct_conn.pdbx_ptnr2_label_alt_id 
_struct_conn.pdbx_ptnr2_PDB_ins_code 
_struct_conn.ptnr1_auth_asym_id 
_struct_conn.ptnr1_auth_comp_id 
_struct_conn.ptnr1_auth_seq_id 
_struct_conn.ptnr2_auth_asym_id 
_struct_conn.ptnr2_auth_comp_id 
_struct_conn.ptnr2_auth_seq_id 
_struct_conn.ptnr2_symmetry 
_struct_conn.pdbx_ptnr3_label_atom_id 
_struct_conn.pdbx_ptnr3_label_seq_id 
_struct_conn.pdbx_ptnr3_label_comp_id 
_struct_conn.pdbx_ptnr3_label_asym_id 
_struct_conn.pdbx_ptnr3_label_alt_id 
_struct_conn.pdbx_ptnr3_PDB_ins_code 
_struct_conn.details 
_struct_conn.pdbx_dist_value 
_struct_conn.pdbx_value_order 
_struct_conn.pdbx_role 
covale1 covale both ? A LEU 47  C ? ? ? 1_555 A MSE 48  N ? ? A LEU 194 A MSE 195 1_555 ? ? ? ? ? ? ? 1.336 ? ? 
covale2 covale both ? A MSE 48  C ? ? ? 1_555 A SER 49  N ? ? A MSE 195 A SER 196 1_555 ? ? ? ? ? ? ? 1.324 ? ? 
covale3 covale both ? A GLN 78  C ? ? ? 1_555 A MSE 79  N ? ? A GLN 225 A MSE 226 1_555 ? ? ? ? ? ? ? 1.355 ? ? 
covale4 covale both ? A MSE 79  C ? ? ? 1_555 A GLY 80  N ? ? A MSE 226 A GLY 227 1_555 ? ? ? ? ? ? ? 1.299 ? ? 
covale5 covale both ? A ALA 139 C ? ? ? 1_555 A MSE 140 N ? ? A ALA 286 A MSE 287 1_555 ? ? ? ? ? ? ? 1.325 ? ? 
covale6 covale both ? A MSE 140 C ? ? ? 1_555 A ALA 141 N ? ? A MSE 287 A ALA 288 1_555 ? ? ? ? ? ? ? 1.331 ? ? 
# 
_struct_conn_type.id          covale 
_struct_conn_type.criteria    ? 
_struct_conn_type.reference   ? 
# 
loop_
_pdbx_modification_feature.ordinal 
_pdbx_modification_feature.label_comp_id 
_pdbx_modification_feature.label_asym_id 
_pdbx_modification_feature.label_seq_id 
_pdbx_modification_feature.label_alt_id 
_pdbx_modification_feature.modified_residue_label_comp_id 
_pdbx_modification_feature.modified_residue_label_asym_id 
_pdbx_modification_feature.modified_residue_label_seq_id 
_pdbx_modification_feature.modified_residue_label_alt_id 
_pdbx_modification_feature.auth_comp_id 
_pdbx_modification_feature.auth_asym_id 
_pdbx_modification_feature.auth_seq_id 
_pdbx_modification_feature.PDB_ins_code 
_pdbx_modification_feature.symmetry 
_pdbx_modification_feature.modified_residue_auth_comp_id 
_pdbx_modification_feature.modified_residue_auth_asym_id 
_pdbx_modification_feature.modified_residue_auth_seq_id 
_pdbx_modification_feature.modified_residue_PDB_ins_code 
_pdbx_modification_feature.modified_residue_symmetry 
_pdbx_modification_feature.comp_id_linking_atom 
_pdbx_modification_feature.modified_residue_id_linking_atom 
_pdbx_modification_feature.modified_residue_id 
_pdbx_modification_feature.ref_pcm_id 
_pdbx_modification_feature.ref_comp_id 
_pdbx_modification_feature.type 
_pdbx_modification_feature.category 
1 MSE A 48  ? . . . . MSE A 195 ? 1_555 . . . . . . . MET 1 MSE Selenomethionine 'Named protein modification' 
2 MSE A 79  ? . . . . MSE A 226 ? 1_555 . . . . . . . MET 1 MSE Selenomethionine 'Named protein modification' 
3 MSE A 140 ? . . . . MSE A 287 ? 1_555 . . . . . . . MET 1 MSE Selenomethionine 'Named protein modification' 
# 
loop_
_struct_mon_prot_cis.pdbx_id 
_struct_mon_prot_cis.label_comp_id 
_struct_mon_prot_cis.label_seq_id 
_struct_mon_prot_cis.label_asym_id 
_struct_mon_prot_cis.label_alt_id 
_struct_mon_prot_cis.pdbx_PDB_ins_code 
_struct_mon_prot_cis.auth_comp_id 
_struct_mon_prot_cis.auth_seq_id 
_struct_mon_prot_cis.auth_asym_id 
_struct_mon_prot_cis.pdbx_label_comp_id_2 
_struct_mon_prot_cis.pdbx_label_seq_id_2 
_struct_mon_prot_cis.pdbx_label_asym_id_2 
_struct_mon_prot_cis.pdbx_PDB_ins_code_2 
_struct_mon_prot_cis.pdbx_auth_comp_id_2 
_struct_mon_prot_cis.pdbx_auth_seq_id_2 
_struct_mon_prot_cis.pdbx_auth_asym_id_2 
_struct_mon_prot_cis.pdbx_PDB_model_num 
_struct_mon_prot_cis.pdbx_omega_angle 
1 GLY 15  A . ? GLY 162 A PRO 16  A ? PRO 163 A 1 -0.81  
2 ALA 123 A . ? ALA 270 A PRO 124 A ? PRO 271 A 1 -10.62 
# 
loop_
_struct_sheet.id 
_struct_sheet.type 
_struct_sheet.number_strands 
_struct_sheet.details 
A ? 6 ? 
B ? 3 ? 
# 
loop_
_struct_sheet_order.sheet_id 
_struct_sheet_order.range_id_1 
_struct_sheet_order.range_id_2 
_struct_sheet_order.offset 
_struct_sheet_order.sense 
A 1 2 ? anti-parallel 
A 2 3 ? anti-parallel 
A 3 4 ? anti-parallel 
A 4 5 ? anti-parallel 
A 5 6 ? anti-parallel 
B 1 2 ? anti-parallel 
B 2 3 ? anti-parallel 
# 
loop_
_struct_sheet_range.sheet_id 
_struct_sheet_range.id 
_struct_sheet_range.beg_label_comp_id 
_struct_sheet_range.beg_label_asym_id 
_struct_sheet_range.beg_label_seq_id 
_struct_sheet_range.pdbx_beg_PDB_ins_code 
_struct_sheet_range.end_label_comp_id 
_struct_sheet_range.end_label_asym_id 
_struct_sheet_range.end_label_seq_id 
_struct_sheet_range.pdbx_end_PDB_ins_code 
_struct_sheet_range.beg_auth_comp_id 
_struct_sheet_range.beg_auth_asym_id 
_struct_sheet_range.beg_auth_seq_id 
_struct_sheet_range.end_auth_comp_id 
_struct_sheet_range.end_auth_asym_id 
_struct_sheet_range.end_auth_seq_id 
A 1 ALA A 97  ? ILE A 100 ? ALA A 244 ILE A 247 
A 2 ASP A 65  ? GLU A 72  ? ASP A 212 GLU A 219 
A 3 LEU A 116 ? ALA A 123 ? LEU A 263 ALA A 270 
A 4 GLN A 44  ? ILE A 50  ? GLN A 191 ILE A 197 
A 5 ARG A 34  ? THR A 39  ? ARG A 181 THR A 186 
A 6 VAL A 132 ? HIS A 133 ? VAL A 279 HIS A 280 
B 1 PHE A 88  ? PHE A 93  ? PHE A 235 PHE A 240 
B 2 ARG A 74  ? GLY A 80  ? ARG A 221 GLY A 227 
B 3 TRP A 105 ? ASN A 110 ? TRP A 252 ASN A 257 
# 
loop_
_pdbx_struct_sheet_hbond.sheet_id 
_pdbx_struct_sheet_hbond.range_id_1 
_pdbx_struct_sheet_hbond.range_id_2 
_pdbx_struct_sheet_hbond.range_1_label_atom_id 
_pdbx_struct_sheet_hbond.range_1_label_comp_id 
_pdbx_struct_sheet_hbond.range_1_label_asym_id 
_pdbx_struct_sheet_hbond.range_1_label_seq_id 
_pdbx_struct_sheet_hbond.range_1_PDB_ins_code 
_pdbx_struct_sheet_hbond.range_1_auth_atom_id 
_pdbx_struct_sheet_hbond.range_1_auth_comp_id 
_pdbx_struct_sheet_hbond.range_1_auth_asym_id 
_pdbx_struct_sheet_hbond.range_1_auth_seq_id 
_pdbx_struct_sheet_hbond.range_2_label_atom_id 
_pdbx_struct_sheet_hbond.range_2_label_comp_id 
_pdbx_struct_sheet_hbond.range_2_label_asym_id 
_pdbx_struct_sheet_hbond.range_2_label_seq_id 
_pdbx_struct_sheet_hbond.range_2_PDB_ins_code 
_pdbx_struct_sheet_hbond.range_2_auth_atom_id 
_pdbx_struct_sheet_hbond.range_2_auth_comp_id 
_pdbx_struct_sheet_hbond.range_2_auth_asym_id 
_pdbx_struct_sheet_hbond.range_2_auth_seq_id 
A 1 2 O ILE A 100 ? O ILE A 247 N GLN A 66  ? N GLN A 213 
A 2 3 N PHE A 67  ? N PHE A 214 O ILE A 121 ? O ILE A 268 
A 3 4 O LEU A 118 ? O LEU A 265 N MSE A 48  ? N MSE A 195 
A 4 5 O VAL A 45  ? O VAL A 192 N TRP A 38  ? N TRP A 185 
A 5 6 N ARG A 34  ? N ARG A 181 O HIS A 133 ? O HIS A 280 
B 1 2 O GLU A 90  ? O GLU A 237 N VAL A 77  ? N VAL A 224 
B 2 3 N GLY A 80  ? N GLY A 227 O TRP A 105 ? O TRP A 252 
# 
_pdbx_entry_details.entry_id                   2OA2 
_pdbx_entry_details.compound_details           ? 
_pdbx_entry_details.source_details             ? 
_pdbx_entry_details.nonpolymer_details         ? 
_pdbx_entry_details.sequence_details           ? 
_pdbx_entry_details.has_ligand_of_interest     ? 
_pdbx_entry_details.has_protein_modification   Y 
# 
_pdbx_validate_rmsd_angle.id                         1 
_pdbx_validate_rmsd_angle.PDB_model_num              1 
_pdbx_validate_rmsd_angle.auth_atom_id_1             CB 
_pdbx_validate_rmsd_angle.auth_asym_id_1             A 
_pdbx_validate_rmsd_angle.auth_comp_id_1             ASP 
_pdbx_validate_rmsd_angle.auth_seq_id_1              241 
_pdbx_validate_rmsd_angle.PDB_ins_code_1             ? 
_pdbx_validate_rmsd_angle.label_alt_id_1             ? 
_pdbx_validate_rmsd_angle.auth_atom_id_2             CG 
_pdbx_validate_rmsd_angle.auth_asym_id_2             A 
_pdbx_validate_rmsd_angle.auth_comp_id_2             ASP 
_pdbx_validate_rmsd_angle.auth_seq_id_2              241 
_pdbx_validate_rmsd_angle.PDB_ins_code_2             ? 
_pdbx_validate_rmsd_angle.label_alt_id_2             ? 
_pdbx_validate_rmsd_angle.auth_atom_id_3             OD1 
_pdbx_validate_rmsd_angle.auth_asym_id_3             A 
_pdbx_validate_rmsd_angle.auth_comp_id_3             ASP 
_pdbx_validate_rmsd_angle.auth_seq_id_3              241 
_pdbx_validate_rmsd_angle.PDB_ins_code_3             ? 
_pdbx_validate_rmsd_angle.label_alt_id_3             ? 
_pdbx_validate_rmsd_angle.angle_value                125.78 
_pdbx_validate_rmsd_angle.angle_target_value         118.30 
_pdbx_validate_rmsd_angle.angle_deviation            7.48 
_pdbx_validate_rmsd_angle.angle_standard_deviation   0.90 
_pdbx_validate_rmsd_angle.linker_flag                N 
# 
loop_
_pdbx_validate_torsion.id 
_pdbx_validate_torsion.PDB_model_num 
_pdbx_validate_torsion.auth_comp_id 
_pdbx_validate_torsion.auth_asym_id 
_pdbx_validate_torsion.auth_seq_id 
_pdbx_validate_torsion.PDB_ins_code 
_pdbx_validate_torsion.label_alt_id 
_pdbx_validate_torsion.phi 
_pdbx_validate_torsion.psi 
1 1 PRO A 163 ? ? -99.49 39.97 
2 1 ASP A 242 ? ? 91.89  -7.93 
# 
_pdbx_SG_project.project_name          'PSI, Protein Structure Initiative' 
_pdbx_SG_project.full_name_of_center   'Joint Center for Structural Genomics' 
_pdbx_SG_project.id                    1 
_pdbx_SG_project.initial_of_center     JCSG 
# 
loop_
_pdbx_struct_mod_residue.id 
_pdbx_struct_mod_residue.label_asym_id 
_pdbx_struct_mod_residue.label_comp_id 
_pdbx_struct_mod_residue.label_seq_id 
_pdbx_struct_mod_residue.auth_asym_id 
_pdbx_struct_mod_residue.auth_comp_id 
_pdbx_struct_mod_residue.auth_seq_id 
_pdbx_struct_mod_residue.PDB_ins_code 
_pdbx_struct_mod_residue.parent_comp_id 
_pdbx_struct_mod_residue.details 
1 A MSE 48  A MSE 195 ? MET SELENOMETHIONINE 
2 A MSE 79  A MSE 226 ? MET SELENOMETHIONINE 
3 A MSE 140 A MSE 287 ? MET SELENOMETHIONINE 
# 
_pdbx_refine_tls.id               1 
_pdbx_refine_tls.details          ? 
_pdbx_refine_tls.method           refined 
_pdbx_refine_tls.origin_x         -0.3374 
_pdbx_refine_tls.origin_y         -0.0298 
_pdbx_refine_tls.origin_z         0.0163 
_pdbx_refine_tls.T[1][1]          -0.0263 
_pdbx_refine_tls.T[2][2]          -0.0282 
_pdbx_refine_tls.T[3][3]          -0.0683 
_pdbx_refine_tls.T[1][2]          0.0212 
_pdbx_refine_tls.T[1][3]          -0.0001 
_pdbx_refine_tls.T[2][3]          0.0095 
_pdbx_refine_tls.L[1][1]          1.5883 
_pdbx_refine_tls.L[2][2]          0.9655 
_pdbx_refine_tls.L[3][3]          0.8681 
_pdbx_refine_tls.L[1][2]          0.6068 
_pdbx_refine_tls.L[1][3]          -0.4671 
_pdbx_refine_tls.L[2][3]          -0.3865 
_pdbx_refine_tls.S[1][1]          0.1098 
_pdbx_refine_tls.S[2][2]          -0.0932 
_pdbx_refine_tls.S[3][3]          -0.0167 
_pdbx_refine_tls.S[1][2]          -0.0076 
_pdbx_refine_tls.S[1][3]          0.1610 
_pdbx_refine_tls.S[2][3]          -0.0386 
_pdbx_refine_tls.S[2][1]          0.0631 
_pdbx_refine_tls.S[3][1]          -0.1608 
_pdbx_refine_tls.S[3][2]          0.0661 
_pdbx_refine_tls.pdbx_refine_id   'X-RAY DIFFRACTION' 
# 
_pdbx_refine_tls_group.id                  1 
_pdbx_refine_tls_group.refine_tls_id       1 
_pdbx_refine_tls_group.beg_label_asym_id   A 
_pdbx_refine_tls_group.beg_label_seq_id    11 
_pdbx_refine_tls_group.end_label_asym_id   A 
_pdbx_refine_tls_group.end_label_seq_id    142 
_pdbx_refine_tls_group.selection           ALL 
_pdbx_refine_tls_group.beg_auth_asym_id    A 
_pdbx_refine_tls_group.beg_auth_seq_id     158 
_pdbx_refine_tls_group.end_auth_asym_id    A 
_pdbx_refine_tls_group.end_auth_seq_id     289 
_pdbx_refine_tls_group.pdbx_refine_id      'X-RAY DIFFRACTION' 
_pdbx_refine_tls_group.selection_details   ? 
# 
_phasing.method   MAD 
# 
loop_
_pdbx_database_remark.id 
_pdbx_database_remark.text 
300 
;BIOMOLECULE: 1
THIS ENTRY CONTAINS THE CRYSTALLOGRAPHIC ASYMMETRIC UNIT
WHICH CONSISTS OF 1 CHAIN(S). SEE REMARK 350 FOR
INFORMATION ON GENERATING THE BIOLOGICAL MOLECULE(S).
SIZE EXCLUSION CHROMATOGRAPHY WITH STATIC LIGHT
SCATTERING SUPPORTS THE ASSIGNMENT OF A DIMER AS A
BIOLOGICALLY SIGNIFICANT OLIGOMERIZATION STATE.
;
999 
;SEQUENCE
THE CONSTRUCT WAS EXPRESSED WITH A PURIFICATION
TAG MGSDKIHHHHHHENLYFQG.  THE TAG WAS REMOVED WITH TEV
PROTEASE LEAVING ONLY A GLYCINE, FOLLOWED BY THE
TARGET SEQUENCE. THE CONSTRUCT IS A TRUNCATION OF THE FULL
LENGTH PROTEIN, WITH ONLY RESIDUES 149-225 EXPRESSED.
;
# 
loop_
_pdbx_unobs_or_zero_occ_residues.id 
_pdbx_unobs_or_zero_occ_residues.PDB_model_num 
_pdbx_unobs_or_zero_occ_residues.polymer_flag 
_pdbx_unobs_or_zero_occ_residues.occupancy_flag 
_pdbx_unobs_or_zero_occ_residues.auth_asym_id 
_pdbx_unobs_or_zero_occ_residues.auth_comp_id 
_pdbx_unobs_or_zero_occ_residues.auth_seq_id 
_pdbx_unobs_or_zero_occ_residues.PDB_ins_code 
_pdbx_unobs_or_zero_occ_residues.label_asym_id 
_pdbx_unobs_or_zero_occ_residues.label_comp_id 
_pdbx_unobs_or_zero_occ_residues.label_seq_id 
1  1 Y 1 A GLY 148 ? A GLY 1   
2  1 Y 1 A SER 149 ? A SER 2   
3  1 Y 1 A LEU 150 ? A LEU 3   
4  1 Y 1 A HIS 151 ? A HIS 4   
5  1 Y 1 A GLU 152 ? A GLU 5   
6  1 Y 1 A GLU 153 ? A GLU 6   
7  1 Y 1 A ALA 154 ? A ALA 7   
8  1 Y 1 A ASP 155 ? A ASP 8   
9  1 Y 1 A HIS 156 ? A HIS 9   
10 1 Y 1 A ARG 157 ? A ARG 10  
11 1 Y 1 A GLU 290 ? A GLU 143 
12 1 Y 1 A GLU 291 ? A GLU 144 
13 1 Y 1 A HIS 292 ? A HIS 145 
14 1 Y 1 A HIS 293 ? A HIS 146 
15 1 Y 1 A HIS 294 ? A HIS 147 
16 1 Y 1 A LEU 295 ? A LEU 148 
# 
loop_
_chem_comp_atom.comp_id 
_chem_comp_atom.atom_id 
_chem_comp_atom.type_symbol 
_chem_comp_atom.pdbx_aromatic_flag 
_chem_comp_atom.pdbx_stereo_config 
_chem_comp_atom.pdbx_ordinal 
ALA N    N  N N 1   
ALA CA   C  N S 2   
ALA C    C  N N 3   
ALA O    O  N N 4   
ALA CB   C  N N 5   
ALA OXT  O  N N 6   
ALA H    H  N N 7   
ALA H2   H  N N 8   
ALA HA   H  N N 9   
ALA HB1  H  N N 10  
ALA HB2  H  N N 11  
ALA HB3  H  N N 12  
ALA HXT  H  N N 13  
ARG N    N  N N 14  
ARG CA   C  N S 15  
ARG C    C  N N 16  
ARG O    O  N N 17  
ARG CB   C  N N 18  
ARG CG   C  N N 19  
ARG CD   C  N N 20  
ARG NE   N  N N 21  
ARG CZ   C  N N 22  
ARG NH1  N  N N 23  
ARG NH2  N  N N 24  
ARG OXT  O  N N 25  
ARG H    H  N N 26  
ARG H2   H  N N 27  
ARG HA   H  N N 28  
ARG HB2  H  N N 29  
ARG HB3  H  N N 30  
ARG HG2  H  N N 31  
ARG HG3  H  N N 32  
ARG HD2  H  N N 33  
ARG HD3  H  N N 34  
ARG HE   H  N N 35  
ARG HH11 H  N N 36  
ARG HH12 H  N N 37  
ARG HH21 H  N N 38  
ARG HH22 H  N N 39  
ARG HXT  H  N N 40  
ASN N    N  N N 41  
ASN CA   C  N S 42  
ASN C    C  N N 43  
ASN O    O  N N 44  
ASN CB   C  N N 45  
ASN CG   C  N N 46  
ASN OD1  O  N N 47  
ASN ND2  N  N N 48  
ASN OXT  O  N N 49  
ASN H    H  N N 50  
ASN H2   H  N N 51  
ASN HA   H  N N 52  
ASN HB2  H  N N 53  
ASN HB3  H  N N 54  
ASN HD21 H  N N 55  
ASN HD22 H  N N 56  
ASN HXT  H  N N 57  
ASP N    N  N N 58  
ASP CA   C  N S 59  
ASP C    C  N N 60  
ASP O    O  N N 61  
ASP CB   C  N N 62  
ASP CG   C  N N 63  
ASP OD1  O  N N 64  
ASP OD2  O  N N 65  
ASP OXT  O  N N 66  
ASP H    H  N N 67  
ASP H2   H  N N 68  
ASP HA   H  N N 69  
ASP HB2  H  N N 70  
ASP HB3  H  N N 71  
ASP HD2  H  N N 72  
ASP HXT  H  N N 73  
GLN N    N  N N 74  
GLN CA   C  N S 75  
GLN C    C  N N 76  
GLN O    O  N N 77  
GLN CB   C  N N 78  
GLN CG   C  N N 79  
GLN CD   C  N N 80  
GLN OE1  O  N N 81  
GLN NE2  N  N N 82  
GLN OXT  O  N N 83  
GLN H    H  N N 84  
GLN H2   H  N N 85  
GLN HA   H  N N 86  
GLN HB2  H  N N 87  
GLN HB3  H  N N 88  
GLN HG2  H  N N 89  
GLN HG3  H  N N 90  
GLN HE21 H  N N 91  
GLN HE22 H  N N 92  
GLN HXT  H  N N 93  
GLU N    N  N N 94  
GLU CA   C  N S 95  
GLU C    C  N N 96  
GLU O    O  N N 97  
GLU CB   C  N N 98  
GLU CG   C  N N 99  
GLU CD   C  N N 100 
GLU OE1  O  N N 101 
GLU OE2  O  N N 102 
GLU OXT  O  N N 103 
GLU H    H  N N 104 
GLU H2   H  N N 105 
GLU HA   H  N N 106 
GLU HB2  H  N N 107 
GLU HB3  H  N N 108 
GLU HG2  H  N N 109 
GLU HG3  H  N N 110 
GLU HE2  H  N N 111 
GLU HXT  H  N N 112 
GLY N    N  N N 113 
GLY CA   C  N N 114 
GLY C    C  N N 115 
GLY O    O  N N 116 
GLY OXT  O  N N 117 
GLY H    H  N N 118 
GLY H2   H  N N 119 
GLY HA2  H  N N 120 
GLY HA3  H  N N 121 
GLY HXT  H  N N 122 
HIS N    N  N N 123 
HIS CA   C  N S 124 
HIS C    C  N N 125 
HIS O    O  N N 126 
HIS CB   C  N N 127 
HIS CG   C  Y N 128 
HIS ND1  N  Y N 129 
HIS CD2  C  Y N 130 
HIS CE1  C  Y N 131 
HIS NE2  N  Y N 132 
HIS OXT  O  N N 133 
HIS H    H  N N 134 
HIS H2   H  N N 135 
HIS HA   H  N N 136 
HIS HB2  H  N N 137 
HIS HB3  H  N N 138 
HIS HD1  H  N N 139 
HIS HD2  H  N N 140 
HIS HE1  H  N N 141 
HIS HE2  H  N N 142 
HIS HXT  H  N N 143 
HOH O    O  N N 144 
HOH H1   H  N N 145 
HOH H2   H  N N 146 
ILE N    N  N N 147 
ILE CA   C  N S 148 
ILE C    C  N N 149 
ILE O    O  N N 150 
ILE CB   C  N S 151 
ILE CG1  C  N N 152 
ILE CG2  C  N N 153 
ILE CD1  C  N N 154 
ILE OXT  O  N N 155 
ILE H    H  N N 156 
ILE H2   H  N N 157 
ILE HA   H  N N 158 
ILE HB   H  N N 159 
ILE HG12 H  N N 160 
ILE HG13 H  N N 161 
ILE HG21 H  N N 162 
ILE HG22 H  N N 163 
ILE HG23 H  N N 164 
ILE HD11 H  N N 165 
ILE HD12 H  N N 166 
ILE HD13 H  N N 167 
ILE HXT  H  N N 168 
LEU N    N  N N 169 
LEU CA   C  N S 170 
LEU C    C  N N 171 
LEU O    O  N N 172 
LEU CB   C  N N 173 
LEU CG   C  N N 174 
LEU CD1  C  N N 175 
LEU CD2  C  N N 176 
LEU OXT  O  N N 177 
LEU H    H  N N 178 
LEU H2   H  N N 179 
LEU HA   H  N N 180 
LEU HB2  H  N N 181 
LEU HB3  H  N N 182 
LEU HG   H  N N 183 
LEU HD11 H  N N 184 
LEU HD12 H  N N 185 
LEU HD13 H  N N 186 
LEU HD21 H  N N 187 
LEU HD22 H  N N 188 
LEU HD23 H  N N 189 
LEU HXT  H  N N 190 
LYS N    N  N N 191 
LYS CA   C  N S 192 
LYS C    C  N N 193 
LYS O    O  N N 194 
LYS CB   C  N N 195 
LYS CG   C  N N 196 
LYS CD   C  N N 197 
LYS CE   C  N N 198 
LYS NZ   N  N N 199 
LYS OXT  O  N N 200 
LYS H    H  N N 201 
LYS H2   H  N N 202 
LYS HA   H  N N 203 
LYS HB2  H  N N 204 
LYS HB3  H  N N 205 
LYS HG2  H  N N 206 
LYS HG3  H  N N 207 
LYS HD2  H  N N 208 
LYS HD3  H  N N 209 
LYS HE2  H  N N 210 
LYS HE3  H  N N 211 
LYS HZ1  H  N N 212 
LYS HZ2  H  N N 213 
LYS HZ3  H  N N 214 
LYS HXT  H  N N 215 
MET N    N  N N 216 
MET CA   C  N S 217 
MET C    C  N N 218 
MET O    O  N N 219 
MET CB   C  N N 220 
MET CG   C  N N 221 
MET SD   S  N N 222 
MET CE   C  N N 223 
MET OXT  O  N N 224 
MET H    H  N N 225 
MET H2   H  N N 226 
MET HA   H  N N 227 
MET HB2  H  N N 228 
MET HB3  H  N N 229 
MET HG2  H  N N 230 
MET HG3  H  N N 231 
MET HE1  H  N N 232 
MET HE2  H  N N 233 
MET HE3  H  N N 234 
MET HXT  H  N N 235 
MSE N    N  N N 236 
MSE CA   C  N S 237 
MSE C    C  N N 238 
MSE O    O  N N 239 
MSE OXT  O  N N 240 
MSE CB   C  N N 241 
MSE CG   C  N N 242 
MSE SE   SE N N 243 
MSE CE   C  N N 244 
MSE H    H  N N 245 
MSE H2   H  N N 246 
MSE HA   H  N N 247 
MSE HXT  H  N N 248 
MSE HB2  H  N N 249 
MSE HB3  H  N N 250 
MSE HG2  H  N N 251 
MSE HG3  H  N N 252 
MSE HE1  H  N N 253 
MSE HE2  H  N N 254 
MSE HE3  H  N N 255 
PHE N    N  N N 256 
PHE CA   C  N S 257 
PHE C    C  N N 258 
PHE O    O  N N 259 
PHE CB   C  N N 260 
PHE CG   C  Y N 261 
PHE CD1  C  Y N 262 
PHE CD2  C  Y N 263 
PHE CE1  C  Y N 264 
PHE CE2  C  Y N 265 
PHE CZ   C  Y N 266 
PHE OXT  O  N N 267 
PHE H    H  N N 268 
PHE H2   H  N N 269 
PHE HA   H  N N 270 
PHE HB2  H  N N 271 
PHE HB3  H  N N 272 
PHE HD1  H  N N 273 
PHE HD2  H  N N 274 
PHE HE1  H  N N 275 
PHE HE2  H  N N 276 
PHE HZ   H  N N 277 
PHE HXT  H  N N 278 
PRO N    N  N N 279 
PRO CA   C  N S 280 
PRO C    C  N N 281 
PRO O    O  N N 282 
PRO CB   C  N N 283 
PRO CG   C  N N 284 
PRO CD   C  N N 285 
PRO OXT  O  N N 286 
PRO H    H  N N 287 
PRO HA   H  N N 288 
PRO HB2  H  N N 289 
PRO HB3  H  N N 290 
PRO HG2  H  N N 291 
PRO HG3  H  N N 292 
PRO HD2  H  N N 293 
PRO HD3  H  N N 294 
PRO HXT  H  N N 295 
SER N    N  N N 296 
SER CA   C  N S 297 
SER C    C  N N 298 
SER O    O  N N 299 
SER CB   C  N N 300 
SER OG   O  N N 301 
SER OXT  O  N N 302 
SER H    H  N N 303 
SER H2   H  N N 304 
SER HA   H  N N 305 
SER HB2  H  N N 306 
SER HB3  H  N N 307 
SER HG   H  N N 308 
SER HXT  H  N N 309 
THR N    N  N N 310 
THR CA   C  N S 311 
THR C    C  N N 312 
THR O    O  N N 313 
THR CB   C  N R 314 
THR OG1  O  N N 315 
THR CG2  C  N N 316 
THR OXT  O  N N 317 
THR H    H  N N 318 
THR H2   H  N N 319 
THR HA   H  N N 320 
THR HB   H  N N 321 
THR HG1  H  N N 322 
THR HG21 H  N N 323 
THR HG22 H  N N 324 
THR HG23 H  N N 325 
THR HXT  H  N N 326 
TRP N    N  N N 327 
TRP CA   C  N S 328 
TRP C    C  N N 329 
TRP O    O  N N 330 
TRP CB   C  N N 331 
TRP CG   C  Y N 332 
TRP CD1  C  Y N 333 
TRP CD2  C  Y N 334 
TRP NE1  N  Y N 335 
TRP CE2  C  Y N 336 
TRP CE3  C  Y N 337 
TRP CZ2  C  Y N 338 
TRP CZ3  C  Y N 339 
TRP CH2  C  Y N 340 
TRP OXT  O  N N 341 
TRP H    H  N N 342 
TRP H2   H  N N 343 
TRP HA   H  N N 344 
TRP HB2  H  N N 345 
TRP HB3  H  N N 346 
TRP HD1  H  N N 347 
TRP HE1  H  N N 348 
TRP HE3  H  N N 349 
TRP HZ2  H  N N 350 
TRP HZ3  H  N N 351 
TRP HH2  H  N N 352 
TRP HXT  H  N N 353 
TYR N    N  N N 354 
TYR CA   C  N S 355 
TYR C    C  N N 356 
TYR O    O  N N 357 
TYR CB   C  N N 358 
TYR CG   C  Y N 359 
TYR CD1  C  Y N 360 
TYR CD2  C  Y N 361 
TYR CE1  C  Y N 362 
TYR CE2  C  Y N 363 
TYR CZ   C  Y N 364 
TYR OH   O  N N 365 
TYR OXT  O  N N 366 
TYR H    H  N N 367 
TYR H2   H  N N 368 
TYR HA   H  N N 369 
TYR HB2  H  N N 370 
TYR HB3  H  N N 371 
TYR HD1  H  N N 372 
TYR HD2  H  N N 373 
TYR HE1  H  N N 374 
TYR HE2  H  N N 375 
TYR HH   H  N N 376 
TYR HXT  H  N N 377 
VAL N    N  N N 378 
VAL CA   C  N S 379 
VAL C    C  N N 380 
VAL O    O  N N 381 
VAL CB   C  N N 382 
VAL CG1  C  N N 383 
VAL CG2  C  N N 384 
VAL OXT  O  N N 385 
VAL H    H  N N 386 
VAL H2   H  N N 387 
VAL HA   H  N N 388 
VAL HB   H  N N 389 
VAL HG11 H  N N 390 
VAL HG12 H  N N 391 
VAL HG13 H  N N 392 
VAL HG21 H  N N 393 
VAL HG22 H  N N 394 
VAL HG23 H  N N 395 
VAL HXT  H  N N 396 
# 
loop_
_chem_comp_bond.comp_id 
_chem_comp_bond.atom_id_1 
_chem_comp_bond.atom_id_2 
_chem_comp_bond.value_order 
_chem_comp_bond.pdbx_aromatic_flag 
_chem_comp_bond.pdbx_stereo_config 
_chem_comp_bond.pdbx_ordinal 
ALA N   CA   sing N N 1   
ALA N   H    sing N N 2   
ALA N   H2   sing N N 3   
ALA CA  C    sing N N 4   
ALA CA  CB   sing N N 5   
ALA CA  HA   sing N N 6   
ALA C   O    doub N N 7   
ALA C   OXT  sing N N 8   
ALA CB  HB1  sing N N 9   
ALA CB  HB2  sing N N 10  
ALA CB  HB3  sing N N 11  
ALA OXT HXT  sing N N 12  
ARG N   CA   sing N N 13  
ARG N   H    sing N N 14  
ARG N   H2   sing N N 15  
ARG CA  C    sing N N 16  
ARG CA  CB   sing N N 17  
ARG CA  HA   sing N N 18  
ARG C   O    doub N N 19  
ARG C   OXT  sing N N 20  
ARG CB  CG   sing N N 21  
ARG CB  HB2  sing N N 22  
ARG CB  HB3  sing N N 23  
ARG CG  CD   sing N N 24  
ARG CG  HG2  sing N N 25  
ARG CG  HG3  sing N N 26  
ARG CD  NE   sing N N 27  
ARG CD  HD2  sing N N 28  
ARG CD  HD3  sing N N 29  
ARG NE  CZ   sing N N 30  
ARG NE  HE   sing N N 31  
ARG CZ  NH1  sing N N 32  
ARG CZ  NH2  doub N N 33  
ARG NH1 HH11 sing N N 34  
ARG NH1 HH12 sing N N 35  
ARG NH2 HH21 sing N N 36  
ARG NH2 HH22 sing N N 37  
ARG OXT HXT  sing N N 38  
ASN N   CA   sing N N 39  
ASN N   H    sing N N 40  
ASN N   H2   sing N N 41  
ASN CA  C    sing N N 42  
ASN CA  CB   sing N N 43  
ASN CA  HA   sing N N 44  
ASN C   O    doub N N 45  
ASN C   OXT  sing N N 46  
ASN CB  CG   sing N N 47  
ASN CB  HB2  sing N N 48  
ASN CB  HB3  sing N N 49  
ASN CG  OD1  doub N N 50  
ASN CG  ND2  sing N N 51  
ASN ND2 HD21 sing N N 52  
ASN ND2 HD22 sing N N 53  
ASN OXT HXT  sing N N 54  
ASP N   CA   sing N N 55  
ASP N   H    sing N N 56  
ASP N   H2   sing N N 57  
ASP CA  C    sing N N 58  
ASP CA  CB   sing N N 59  
ASP CA  HA   sing N N 60  
ASP C   O    doub N N 61  
ASP C   OXT  sing N N 62  
ASP CB  CG   sing N N 63  
ASP CB  HB2  sing N N 64  
ASP CB  HB3  sing N N 65  
ASP CG  OD1  doub N N 66  
ASP CG  OD2  sing N N 67  
ASP OD2 HD2  sing N N 68  
ASP OXT HXT  sing N N 69  
GLN N   CA   sing N N 70  
GLN N   H    sing N N 71  
GLN N   H2   sing N N 72  
GLN CA  C    sing N N 73  
GLN CA  CB   sing N N 74  
GLN CA  HA   sing N N 75  
GLN C   O    doub N N 76  
GLN C   OXT  sing N N 77  
GLN CB  CG   sing N N 78  
GLN CB  HB2  sing N N 79  
GLN CB  HB3  sing N N 80  
GLN CG  CD   sing N N 81  
GLN CG  HG2  sing N N 82  
GLN CG  HG3  sing N N 83  
GLN CD  OE1  doub N N 84  
GLN CD  NE2  sing N N 85  
GLN NE2 HE21 sing N N 86  
GLN NE2 HE22 sing N N 87  
GLN OXT HXT  sing N N 88  
GLU N   CA   sing N N 89  
GLU N   H    sing N N 90  
GLU N   H2   sing N N 91  
GLU CA  C    sing N N 92  
GLU CA  CB   sing N N 93  
GLU CA  HA   sing N N 94  
GLU C   O    doub N N 95  
GLU C   OXT  sing N N 96  
GLU CB  CG   sing N N 97  
GLU CB  HB2  sing N N 98  
GLU CB  HB3  sing N N 99  
GLU CG  CD   sing N N 100 
GLU CG  HG2  sing N N 101 
GLU CG  HG3  sing N N 102 
GLU CD  OE1  doub N N 103 
GLU CD  OE2  sing N N 104 
GLU OE2 HE2  sing N N 105 
GLU OXT HXT  sing N N 106 
GLY N   CA   sing N N 107 
GLY N   H    sing N N 108 
GLY N   H2   sing N N 109 
GLY CA  C    sing N N 110 
GLY CA  HA2  sing N N 111 
GLY CA  HA3  sing N N 112 
GLY C   O    doub N N 113 
GLY C   OXT  sing N N 114 
GLY OXT HXT  sing N N 115 
HIS N   CA   sing N N 116 
HIS N   H    sing N N 117 
HIS N   H2   sing N N 118 
HIS CA  C    sing N N 119 
HIS CA  CB   sing N N 120 
HIS CA  HA   sing N N 121 
HIS C   O    doub N N 122 
HIS C   OXT  sing N N 123 
HIS CB  CG   sing N N 124 
HIS CB  HB2  sing N N 125 
HIS CB  HB3  sing N N 126 
HIS CG  ND1  sing Y N 127 
HIS CG  CD2  doub Y N 128 
HIS ND1 CE1  doub Y N 129 
HIS ND1 HD1  sing N N 130 
HIS CD2 NE2  sing Y N 131 
HIS CD2 HD2  sing N N 132 
HIS CE1 NE2  sing Y N 133 
HIS CE1 HE1  sing N N 134 
HIS NE2 HE2  sing N N 135 
HIS OXT HXT  sing N N 136 
HOH O   H1   sing N N 137 
HOH O   H2   sing N N 138 
ILE N   CA   sing N N 139 
ILE N   H    sing N N 140 
ILE N   H2   sing N N 141 
ILE CA  C    sing N N 142 
ILE CA  CB   sing N N 143 
ILE CA  HA   sing N N 144 
ILE C   O    doub N N 145 
ILE C   OXT  sing N N 146 
ILE CB  CG1  sing N N 147 
ILE CB  CG2  sing N N 148 
ILE CB  HB   sing N N 149 
ILE CG1 CD1  sing N N 150 
ILE CG1 HG12 sing N N 151 
ILE CG1 HG13 sing N N 152 
ILE CG2 HG21 sing N N 153 
ILE CG2 HG22 sing N N 154 
ILE CG2 HG23 sing N N 155 
ILE CD1 HD11 sing N N 156 
ILE CD1 HD12 sing N N 157 
ILE CD1 HD13 sing N N 158 
ILE OXT HXT  sing N N 159 
LEU N   CA   sing N N 160 
LEU N   H    sing N N 161 
LEU N   H2   sing N N 162 
LEU CA  C    sing N N 163 
LEU CA  CB   sing N N 164 
LEU CA  HA   sing N N 165 
LEU C   O    doub N N 166 
LEU C   OXT  sing N N 167 
LEU CB  CG   sing N N 168 
LEU CB  HB2  sing N N 169 
LEU CB  HB3  sing N N 170 
LEU CG  CD1  sing N N 171 
LEU CG  CD2  sing N N 172 
LEU CG  HG   sing N N 173 
LEU CD1 HD11 sing N N 174 
LEU CD1 HD12 sing N N 175 
LEU CD1 HD13 sing N N 176 
LEU CD2 HD21 sing N N 177 
LEU CD2 HD22 sing N N 178 
LEU CD2 HD23 sing N N 179 
LEU OXT HXT  sing N N 180 
LYS N   CA   sing N N 181 
LYS N   H    sing N N 182 
LYS N   H2   sing N N 183 
LYS CA  C    sing N N 184 
LYS CA  CB   sing N N 185 
LYS CA  HA   sing N N 186 
LYS C   O    doub N N 187 
LYS C   OXT  sing N N 188 
LYS CB  CG   sing N N 189 
LYS CB  HB2  sing N N 190 
LYS CB  HB3  sing N N 191 
LYS CG  CD   sing N N 192 
LYS CG  HG2  sing N N 193 
LYS CG  HG3  sing N N 194 
LYS CD  CE   sing N N 195 
LYS CD  HD2  sing N N 196 
LYS CD  HD3  sing N N 197 
LYS CE  NZ   sing N N 198 
LYS CE  HE2  sing N N 199 
LYS CE  HE3  sing N N 200 
LYS NZ  HZ1  sing N N 201 
LYS NZ  HZ2  sing N N 202 
LYS NZ  HZ3  sing N N 203 
LYS OXT HXT  sing N N 204 
MET N   CA   sing N N 205 
MET N   H    sing N N 206 
MET N   H2   sing N N 207 
MET CA  C    sing N N 208 
MET CA  CB   sing N N 209 
MET CA  HA   sing N N 210 
MET C   O    doub N N 211 
MET C   OXT  sing N N 212 
MET CB  CG   sing N N 213 
MET CB  HB2  sing N N 214 
MET CB  HB3  sing N N 215 
MET CG  SD   sing N N 216 
MET CG  HG2  sing N N 217 
MET CG  HG3  sing N N 218 
MET SD  CE   sing N N 219 
MET CE  HE1  sing N N 220 
MET CE  HE2  sing N N 221 
MET CE  HE3  sing N N 222 
MET OXT HXT  sing N N 223 
MSE N   CA   sing N N 224 
MSE N   H    sing N N 225 
MSE N   H2   sing N N 226 
MSE CA  C    sing N N 227 
MSE CA  CB   sing N N 228 
MSE CA  HA   sing N N 229 
MSE C   O    doub N N 230 
MSE C   OXT  sing N N 231 
MSE OXT HXT  sing N N 232 
MSE CB  CG   sing N N 233 
MSE CB  HB2  sing N N 234 
MSE CB  HB3  sing N N 235 
MSE CG  SE   sing N N 236 
MSE CG  HG2  sing N N 237 
MSE CG  HG3  sing N N 238 
MSE SE  CE   sing N N 239 
MSE CE  HE1  sing N N 240 
MSE CE  HE2  sing N N 241 
MSE CE  HE3  sing N N 242 
PHE N   CA   sing N N 243 
PHE N   H    sing N N 244 
PHE N   H2   sing N N 245 
PHE CA  C    sing N N 246 
PHE CA  CB   sing N N 247 
PHE CA  HA   sing N N 248 
PHE C   O    doub N N 249 
PHE C   OXT  sing N N 250 
PHE CB  CG   sing N N 251 
PHE CB  HB2  sing N N 252 
PHE CB  HB3  sing N N 253 
PHE CG  CD1  doub Y N 254 
PHE CG  CD2  sing Y N 255 
PHE CD1 CE1  sing Y N 256 
PHE CD1 HD1  sing N N 257 
PHE CD2 CE2  doub Y N 258 
PHE CD2 HD2  sing N N 259 
PHE CE1 CZ   doub Y N 260 
PHE CE1 HE1  sing N N 261 
PHE CE2 CZ   sing Y N 262 
PHE CE2 HE2  sing N N 263 
PHE CZ  HZ   sing N N 264 
PHE OXT HXT  sing N N 265 
PRO N   CA   sing N N 266 
PRO N   CD   sing N N 267 
PRO N   H    sing N N 268 
PRO CA  C    sing N N 269 
PRO CA  CB   sing N N 270 
PRO CA  HA   sing N N 271 
PRO C   O    doub N N 272 
PRO C   OXT  sing N N 273 
PRO CB  CG   sing N N 274 
PRO CB  HB2  sing N N 275 
PRO CB  HB3  sing N N 276 
PRO CG  CD   sing N N 277 
PRO CG  HG2  sing N N 278 
PRO CG  HG3  sing N N 279 
PRO CD  HD2  sing N N 280 
PRO CD  HD3  sing N N 281 
PRO OXT HXT  sing N N 282 
SER N   CA   sing N N 283 
SER N   H    sing N N 284 
SER N   H2   sing N N 285 
SER CA  C    sing N N 286 
SER CA  CB   sing N N 287 
SER CA  HA   sing N N 288 
SER C   O    doub N N 289 
SER C   OXT  sing N N 290 
SER CB  OG   sing N N 291 
SER CB  HB2  sing N N 292 
SER CB  HB3  sing N N 293 
SER OG  HG   sing N N 294 
SER OXT HXT  sing N N 295 
THR N   CA   sing N N 296 
THR N   H    sing N N 297 
THR N   H2   sing N N 298 
THR CA  C    sing N N 299 
THR CA  CB   sing N N 300 
THR CA  HA   sing N N 301 
THR C   O    doub N N 302 
THR C   OXT  sing N N 303 
THR CB  OG1  sing N N 304 
THR CB  CG2  sing N N 305 
THR CB  HB   sing N N 306 
THR OG1 HG1  sing N N 307 
THR CG2 HG21 sing N N 308 
THR CG2 HG22 sing N N 309 
THR CG2 HG23 sing N N 310 
THR OXT HXT  sing N N 311 
TRP N   CA   sing N N 312 
TRP N   H    sing N N 313 
TRP N   H2   sing N N 314 
TRP CA  C    sing N N 315 
TRP CA  CB   sing N N 316 
TRP CA  HA   sing N N 317 
TRP C   O    doub N N 318 
TRP C   OXT  sing N N 319 
TRP CB  CG   sing N N 320 
TRP CB  HB2  sing N N 321 
TRP CB  HB3  sing N N 322 
TRP CG  CD1  doub Y N 323 
TRP CG  CD2  sing Y N 324 
TRP CD1 NE1  sing Y N 325 
TRP CD1 HD1  sing N N 326 
TRP CD2 CE2  doub Y N 327 
TRP CD2 CE3  sing Y N 328 
TRP NE1 CE2  sing Y N 329 
TRP NE1 HE1  sing N N 330 
TRP CE2 CZ2  sing Y N 331 
TRP CE3 CZ3  doub Y N 332 
TRP CE3 HE3  sing N N 333 
TRP CZ2 CH2  doub Y N 334 
TRP CZ2 HZ2  sing N N 335 
TRP CZ3 CH2  sing Y N 336 
TRP CZ3 HZ3  sing N N 337 
TRP CH2 HH2  sing N N 338 
TRP OXT HXT  sing N N 339 
TYR N   CA   sing N N 340 
TYR N   H    sing N N 341 
TYR N   H2   sing N N 342 
TYR CA  C    sing N N 343 
TYR CA  CB   sing N N 344 
TYR CA  HA   sing N N 345 
TYR C   O    doub N N 346 
TYR C   OXT  sing N N 347 
TYR CB  CG   sing N N 348 
TYR CB  HB2  sing N N 349 
TYR CB  HB3  sing N N 350 
TYR CG  CD1  doub Y N 351 
TYR CG  CD2  sing Y N 352 
TYR CD1 CE1  sing Y N 353 
TYR CD1 HD1  sing N N 354 
TYR CD2 CE2  doub Y N 355 
TYR CD2 HD2  sing N N 356 
TYR CE1 CZ   doub Y N 357 
TYR CE1 HE1  sing N N 358 
TYR CE2 CZ   sing Y N 359 
TYR CE2 HE2  sing N N 360 
TYR CZ  OH   sing N N 361 
TYR OH  HH   sing N N 362 
TYR OXT HXT  sing N N 363 
VAL N   CA   sing N N 364 
VAL N   H    sing N N 365 
VAL N   H2   sing N N 366 
VAL CA  C    sing N N 367 
VAL CA  CB   sing N N 368 
VAL CA  HA   sing N N 369 
VAL C   O    doub N N 370 
VAL C   OXT  sing N N 371 
VAL CB  CG1  sing N N 372 
VAL CB  CG2  sing N N 373 
VAL CB  HB   sing N N 374 
VAL CG1 HG11 sing N N 375 
VAL CG1 HG12 sing N N 376 
VAL CG1 HG13 sing N N 377 
VAL CG2 HG21 sing N N 378 
VAL CG2 HG22 sing N N 379 
VAL CG2 HG23 sing N N 380 
VAL OXT HXT  sing N N 381 
# 
_atom_sites.entry_id                    2OA2 
_atom_sites.fract_transf_matrix[1][1]   0.00690599 
_atom_sites.fract_transf_matrix[1][2]   -0.00731627 
_atom_sites.fract_transf_matrix[1][3]   0.01053871 
_atom_sites.fract_transf_matrix[2][1]   -0.00578894 
_atom_sites.fract_transf_matrix[2][2]   0.00890379 
_atom_sites.fract_transf_matrix[2][3]   0.00997475 
_atom_sites.fract_transf_matrix[3][1]   -0.01307563 
_atom_sites.fract_transf_matrix[3][2]   -0.01018173 
_atom_sites.fract_transf_matrix[3][3]   0.00149998 
_atom_sites.fract_transf_vector[1]      0.314523 
_atom_sites.fract_transf_vector[2]      0.358109 
_atom_sites.fract_transf_vector[3]      0.324221 
# 
loop_
_atom_type.symbol 
C  
N  
O  
SE 
# 
loop_
_atom_site.group_PDB 
_atom_site.id 
_atom_site.type_symbol 
_atom_site.label_atom_id 
_atom_site.label_alt_id 
_atom_site.label_comp_id 
_atom_site.label_asym_id 
_atom_site.label_entity_id 
_atom_site.label_seq_id 
_atom_site.pdbx_PDB_ins_code 
_atom_site.Cartn_x 
_atom_site.Cartn_y 
_atom_site.Cartn_z 
_atom_site.occupancy 
_atom_site.B_iso_or_equiv 
_atom_site.pdbx_formal_charge 
_atom_site.auth_seq_id 
_atom_site.auth_comp_id 
_atom_site.auth_asym_id 
_atom_site.auth_atom_id 
_atom_site.pdbx_PDB_model_num 
ATOM   1    N  N   . VAL A 1 11  ? -15.021 7.633   -4.541  1.00 46.10 ? 158 VAL A N   1 
ATOM   2    C  CA  . VAL A 1 11  ? -14.545 6.847   -3.365  1.00 44.64 ? 158 VAL A CA  1 
ATOM   3    C  C   . VAL A 1 11  ? -14.391 7.728   -2.121  1.00 40.41 ? 158 VAL A C   1 
ATOM   4    O  O   . VAL A 1 11  ? -13.450 8.505   -2.012  1.00 44.44 ? 158 VAL A O   1 
ATOM   5    C  CB  . VAL A 1 11  ? -13.181 6.132   -3.647  1.00 44.20 ? 158 VAL A CB  1 
ATOM   6    C  CG1 . VAL A 1 11  ? -12.539 5.639   -2.363  1.00 47.47 ? 158 VAL A CG1 1 
ATOM   7    C  CG2 . VAL A 1 11  ? -13.375 4.975   -4.591  1.00 48.48 ? 158 VAL A CG2 1 
ATOM   8    N  N   . THR A 1 12  ? -15.292 7.558   -1.168  1.00 35.33 ? 159 THR A N   1 
ATOM   9    C  CA  . THR A 1 12  ? -15.078 8.049   0.201   1.00 30.60 ? 159 THR A CA  1 
ATOM   10   C  C   . THR A 1 12  ? -14.889 6.805   1.077   1.00 25.88 ? 159 THR A C   1 
ATOM   11   O  O   . THR A 1 12  ? -15.072 5.682   0.597   1.00 27.06 ? 159 THR A O   1 
ATOM   12   C  CB  . THR A 1 12  ? -16.283 8.815   0.678   1.00 30.78 ? 159 THR A CB  1 
ATOM   13   O  OG1 . THR A 1 12  ? -17.431 7.942   0.631   1.00 31.20 ? 159 THR A OG1 1 
ATOM   14   C  CG2 . THR A 1 12  ? -16.507 10.003  -0.230  1.00 36.86 ? 159 THR A CG2 1 
ATOM   15   N  N   . ASP A 1 13  ? -14.530 6.998   2.345   1.00 18.60 ? 160 ASP A N   1 
ATOM   16   C  CA  . ASP A 1 13  ? -14.312 5.849   3.245   1.00 17.20 ? 160 ASP A CA  1 
ATOM   17   C  C   . ASP A 1 13  ? -15.664 5.339   3.761   1.00 18.17 ? 160 ASP A C   1 
ATOM   18   O  O   . ASP A 1 13  ? -16.432 6.069   4.468   1.00 17.31 ? 160 ASP A O   1 
ATOM   19   C  CB  . ASP A 1 13  ? -13.371 6.281   4.367   1.00 14.75 ? 160 ASP A CB  1 
ATOM   20   C  CG  . ASP A 1 13  ? -12.975 5.167   5.308   1.00 15.94 ? 160 ASP A CG  1 
ATOM   21   O  OD1 . ASP A 1 13  ? -13.683 4.151   5.485   1.00 15.26 ? 160 ASP A OD1 1 
ATOM   22   O  OD2 . ASP A 1 13  ? -11.893 5.336   5.946   1.00 16.29 ? 160 ASP A OD2 1 
ATOM   23   N  N   . HIS A 1 14  ? -15.967 4.109   3.389   1.00 16.83 ? 161 HIS A N   1 
ATOM   24   C  CA  . HIS A 1 14  ? -17.247 3.492   3.710   1.00 16.99 ? 161 HIS A CA  1 
ATOM   25   C  C   . HIS A 1 14  ? -17.247 2.661   4.987   1.00 15.99 ? 161 HIS A C   1 
ATOM   26   O  O   . HIS A 1 14  ? -18.241 1.996   5.313   1.00 17.61 ? 161 HIS A O   1 
ATOM   27   C  CB  . HIS A 1 14  ? -17.743 2.626   2.546   1.00 19.54 ? 161 HIS A CB  1 
ATOM   28   C  CG  . HIS A 1 14  ? -18.230 3.420   1.381   1.00 24.76 ? 161 HIS A CG  1 
ATOM   29   N  ND1 . HIS A 1 14  ? -17.379 4.122   0.548   1.00 31.02 ? 161 HIS A ND1 1 
ATOM   30   C  CD2 . HIS A 1 14  ? -19.474 3.605   0.898   1.00 25.26 ? 161 HIS A CD2 1 
ATOM   31   C  CE1 . HIS A 1 14  ? -18.092 4.710   -0.396  1.00 30.94 ? 161 HIS A CE1 1 
ATOM   32   N  NE2 . HIS A 1 14  ? -19.363 4.428   -0.195  1.00 28.78 ? 161 HIS A NE2 1 
ATOM   33   N  N   . GLY A 1 15  ? -16.130 2.656   5.703   1.00 15.65 ? 162 GLY A N   1 
ATOM   34   C  CA  . GLY A 1 15  ? -16.094 1.912   6.930   1.00 16.05 ? 162 GLY A CA  1 
ATOM   35   C  C   . GLY A 1 15  ? -16.971 2.542   8.009   1.00 16.52 ? 162 GLY A C   1 
ATOM   36   O  O   . GLY A 1 15  ? -17.100 3.767   8.060   1.00 16.72 ? 162 GLY A O   1 
ATOM   37   N  N   . PRO A 1 16  ? -17.553 1.709   8.900   1.00 15.37 ? 163 PRO A N   1 
ATOM   38   C  CA  . PRO A 1 16  ? -17.513 0.245   9.024   1.00 14.61 ? 163 PRO A CA  1 
ATOM   39   C  C   . PRO A 1 16  ? -18.749 -0.440  8.439   1.00 15.87 ? 163 PRO A C   1 
ATOM   40   O  O   . PRO A 1 16  ? -19.201 -1.405  9.015   1.00 18.65 ? 163 PRO A O   1 
ATOM   41   C  CB  . PRO A 1 16  ? -17.471 0.058   10.519  1.00 17.82 ? 163 PRO A CB  1 
ATOM   42   C  CG  . PRO A 1 16  ? -18.453 1.110   11.016  1.00 16.27 ? 163 PRO A CG  1 
ATOM   43   C  CD  . PRO A 1 16  ? -18.239 2.313   10.067  1.00 15.80 ? 163 PRO A CD  1 
ATOM   44   N  N   . ARG A 1 17  ? -19.243 0.038   7.301   1.00 16.52 ? 164 ARG A N   1 
ATOM   45   C  CA  . ARG A 1 17  ? -20.473 -0.506  6.715   1.00 18.19 ? 164 ARG A CA  1 
ATOM   46   C  C   . ARG A 1 17  ? -20.232 -1.849  6.034   1.00 17.44 ? 164 ARG A C   1 
ATOM   47   O  O   . ARG A 1 17  ? -19.209 -2.050  5.396   1.00 17.14 ? 164 ARG A O   1 
ATOM   48   C  CB  . ARG A 1 17  ? -21.013 0.410   5.598   1.00 19.99 ? 164 ARG A CB  1 
ATOM   49   C  CG  . ARG A 1 17  ? -21.476 1.788   6.020   1.00 24.06 ? 164 ARG A CG  1 
ATOM   50   C  CD  . ARG A 1 17  ? -22.873 1.815   6.626   1.00 23.27 ? 164 ARG A CD  1 
ATOM   51   N  NE  . ARG A 1 17  ? -22.921 1.116   7.888   1.00 19.35 ? 164 ARG A NE  1 
ATOM   52   C  CZ  . ARG A 1 17  ? -22.408 1.578   9.037   1.00 17.85 ? 164 ARG A CZ  1 
ATOM   53   N  NH1 . ARG A 1 17  ? -21.809 2.751   9.090   1.00 22.24 ? 164 ARG A NH1 1 
ATOM   54   N  NH2 . ARG A 1 17  ? -22.502 0.845   10.116  1.00 20.11 ? 164 ARG A NH2 1 
ATOM   55   N  N   . PRO A 1 18  ? -21.219 -2.732  6.091   1.00 18.04 ? 165 PRO A N   1 
ATOM   56   C  CA  . PRO A 1 18  ? -21.264 -3.820  5.076   1.00 17.18 ? 165 PRO A CA  1 
ATOM   57   C  C   . PRO A 1 18  ? -21.195 -3.158  3.685   1.00 16.07 ? 165 PRO A C   1 
ATOM   58   O  O   . PRO A 1 18  ? -21.900 -2.176  3.406   1.00 16.30 ? 165 PRO A O   1 
ATOM   59   C  CB  . PRO A 1 18  ? -22.629 -4.467  5.303   1.00 19.17 ? 165 PRO A CB  1 
ATOM   60   C  CG  . PRO A 1 18  ? -22.976 -4.133  6.727   1.00 18.52 ? 165 PRO A CG  1 
ATOM   61   C  CD  . PRO A 1 18  ? -22.389 -2.752  6.985   1.00 19.11 ? 165 PRO A CD  1 
ATOM   62   N  N   . PHE A 1 19  ? -20.277 -3.650  2.839   1.00 16.18 ? 166 PHE A N   1 
ATOM   63   C  CA  . PHE A 1 19  ? -19.904 -2.924  1.639   1.00 15.49 ? 166 PHE A CA  1 
ATOM   64   C  C   . PHE A 1 19  ? -19.419 -3.879  0.559   1.00 14.20 ? 166 PHE A C   1 
ATOM   65   O  O   . PHE A 1 19  ? -18.625 -4.774  0.829   1.00 16.54 ? 166 PHE A O   1 
ATOM   66   C  CB  . PHE A 1 19  ? -18.797 -1.918  2.024   1.00 16.87 ? 166 PHE A CB  1 
ATOM   67   C  CG  . PHE A 1 19  ? -18.265 -1.054  0.918   1.00 16.71 ? 166 PHE A CG  1 
ATOM   68   C  CD1 . PHE A 1 19  ? -19.065 -0.252  0.147   1.00 17.36 ? 166 PHE A CD1 1 
ATOM   69   C  CD2 . PHE A 1 19  ? -16.893 -0.938  0.767   1.00 18.60 ? 166 PHE A CD2 1 
ATOM   70   C  CE1 . PHE A 1 19  ? -18.529 0.601   -0.832  1.00 18.82 ? 166 PHE A CE1 1 
ATOM   71   C  CE2 . PHE A 1 19  ? -16.353 -0.077  -0.184  1.00 22.01 ? 166 PHE A CE2 1 
ATOM   72   C  CZ  . PHE A 1 19  ? -17.164 0.683   -0.959  1.00 20.99 ? 166 PHE A CZ  1 
ATOM   73   N  N   . VAL A 1 20  ? -19.883 -3.655  -0.663  1.00 16.32 ? 167 VAL A N   1 
ATOM   74   C  CA  . VAL A 1 20  ? -19.419 -4.353  -1.852  1.00 16.67 ? 167 VAL A CA  1 
ATOM   75   C  C   . VAL A 1 20  ? -18.950 -3.275  -2.847  1.00 16.31 ? 167 VAL A C   1 
ATOM   76   O  O   . VAL A 1 20  ? -19.620 -2.255  -3.035  1.00 16.23 ? 167 VAL A O   1 
ATOM   77   C  CB  . VAL A 1 20  ? -20.565 -5.238  -2.461  1.00 19.46 ? 167 VAL A CB  1 
ATOM   78   C  CG1 . VAL A 1 20  ? -20.247 -5.698  -3.832  1.00 22.84 ? 167 VAL A CG1 1 
ATOM   79   C  CG2 . VAL A 1 20  ? -20.867 -6.392  -1.546  1.00 17.87 ? 167 VAL A CG2 1 
ATOM   80   N  N   . VAL A 1 21  ? -17.814 -3.538  -3.465  1.00 16.93 ? 168 VAL A N   1 
ATOM   81   C  CA  . VAL A 1 21  ? -17.169 -2.559  -4.361  1.00 16.29 ? 168 VAL A CA  1 
ATOM   82   C  C   . VAL A 1 21  ? -16.406 -3.285  -5.458  1.00 16.30 ? 168 VAL A C   1 
ATOM   83   O  O   . VAL A 1 21  ? -15.868 -4.376  -5.216  1.00 17.32 ? 168 VAL A O   1 
ATOM   84   C  CB  . VAL A 1 21  ? -16.243 -1.629  -3.516  1.00 18.39 ? 168 VAL A CB  1 
ATOM   85   C  CG1 . VAL A 1 21  ? -15.117 -2.375  -2.869  1.00 23.33 ? 168 VAL A CG1 1 
ATOM   86   C  CG2 . VAL A 1 21  ? -15.759 -0.439  -4.385  1.00 25.07 ? 168 VAL A CG2 1 
ATOM   87   N  N   . ASN A 1 22  ? -16.344 -2.682  -6.652  1.00 17.13 ? 169 ASN A N   1 
ATOM   88   C  CA  . ASN A 1 22  ? -15.430 -3.141  -7.693  1.00 17.15 ? 169 ASN A CA  1 
ATOM   89   C  C   . ASN A 1 22  ? -14.035 -2.648  -7.404  1.00 17.03 ? 169 ASN A C   1 
ATOM   90   O  O   . ASN A 1 22  ? -13.703 -1.515  -7.684  1.00 17.40 ? 169 ASN A O   1 
ATOM   91   C  CB  . ASN A 1 22  ? -15.930 -2.741  -9.056  1.00 18.69 ? 169 ASN A CB  1 
ATOM   92   C  CG  . ASN A 1 22  ? -15.072 -3.300  -10.159 1.00 19.07 ? 169 ASN A CG  1 
ATOM   93   O  OD1 . ASN A 1 22  ? -13.891 -3.556  -9.955  1.00 19.21 ? 169 ASN A OD1 1 
ATOM   94   N  ND2 . ASN A 1 22  ? -15.690 -3.506  -11.355 1.00 22.19 ? 169 ASN A ND2 1 
ATOM   95   N  N   . ILE A 1 23  ? -13.277 -3.462  -6.675  1.00 16.32 ? 170 ILE A N   1 
ATOM   96   C  CA  A ILE A 1 23  ? -11.953 -3.059  -6.181  0.50 17.42 ? 170 ILE A CA  1 
ATOM   97   C  CA  B ILE A 1 23  ? -11.993 -2.978  -6.203  0.50 16.75 ? 170 ILE A CA  1 
ATOM   98   C  C   . ILE A 1 23  ? -10.936 -2.900  -7.299  1.00 17.38 ? 170 ILE A C   1 
ATOM   99   O  O   . ILE A 1 23  ? -10.057 -2.055  -7.228  1.00 16.85 ? 170 ILE A O   1 
ATOM   100  C  CB  A ILE A 1 23  ? -11.412 -4.044  -5.066  0.50 17.23 ? 170 ILE A CB  1 
ATOM   101  C  CB  B ILE A 1 23  ? -11.542 -3.756  -4.951  0.50 16.78 ? 170 ILE A CB  1 
ATOM   102  C  CG1 A ILE A 1 23  ? -10.233 -3.417  -4.310  0.50 20.52 ? 170 ILE A CG1 1 
ATOM   103  C  CG1 B ILE A 1 23  ? -10.502 -2.945  -4.184  0.50 15.61 ? 170 ILE A CG1 1 
ATOM   104  C  CG2 A ILE A 1 23  ? -10.992 -5.393  -5.628  0.50 18.81 ? 170 ILE A CG2 1 
ATOM   105  C  CG2 B ILE A 1 23  ? -11.021 -5.132  -5.289  0.50 16.16 ? 170 ILE A CG2 1 
ATOM   106  C  CD1 A ILE A 1 23  ? -10.625 -2.194  -3.484  0.50 23.43 ? 170 ILE A CD1 1 
ATOM   107  C  CD1 B ILE A 1 23  ? -10.251 -3.517  -2.778  0.50 17.20 ? 170 ILE A CD1 1 
ATOM   108  N  N   . GLU A 1 24  ? -11.043 -3.731  -8.340  1.00 17.14 ? 171 GLU A N   1 
ATOM   109  C  CA  . GLU A 1 24  ? -10.151 -3.596  -9.487  1.00 18.13 ? 171 GLU A CA  1 
ATOM   110  C  C   . GLU A 1 24  ? -10.296 -2.196  -10.069 1.00 16.26 ? 171 GLU A C   1 
ATOM   111  O  O   . GLU A 1 24  ? -9.316  -1.485  -10.328 1.00 17.74 ? 171 GLU A O   1 
ATOM   112  C  CB  . GLU A 1 24  ? -10.503 -4.646  -10.544 1.00 20.59 ? 171 GLU A CB  1 
ATOM   113  C  CG  . GLU A 1 24  ? -9.604  -4.641  -11.772 1.00 22.73 ? 171 GLU A CG  1 
ATOM   114  C  CD  . GLU A 1 24  ? -10.103 -3.869  -12.957 1.00 26.38 ? 171 GLU A CD  1 
ATOM   115  O  OE1 . GLU A 1 24  ? -11.114 -3.115  -12.905 1.00 25.97 ? 171 GLU A OE1 1 
ATOM   116  O  OE2 . GLU A 1 24  ? -9.467  -3.991  -14.038 1.00 29.58 ? 171 GLU A OE2 1 
ATOM   117  N  N   . ASP A 1 25  ? -11.536 -1.787  -10.283 1.00 17.37 ? 172 ASP A N   1 
ATOM   118  C  CA  . ASP A 1 25  ? -11.817 -0.512  -10.930 1.00 17.44 ? 172 ASP A CA  1 
ATOM   119  C  C   . ASP A 1 25  ? -11.478 0.665   -10.031 1.00 18.14 ? 172 ASP A C   1 
ATOM   120  O  O   . ASP A 1 25  ? -10.846 1.621   -10.461 1.00 18.40 ? 172 ASP A O   1 
ATOM   121  C  CB  . ASP A 1 25  ? -13.258 -0.431  -11.378 1.00 19.05 ? 172 ASP A CB  1 
ATOM   122  C  CG  . ASP A 1 25  ? -13.501 0.763   -12.344 1.00 20.29 ? 172 ASP A CG  1 
ATOM   123  O  OD1 . ASP A 1 25  ? -12.794 0.866   -13.386 1.00 22.95 ? 172 ASP A OD1 1 
ATOM   124  O  OD2 . ASP A 1 25  ? -14.342 1.579   -12.002 1.00 25.37 ? 172 ASP A OD2 1 
ATOM   125  N  N   . GLU A 1 26  ? -11.838 0.601   -8.751  1.00 17.12 ? 173 GLU A N   1 
ATOM   126  C  CA  . GLU A 1 26  ? -11.485 1.726   -7.862  1.00 16.92 ? 173 GLU A CA  1 
ATOM   127  C  C   . GLU A 1 26  ? -9.985  1.887   -7.693  1.00 15.99 ? 173 GLU A C   1 
ATOM   128  O  O   . GLU A 1 26  ? -9.466  3.015   -7.636  1.00 18.05 ? 173 GLU A O   1 
ATOM   129  C  CB  . GLU A 1 26  ? -12.151 1.632   -6.511  1.00 20.01 ? 173 GLU A CB  1 
ATOM   130  C  CG  . GLU A 1 26  ? -13.683 1.680   -6.596  1.00 25.79 ? 173 GLU A CG  1 
ATOM   131  C  CD  . GLU A 1 26  ? -14.291 2.922   -7.224  1.00 36.61 ? 173 GLU A CD  1 
ATOM   132  O  OE1 . GLU A 1 26  ? -13.633 3.979   -7.246  1.00 39.89 ? 173 GLU A OE1 1 
ATOM   133  O  OE2 . GLU A 1 26  ? -15.435 2.818   -7.742  1.00 42.34 ? 173 GLU A OE2 1 
ATOM   134  N  N   . THR A 1 27  ? -9.265  0.769   -7.613  1.00 15.60 ? 174 THR A N   1 
ATOM   135  C  CA  . THR A 1 27  ? -7.821  0.834   -7.465  1.00 15.12 ? 174 THR A CA  1 
ATOM   136  C  C   . THR A 1 27  ? -7.189  1.445   -8.708  1.00 16.56 ? 174 THR A C   1 
ATOM   137  O  O   . THR A 1 27  ? -6.283  2.281   -8.628  1.00 17.95 ? 174 THR A O   1 
ATOM   138  C  CB  . THR A 1 27  ? -7.242  -0.564  -7.204  1.00 16.73 ? 174 THR A CB  1 
ATOM   139  O  OG1 . THR A 1 27  ? -7.806  -1.073  -5.985  1.00 16.86 ? 174 THR A OG1 1 
ATOM   140  C  CG2 . THR A 1 27  ? -5.742  -0.503  -7.063  1.00 18.30 ? 174 THR A CG2 1 
ATOM   141  N  N   . LYS A 1 28  ? -7.639  1.014   -9.881  1.00 16.55 ? 175 LYS A N   1 
ATOM   142  C  CA  . LYS A 1 28  ? -7.065  1.530   -11.102 1.00 17.27 ? 175 LYS A CA  1 
ATOM   143  C  C   . LYS A 1 28  ? -7.436  2.999   -11.356 1.00 17.84 ? 175 LYS A C   1 
ATOM   144  O  O   . LYS A 1 28  ? -6.638  3.717   -11.933 1.00 18.58 ? 175 LYS A O   1 
ATOM   145  C  CB  . LYS A 1 28  ? -7.452  0.673   -12.311 1.00 16.95 ? 175 LYS A CB  1 
ATOM   146  C  CG  . LYS A 1 28  ? -6.735  -0.671  -12.318 1.00 19.15 ? 175 LYS A CG  1 
ATOM   147  C  CD  . LYS A 1 28  ? -7.230  -1.607  -13.391 1.00 21.08 ? 175 LYS A CD  1 
ATOM   148  C  CE  . LYS A 1 28  ? -6.527  -2.975  -13.230 1.00 27.49 ? 175 LYS A CE  1 
ATOM   149  N  NZ  . LYS A 1 28  ? -6.954  -3.905  -14.313 1.00 33.33 ? 175 LYS A NZ  1 
ATOM   150  N  N   . ARG A 1 29  ? -8.630  3.425   -10.950 1.00 17.84 ? 176 ARG A N   1 
ATOM   151  C  CA  . ARG A 1 29  ? -9.102  4.785   -11.161 1.00 19.09 ? 176 ARG A CA  1 
ATOM   152  C  C   . ARG A 1 29  ? -8.505  5.780   -10.166 1.00 19.51 ? 176 ARG A C   1 
ATOM   153  O  O   . ARG A 1 29  ? -8.382  6.972   -10.468 1.00 18.99 ? 176 ARG A O   1 
ATOM   154  C  CB  . ARG A 1 29  ? -10.620 4.828   -11.107 1.00 17.60 ? 176 ARG A CB  1 
ATOM   155  C  CG  . ARG A 1 29  ? -11.347 4.288   -12.348 1.00 23.48 ? 176 ARG A CG  1 
ATOM   156  C  CD  . ARG A 1 29  ? -12.897 4.422   -12.213 1.00 27.56 ? 176 ARG A CD  1 
ATOM   157  N  N   . ASN A 1 30  ? -8.166  5.323   -8.964  1.00 18.74 ? 177 ASN A N   1 
ATOM   158  C  CA  . ASN A 1 30  ? -7.635  6.207   -7.942  1.00 17.66 ? 177 ASN A CA  1 
ATOM   159  C  C   . ASN A 1 30  ? -6.303  6.812   -8.377  1.00 17.21 ? 177 ASN A C   1 
ATOM   160  O  O   . ASN A 1 30  ? -5.436  6.134   -8.904  1.00 17.84 ? 177 ASN A O   1 
ATOM   161  C  CB  . ASN A 1 30  ? -7.401  5.455   -6.614  1.00 19.08 ? 177 ASN A CB  1 
ATOM   162  C  CG  . ASN A 1 30  ? -6.565  6.265   -5.662  1.00 17.50 ? 177 ASN A CG  1 
ATOM   163  O  OD1 . ASN A 1 30  ? -7.001  7.349   -5.219  1.00 17.25 ? 177 ASN A OD1 1 
ATOM   164  N  ND2 . ASN A 1 30  ? -5.382  5.769   -5.333  1.00 16.29 ? 177 ASN A ND2 1 
ATOM   165  N  N   . ARG A 1 31  ? -6.154  8.089   -8.106  1.00 18.37 ? 178 ARG A N   1 
ATOM   166  C  CA  . ARG A 1 31  ? -4.939  8.818   -8.443  1.00 17.84 ? 178 ARG A CA  1 
ATOM   167  C  C   . ARG A 1 31  ? -4.145  9.305   -7.230  1.00 19.21 ? 178 ARG A C   1 
ATOM   168  O  O   . ARG A 1 31  ? -3.005  9.788   -7.372  1.00 18.45 ? 178 ARG A O   1 
ATOM   169  C  CB  . ARG A 1 31  ? -5.281  10.001  -9.400  1.00 19.68 ? 178 ARG A CB  1 
ATOM   170  C  CG  . ARG A 1 31  ? -5.961  9.558   -10.724 1.00 27.06 ? 178 ARG A CG  1 
ATOM   171  C  CD  . ARG A 1 31  ? -6.119  10.708  -11.724 1.00 23.42 ? 178 ARG A CD  1 
ATOM   172  N  NE  . ARG A 1 31  ? -7.108  11.661  -11.250 1.00 30.01 ? 178 ARG A NE  1 
ATOM   173  N  N   . ALA A 1 32  ? -4.716  9.202   -6.035  1.00 17.33 ? 179 ALA A N   1 
ATOM   174  C  CA  . ALA A 1 32  ? -4.050  9.615   -4.784  1.00 16.12 ? 179 ALA A CA  1 
ATOM   175  C  C   . ALA A 1 32  ? -2.979  8.642   -4.355  1.00 18.80 ? 179 ALA A C   1 
ATOM   176  O  O   . ALA A 1 32  ? -3.135  7.409   -4.474  1.00 17.13 ? 179 ALA A O   1 
ATOM   177  C  CB  . ALA A 1 32  ? -5.049  9.794   -3.645  1.00 18.83 ? 179 ALA A CB  1 
ATOM   178  N  N   . PHE A 1 33  ? -1.911  9.180   -3.789  1.00 16.82 ? 180 PHE A N   1 
ATOM   179  C  CA  . PHE A 1 33  ? -0.872  8.381   -3.161  1.00 17.05 ? 180 PHE A CA  1 
ATOM   180  C  C   . PHE A 1 33  ? -1.503  7.419   -2.136  1.00 18.59 ? 180 PHE A C   1 
ATOM   181  O  O   . PHE A 1 33  ? -1.133  6.228   -2.090  1.00 17.90 ? 180 PHE A O   1 
ATOM   182  C  CB  . PHE A 1 33  ? 0.174   9.303   -2.508  1.00 17.51 ? 180 PHE A CB  1 
ATOM   183  C  CG  . PHE A 1 33  ? 1.282   8.586   -1.802  1.00 17.40 ? 180 PHE A CG  1 
ATOM   184  C  CD1 . PHE A 1 33  ? 2.352   8.032   -2.514  1.00 17.42 ? 180 PHE A CD1 1 
ATOM   185  C  CD2 . PHE A 1 33  ? 1.237   8.384   -0.416  1.00 16.23 ? 180 PHE A CD2 1 
ATOM   186  C  CE1 . PHE A 1 33  ? 3.379   7.358   -1.841  1.00 20.34 ? 180 PHE A CE1 1 
ATOM   187  C  CE2 . PHE A 1 33  ? 2.251   7.724   0.249   1.00 18.74 ? 180 PHE A CE2 1 
ATOM   188  C  CZ  . PHE A 1 33  ? 3.315   7.201   -0.468  1.00 19.53 ? 180 PHE A CZ  1 
ATOM   189  N  N   . ARG A 1 34  ? -2.425  7.945   -1.304  1.00 17.47 ? 181 ARG A N   1 
ATOM   190  C  CA  . ARG A 1 34  ? -3.157  7.097   -0.361  1.00 16.95 ? 181 ARG A CA  1 
ATOM   191  C  C   . ARG A 1 34  ? -4.567  7.622   -0.188  1.00 17.93 ? 181 ARG A C   1 
ATOM   192  O  O   . ARG A 1 34  ? -4.755  8.808   0.073   1.00 18.76 ? 181 ARG A O   1 
ATOM   193  C  CB  . ARG A 1 34  ? -2.472  7.111   0.980   1.00 18.53 ? 181 ARG A CB  1 
ATOM   194  C  CG  . ARG A 1 34  ? -3.144  6.214   1.998   1.00 21.18 ? 181 ARG A CG  1 
ATOM   195  C  CD  . ARG A 1 34  ? -2.364  6.287   3.287   1.00 26.11 ? 181 ARG A CD  1 
ATOM   196  N  NE  . ARG A 1 34  ? -1.094  5.560   3.193   1.00 25.14 ? 181 ARG A NE  1 
ATOM   197  C  CZ  . ARG A 1 34  ? 0.125   6.090   3.378   1.00 24.28 ? 181 ARG A CZ  1 
ATOM   198  N  NH1 . ARG A 1 34  ? 0.313   7.382   3.630   1.00 28.51 ? 181 ARG A NH1 1 
ATOM   199  N  NH2 . ARG A 1 34  ? 1.186   5.280   3.321   1.00 28.86 ? 181 ARG A NH2 1 
ATOM   200  N  N   . ARG A 1 35  ? -5.547  6.732   -0.346  1.00 17.73 ? 182 ARG A N   1 
ATOM   201  C  CA  . ARG A 1 35  ? -6.945  7.068   -0.154  1.00 20.39 ? 182 ARG A CA  1 
ATOM   202  C  C   . ARG A 1 35  ? -7.567  5.914   0.644   1.00 17.57 ? 182 ARG A C   1 
ATOM   203  O  O   . ARG A 1 35  ? -7.634  4.802   0.164   1.00 18.16 ? 182 ARG A O   1 
ATOM   204  C  CB  . ARG A 1 35  ? -7.652  7.223   -1.496  1.00 20.16 ? 182 ARG A CB  1 
ATOM   205  C  CG  . ARG A 1 35  ? -9.096  7.623   -1.413  1.00 24.60 ? 182 ARG A CG  1 
ATOM   206  C  CD  . ARG A 1 35  ? -9.772  7.736   -2.798  1.00 23.82 ? 182 ARG A CD  1 
ATOM   207  N  NE  . ARG A 1 35  ? -9.139  8.666   -3.734  1.00 24.99 ? 182 ARG A NE  1 
ATOM   208  C  CZ  . ARG A 1 35  ? -9.250  10.004  -3.682  1.00 27.92 ? 182 ARG A CZ  1 
ATOM   209  N  NH1 . ARG A 1 35  ? -9.943  10.603  -2.722  1.00 31.12 ? 182 ARG A NH1 1 
ATOM   210  N  NH2 . ARG A 1 35  ? -8.639  10.762  -4.602  1.00 27.20 ? 182 ARG A NH2 1 
ATOM   211  N  N   . ALA A 1 36  ? -8.040  6.205   1.856   1.00 17.19 ? 183 ALA A N   1 
ATOM   212  C  CA  . ALA A 1 36  ? -8.789  5.212   2.612   1.00 17.36 ? 183 ALA A CA  1 
ATOM   213  C  C   . ALA A 1 36  ? -10.136 4.902   1.955   1.00 16.30 ? 183 ALA A C   1 
ATOM   214  O  O   . ALA A 1 36  ? -10.963 5.807   1.708   1.00 19.48 ? 183 ALA A O   1 
ATOM   215  C  CB  . ALA A 1 36  ? -8.974  5.684   4.064   1.00 18.50 ? 183 ALA A CB  1 
ATOM   216  N  N   . LEU A 1 37  ? -10.386 3.631   1.686   1.00 16.11 ? 184 LEU A N   1 
ATOM   217  C  CA  . LEU A 1 37  ? -11.625 3.138   1.153   1.00 16.22 ? 184 LEU A CA  1 
ATOM   218  C  C   . LEU A 1 37  ? -12.581 2.538   2.184   1.00 15.83 ? 184 LEU A C   1 
ATOM   219  O  O   . LEU A 1 37  ? -13.801 2.666   2.070   1.00 16.73 ? 184 LEU A O   1 
ATOM   220  C  CB  . LEU A 1 37  ? -11.302 2.097   0.073   1.00 16.91 ? 184 LEU A CB  1 
ATOM   221  C  CG  . LEU A 1 37  ? -12.492 1.380   -0.576  1.00 20.74 ? 184 LEU A CG  1 
ATOM   222  C  CD1 . LEU A 1 37  ? -13.342 2.388   -1.317  1.00 23.71 ? 184 LEU A CD1 1 
ATOM   223  C  CD2 . LEU A 1 37  ? -12.019 0.306   -1.517  1.00 22.47 ? 184 LEU A CD2 1 
ATOM   224  N  N   . TRP A 1 38  ? -12.015 1.866   3.188   1.00 16.31 ? 185 TRP A N   1 
ATOM   225  C  CA  . TRP A 1 38  ? -12.832 1.263   4.219   1.00 15.34 ? 185 TRP A CA  1 
ATOM   226  C  C   . TRP A 1 38  ? -12.034 1.062   5.482   1.00 15.09 ? 185 TRP A C   1 
ATOM   227  O  O   . TRP A 1 38  ? -11.141 0.223   5.509   1.00 15.78 ? 185 TRP A O   1 
ATOM   228  C  CB  . TRP A 1 38  ? -13.387 -0.095  3.728   1.00 16.45 ? 185 TRP A CB  1 
ATOM   229  C  CG  . TRP A 1 38  ? -14.486 -0.674  4.538   1.00 15.89 ? 185 TRP A CG  1 
ATOM   230  C  CD1 . TRP A 1 38  ? -15.817 -0.494  4.316   1.00 16.41 ? 185 TRP A CD1 1 
ATOM   231  C  CD2 . TRP A 1 38  ? -14.385 -1.514  5.725   1.00 14.33 ? 185 TRP A CD2 1 
ATOM   232  N  NE1 . TRP A 1 38  ? -16.555 -1.219  5.239   1.00 17.06 ? 185 TRP A NE1 1 
ATOM   233  C  CE2 . TRP A 1 38  ? -15.702 -1.850  6.106   1.00 14.86 ? 185 TRP A CE2 1 
ATOM   234  C  CE3 . TRP A 1 38  ? -13.322 -2.055  6.470   1.00 14.48 ? 185 TRP A CE3 1 
ATOM   235  C  CZ2 . TRP A 1 38  ? -15.979 -2.645  7.190   1.00 17.17 ? 185 TRP A CZ2 1 
ATOM   236  C  CZ3 . TRP A 1 38  ? -13.599 -2.858  7.538   1.00 15.29 ? 185 TRP A CZ3 1 
ATOM   237  C  CH2 . TRP A 1 38  ? -14.915 -3.148  7.904   1.00 17.70 ? 185 TRP A CH2 1 
ATOM   238  N  N   . THR A 1 39  ? -12.439 1.763   6.523   1.00 14.64 ? 186 THR A N   1 
ATOM   239  C  CA  . THR A 1 39  ? -11.809 1.683   7.842   1.00 15.35 ? 186 THR A CA  1 
ATOM   240  C  C   . THR A 1 39  ? -12.824 1.086   8.822   1.00 15.80 ? 186 THR A C   1 
ATOM   241  O  O   . THR A 1 39  ? -13.820 1.714   9.200   1.00 16.12 ? 186 THR A O   1 
ATOM   242  C  CB  . THR A 1 39  ? -11.303 3.053   8.320   1.00 16.16 ? 186 THR A CB  1 
ATOM   243  O  OG1 . THR A 1 39  ? -10.443 3.591   7.322   1.00 17.27 ? 186 THR A OG1 1 
ATOM   244  C  CG2 . THR A 1 39  ? -10.580 2.889   9.640   1.00 14.50 ? 186 THR A CG2 1 
ATOM   245  N  N   . GLY A 1 40  ? -12.514 -0.114  9.283   1.00 14.95 ? 187 GLY A N   1 
ATOM   246  C  CA  . GLY A 1 40  ? -13.277 -0.822  10.266  1.00 16.71 ? 187 GLY A CA  1 
ATOM   247  C  C   . GLY A 1 40  ? -12.605 -0.778  11.620  1.00 14.40 ? 187 GLY A C   1 
ATOM   248  O  O   . GLY A 1 40  ? -11.603 -0.066  11.849  1.00 16.50 ? 187 GLY A O   1 
ATOM   249  N  N   . ASP A 1 41  ? -13.156 -1.553  12.530  1.00 16.22 ? 188 ASP A N   1 
ATOM   250  C  CA  . ASP A 1 41  ? -12.567 -1.705  13.839  1.00 17.08 ? 188 ASP A CA  1 
ATOM   251  C  C   . ASP A 1 41  ? -11.295 -2.559  13.787  1.00 17.18 ? 188 ASP A C   1 
ATOM   252  O  O   . ASP A 1 41  ? -10.386 -2.398  14.641  1.00 19.33 ? 188 ASP A O   1 
ATOM   253  C  CB  . ASP A 1 41  ? -13.569 -2.396  14.755  1.00 17.68 ? 188 ASP A CB  1 
ATOM   254  C  CG  . ASP A 1 41  ? -14.590 -1.437  15.359  1.00 26.05 ? 188 ASP A CG  1 
ATOM   255  O  OD1 . ASP A 1 41  ? -14.401 -0.214  15.272  1.00 22.57 ? 188 ASP A OD1 1 
ATOM   256  O  OD2 . ASP A 1 41  ? -15.566 -1.956  15.896  1.00 32.92 ? 188 ASP A OD2 1 
ATOM   257  N  N   . HIS A 1 42  ? -11.208 -3.473  12.815  1.00 14.96 ? 189 HIS A N   1 
ATOM   258  C  CA  . HIS A 1 42  ? -10.123 -4.481  12.810  1.00 15.49 ? 189 HIS A CA  1 
ATOM   259  C  C   . HIS A 1 42  ? -9.249  -4.486  11.554  1.00 14.70 ? 189 HIS A C   1 
ATOM   260  O  O   . HIS A 1 42  ? -8.075  -4.857  11.651  1.00 15.89 ? 189 HIS A O   1 
ATOM   261  C  CB  . HIS A 1 42  ? -10.660 -5.887  13.088  1.00 14.80 ? 189 HIS A CB  1 
ATOM   262  C  CG  . HIS A 1 42  ? -11.493 -5.945  14.311  1.00 15.82 ? 189 HIS A CG  1 
ATOM   263  N  ND1 . HIS A 1 42  ? -10.934 -5.928  15.574  1.00 17.95 ? 189 HIS A ND1 1 
ATOM   264  C  CD2 . HIS A 1 42  ? -12.833 -6.020  14.480  1.00 16.61 ? 189 HIS A CD2 1 
ATOM   265  C  CE1 . HIS A 1 42  ? -11.919 -5.984  16.465  1.00 17.37 ? 189 HIS A CE1 1 
ATOM   266  N  NE2 . HIS A 1 42  ? -13.076 -6.032  15.831  1.00 17.21 ? 189 HIS A NE2 1 
ATOM   267  N  N   . LEU A 1 43  ? -9.770  -4.028  10.428  1.00 15.48 ? 190 LEU A N   1 
ATOM   268  C  CA  . LEU A 1 43  ? -8.957  -3.873  9.244   1.00 16.07 ? 190 LEU A CA  1 
ATOM   269  C  C   . LEU A 1 43  ? -9.315  -2.624  8.490   1.00 15.49 ? 190 LEU A C   1 
ATOM   270  O  O   . LEU A 1 43  ? -10.389 -2.057  8.635   1.00 16.11 ? 190 LEU A O   1 
ATOM   271  C  CB  . LEU A 1 43  ? -9.000  -5.108  8.365   1.00 19.54 ? 190 LEU A CB  1 
ATOM   272  C  CG  . LEU A 1 43  ? -10.227 -5.388  7.529   1.00 19.44 ? 190 LEU A CG  1 
ATOM   273  C  CD1 . LEU A 1 43  ? -10.330 -4.535  6.231   1.00 19.74 ? 190 LEU A CD1 1 
ATOM   274  C  CD2 . LEU A 1 43  ? -10.342 -6.905  7.193   1.00 19.08 ? 190 LEU A CD2 1 
ATOM   275  N  N   . GLN A 1 44  ? -8.344  -2.156  7.699   1.00 15.69 ? 191 GLN A N   1 
ATOM   276  C  CA  . GLN A 1 44  ? -8.487  -0.967  6.898   1.00 15.93 ? 191 GLN A CA  1 
ATOM   277  C  C   . GLN A 1 44  ? -7.967  -1.168  5.496   1.00 14.94 ? 191 GLN A C   1 
ATOM   278  O  O   . GLN A 1 44  ? -6.861  -1.685  5.332   1.00 16.43 ? 191 GLN A O   1 
ATOM   279  C  CB  . GLN A 1 44  ? -7.700  0.145   7.547   1.00 16.33 ? 191 GLN A CB  1 
ATOM   280  C  CG  . GLN A 1 44  ? -7.565  1.440   6.707   1.00 17.29 ? 191 GLN A CG  1 
ATOM   281  C  CD  . GLN A 1 44  ? -6.917  2.553   7.509   1.00 17.46 ? 191 GLN A CD  1 
ATOM   282  O  OE1 . GLN A 1 44  ? -5.746  2.413   7.928   1.00 18.45 ? 191 GLN A OE1 1 
ATOM   283  N  NE2 . GLN A 1 44  ? -7.680  3.640   7.798   1.00 15.09 ? 191 GLN A NE2 1 
ATOM   284  N  N   . VAL A 1 45  ? -8.745  -0.753  4.497   1.00 14.36 ? 192 VAL A N   1 
ATOM   285  C  CA  . VAL A 1 45  ? -8.365  -0.837  3.088   1.00 15.78 ? 192 VAL A CA  1 
ATOM   286  C  C   . VAL A 1 45  ? -8.040  0.550   2.580   1.00 16.46 ? 192 VAL A C   1 
ATOM   287  O  O   . VAL A 1 45  ? -8.863  1.470   2.729   1.00 15.71 ? 192 VAL A O   1 
ATOM   288  C  CB  . VAL A 1 45  ? -9.523  -1.434  2.239   1.00 16.47 ? 192 VAL A CB  1 
ATOM   289  C  CG1 . VAL A 1 45  ? -9.038  -1.594  0.801   1.00 18.41 ? 192 VAL A CG1 1 
ATOM   290  C  CG2 . VAL A 1 45  ? -10.065 -2.732  2.825   1.00 17.10 ? 192 VAL A CG2 1 
ATOM   291  N  N   . THR A 1 46  ? -6.860  0.737   1.986   1.00 17.64 ? 193 THR A N   1 
ATOM   292  C  CA  . THR A 1 46  ? -6.478  1.974   1.342   1.00 15.67 ? 193 THR A CA  1 
ATOM   293  C  C   . THR A 1 46  ? -6.128  1.657   -0.121  1.00 16.97 ? 193 THR A C   1 
ATOM   294  O  O   . THR A 1 46  ? -5.761  0.522   -0.452  1.00 17.13 ? 193 THR A O   1 
ATOM   295  C  CB  . THR A 1 46  ? -5.277  2.673   2.006   1.00 19.01 ? 193 THR A CB  1 
ATOM   296  O  OG1 . THR A 1 46  ? -4.105  1.887   1.856   1.00 21.89 ? 193 THR A OG1 1 
ATOM   297  C  CG2 . THR A 1 46  ? -5.569  2.863   3.484   1.00 17.96 ? 193 THR A CG2 1 
ATOM   298  N  N   . LEU A 1 47  ? -6.249  2.674   -0.954  1.00 16.09 ? 194 LEU A N   1 
ATOM   299  C  CA  . LEU A 1 47  ? -5.878  2.619   -2.347  1.00 15.76 ? 194 LEU A CA  1 
ATOM   300  C  C   . LEU A 1 47  ? -4.649  3.483   -2.481  1.00 15.78 ? 194 LEU A C   1 
ATOM   301  O  O   . LEU A 1 47  ? -4.592  4.563   -1.911  1.00 17.62 ? 194 LEU A O   1 
ATOM   302  C  CB  . LEU A 1 47  ? -6.997  3.174   -3.243  1.00 15.37 ? 194 LEU A CB  1 
ATOM   303  C  CG  . LEU A 1 47  ? -8.379  2.551   -3.039  1.00 16.79 ? 194 LEU A CG  1 
ATOM   304  C  CD1 . LEU A 1 47  ? -9.449  3.167   -3.976  1.00 19.39 ? 194 LEU A CD1 1 
ATOM   305  C  CD2 . LEU A 1 47  ? -8.374  1.062   -3.157  1.00 18.90 ? 194 LEU A CD2 1 
HETATM 306  N  N   . MSE A 1 48  ? -3.688  3.020   -3.286  1.00 16.26 ? 195 MSE A N   1 
HETATM 307  C  CA  . MSE A 1 48  ? -2.460  3.774   -3.543  1.00 17.07 ? 195 MSE A CA  1 
HETATM 308  C  C   . MSE A 1 48  ? -2.152  3.809   -5.040  1.00 17.14 ? 195 MSE A C   1 
HETATM 309  O  O   . MSE A 1 48  ? -2.197  2.789   -5.721  1.00 18.01 ? 195 MSE A O   1 
HETATM 310  C  CB  . MSE A 1 48  ? -1.271  3.186   -2.814  1.00 18.43 ? 195 MSE A CB  1 
HETATM 311  C  CG  . MSE A 1 48  ? -1.511  3.122   -1.317  1.00 16.19 ? 195 MSE A CG  1 
HETATM 312  SE SE  . MSE A 1 48  ? 0.126   2.553   -0.417  0.75 20.32 ? 195 MSE A SE  1 
HETATM 313  C  CE  . MSE A 1 48  ? 1.041   4.267   -0.335  1.00 22.22 ? 195 MSE A CE  1 
ATOM   314  N  N   . SER A 1 49  ? -1.796  4.999   -5.498  1.00 17.72 ? 196 SER A N   1 
ATOM   315  C  CA  . SER A 1 49  ? -1.217  5.222   -6.851  1.00 17.19 ? 196 SER A CA  1 
ATOM   316  C  C   . SER A 1 49  ? 0.185   5.830   -6.641  1.00 18.46 ? 196 SER A C   1 
ATOM   317  O  O   . SER A 1 49  ? 0.332   6.919   -6.073  1.00 20.40 ? 196 SER A O   1 
ATOM   318  C  CB  . SER A 1 49  ? -2.100  6.150   -7.648  1.00 17.82 ? 196 SER A CB  1 
ATOM   319  O  OG  . SER A 1 49  ? -1.562  6.342   -8.956  1.00 19.10 ? 196 SER A OG  1 
ATOM   320  N  N   . ILE A 1 50  ? 1.191   5.079   -7.042  1.00 16.92 ? 197 ILE A N   1 
ATOM   321  C  CA  A ILE A 1 50  ? 2.557   5.452   -6.800  0.50 17.01 ? 197 ILE A CA  1 
ATOM   322  C  CA  B ILE A 1 50  ? 2.579   5.438   -6.806  0.50 17.20 ? 197 ILE A CA  1 
ATOM   323  C  C   . ILE A 1 50  ? 3.189   5.869   -8.130  1.00 16.86 ? 197 ILE A C   1 
ATOM   324  O  O   . ILE A 1 50  ? 3.130   5.124   -9.118  1.00 17.66 ? 197 ILE A O   1 
ATOM   325  C  CB  A ILE A 1 50  ? 3.312   4.282   -6.127  0.50 18.47 ? 197 ILE A CB  1 
ATOM   326  C  CB  B ILE A 1 50  ? 3.435   4.251   -6.247  0.50 17.61 ? 197 ILE A CB  1 
ATOM   327  C  CG1 A ILE A 1 50  ? 2.576   3.899   -4.811  0.50 16.74 ? 197 ILE A CG1 1 
ATOM   328  C  CG1 B ILE A 1 50  ? 2.800   3.646   -4.974  0.50 20.90 ? 197 ILE A CG1 1 
ATOM   329  C  CG2 A ILE A 1 50  ? 4.767   4.667   -5.873  0.50 18.51 ? 197 ILE A CG2 1 
ATOM   330  C  CG2 B ILE A 1 50  ? 4.877   4.725   -6.002  0.50 18.00 ? 197 ILE A CG2 1 
ATOM   331  C  CD1 A ILE A 1 50  ? 2.560   2.437   -4.490  0.50 20.22 ? 197 ILE A CD1 1 
ATOM   332  C  CD1 B ILE A 1 50  ? 2.509   4.666   -3.895  0.50 24.91 ? 197 ILE A CD1 1 
ATOM   333  N  N   . GLN A 1 51  ? 3.728   7.083   -8.168  1.00 17.11 ? 198 GLN A N   1 
ATOM   334  C  CA  . GLN A 1 51  ? 4.223   7.640   -9.443  1.00 18.44 ? 198 GLN A CA  1 
ATOM   335  C  C   . GLN A 1 51  ? 5.461   6.896   -9.944  1.00 15.94 ? 198 GLN A C   1 
ATOM   336  O  O   . GLN A 1 51  ? 6.193   6.253   -9.201  1.00 17.62 ? 198 GLN A O   1 
ATOM   337  C  CB  . GLN A 1 51  ? 4.566   9.131   -9.301  1.00 19.23 ? 198 GLN A CB  1 
ATOM   338  C  CG  . GLN A 1 51  ? 3.457   10.028  -8.842  1.00 18.49 ? 198 GLN A CG  1 
ATOM   339  C  CD  . GLN A 1 51  ? 2.192   9.883   -9.646  1.00 24.44 ? 198 GLN A CD  1 
ATOM   340  O  OE1 . GLN A 1 51  ? 2.221   10.027  -10.876 1.00 26.63 ? 198 GLN A OE1 1 
ATOM   341  N  NE2 . GLN A 1 51  ? 1.077   9.520   -8.975  1.00 28.82 ? 198 GLN A NE2 1 
ATOM   342  N  N   . VAL A 1 52  ? 5.670   6.988   -11.264 1.00 18.23 ? 199 VAL A N   1 
ATOM   343  C  CA  . VAL A 1 52  ? 6.881   6.490   -11.853 1.00 18.79 ? 199 VAL A CA  1 
ATOM   344  C  C   . VAL A 1 52  ? 8.092   7.066   -11.117 1.00 19.07 ? 199 VAL A C   1 
ATOM   345  O  O   . VAL A 1 52  ? 8.143   8.259   -10.860 1.00 20.76 ? 199 VAL A O   1 
ATOM   346  C  CB  . VAL A 1 52  ? 6.930   6.870   -13.358 1.00 20.02 ? 199 VAL A CB  1 
ATOM   347  C  CG1 . VAL A 1 52  ? 8.242   6.539   -13.967 1.00 23.47 ? 199 VAL A CG1 1 
ATOM   348  C  CG2 . VAL A 1 52  ? 5.791   6.181   -14.099 1.00 21.22 ? 199 VAL A CG2 1 
ATOM   349  N  N   . GLY A 1 53  ? 8.999   6.185   -10.751 1.00 21.12 ? 200 GLY A N   1 
ATOM   350  C  CA  . GLY A 1 53  ? 10.218  6.544   -10.050 1.00 25.42 ? 200 GLY A CA  1 
ATOM   351  C  C   . GLY A 1 53  ? 10.072  6.705   -8.544  1.00 27.76 ? 200 GLY A C   1 
ATOM   352  O  O   . GLY A 1 53  ? 11.045  6.937   -7.849  1.00 31.49 ? 200 GLY A O   1 
ATOM   353  N  N   . GLU A 1 54  ? 8.856   6.608   -8.034  1.00 20.83 ? 201 GLU A N   1 
ATOM   354  C  CA  . GLU A 1 54  ? 8.573   6.901   -6.629  1.00 22.33 ? 201 GLU A CA  1 
ATOM   355  C  C   . GLU A 1 54  ? 8.443   5.598   -5.841  1.00 20.92 ? 201 GLU A C   1 
ATOM   356  O  O   . GLU A 1 54  ? 8.217   4.532   -6.393  1.00 18.82 ? 201 GLU A O   1 
ATOM   357  C  CB  . GLU A 1 54  ? 7.278   7.734   -6.576  1.00 21.61 ? 201 GLU A CB  1 
ATOM   358  C  CG  . GLU A 1 54  ? 6.638   8.056   -5.250  1.00 25.90 ? 201 GLU A CG  1 
ATOM   359  C  CD  . GLU A 1 54  ? 5.384   8.956   -5.446  1.00 30.05 ? 201 GLU A CD  1 
ATOM   360  O  OE1 . GLU A 1 54  ? 5.594   10.196  -5.469  1.00 32.81 ? 201 GLU A OE1 1 
ATOM   361  O  OE2 . GLU A 1 54  ? 4.228   8.468   -5.674  1.00 20.59 ? 201 GLU A OE2 1 
ATOM   362  N  N   . ASP A 1 55  ? 8.579   5.711   -4.523  1.00 20.37 ? 202 ASP A N   1 
ATOM   363  C  CA  . ASP A 1 55  ? 8.455   4.611   -3.598  1.00 21.67 ? 202 ASP A CA  1 
ATOM   364  C  C   . ASP A 1 55  ? 7.494   4.994   -2.473  1.00 22.70 ? 202 ASP A C   1 
ATOM   365  O  O   . ASP A 1 55  ? 7.222   6.205   -2.248  1.00 25.06 ? 202 ASP A O   1 
ATOM   366  C  CB  . ASP A 1 55  ? 9.817   4.180   -3.056  1.00 20.39 ? 202 ASP A CB  1 
ATOM   367  C  CG  . ASP A 1 55  ? 10.510  5.245   -2.190  1.00 29.98 ? 202 ASP A CG  1 
ATOM   368  O  OD1 . ASP A 1 55  ? 10.227  6.444   -2.307  1.00 29.41 ? 202 ASP A OD1 1 
ATOM   369  O  OD2 . ASP A 1 55  ? 11.362  4.871   -1.382  1.00 25.75 ? 202 ASP A OD2 1 
ATOM   370  N  N   . ILE A 1 56  ? 6.940   3.994   -1.802  1.00 20.22 ? 203 ILE A N   1 
ATOM   371  C  CA  . ILE A 1 56  ? 6.127   4.274   -0.651  1.00 22.27 ? 203 ILE A CA  1 
ATOM   372  C  C   . ILE A 1 56  ? 6.966   4.924   0.455   1.00 24.43 ? 203 ILE A C   1 
ATOM   373  O  O   . ILE A 1 56  ? 6.464   5.829   1.131   1.00 25.75 ? 203 ILE A O   1 
ATOM   374  C  CB  . ILE A 1 56  ? 5.417   3.022   -0.129  1.00 23.73 ? 203 ILE A CB  1 
ATOM   375  C  CG1 . ILE A 1 56  ? 4.459   2.466   -1.178  1.00 26.77 ? 203 ILE A CG1 1 
ATOM   376  C  CG2 . ILE A 1 56  ? 4.723   3.316   1.229   1.00 30.84 ? 203 ILE A CG2 1 
ATOM   377  C  CD1 . ILE A 1 56  ? 3.864   1.179   -0.730  1.00 31.41 ? 203 ILE A CD1 1 
ATOM   378  N  N   . GLY A 1 57  ? 8.222   4.520   0.590   1.00 20.65 ? 204 GLY A N   1 
ATOM   379  C  CA  . GLY A 1 57  ? 9.066   4.976   1.696   1.00 22.07 ? 204 GLY A CA  1 
ATOM   380  C  C   . GLY A 1 57  ? 9.268   3.839   2.702   1.00 19.10 ? 204 GLY A C   1 
ATOM   381  O  O   . GLY A 1 57  ? 8.346   3.151   3.078   1.00 21.97 ? 204 GLY A O   1 
ATOM   382  N  N   . LEU A 1 58  ? 10.506  3.665   3.107   1.00 19.51 ? 205 LEU A N   1 
ATOM   383  C  CA  . LEU A 1 58  ? 10.859  2.617   4.048   1.00 22.98 ? 205 LEU A CA  1 
ATOM   384  C  C   . LEU A 1 58  ? 10.147  2.826   5.368   1.00 23.70 ? 205 LEU A C   1 
ATOM   385  O  O   . LEU A 1 58  ? 10.131  3.935   5.923   1.00 22.46 ? 205 LEU A O   1 
ATOM   386  C  CB  . LEU A 1 58  ? 12.364  2.590   4.231   1.00 24.03 ? 205 LEU A CB  1 
ATOM   387  C  CG  . LEU A 1 58  ? 12.970  1.497   5.128   1.00 25.49 ? 205 LEU A CG  1 
ATOM   388  C  CD1 . LEU A 1 58  ? 12.664  0.123   4.582   1.00 25.99 ? 205 LEU A CD1 1 
ATOM   389  C  CD2 . LEU A 1 58  ? 14.464  1.743   5.191   1.00 30.17 ? 205 LEU A CD2 1 
ATOM   390  N  N   . GLU A 1 59  ? 9.502   1.751   5.843   1.00 20.97 ? 206 GLU A N   1 
ATOM   391  C  CA  A GLU A 1 59  ? 8.754   1.785   7.098   0.50 20.94 ? 206 GLU A CA  1 
ATOM   392  C  CA  B GLU A 1 59  ? 8.618   1.758   7.023   0.50 24.21 ? 206 GLU A CA  1 
ATOM   393  C  C   . GLU A 1 59  ? 8.801   0.445   7.792   1.00 19.58 ? 206 GLU A C   1 
ATOM   394  O  O   . GLU A 1 59  ? 9.285   -0.536  7.244   1.00 18.91 ? 206 GLU A O   1 
ATOM   395  C  CB  A GLU A 1 59  ? 7.309   2.147   6.843   0.50 18.77 ? 206 GLU A CB  1 
ATOM   396  C  CB  B GLU A 1 59  ? 7.142   1.875   6.604   0.50 24.18 ? 206 GLU A CB  1 
ATOM   397  C  CG  A GLU A 1 59  ? 6.478   2.579   8.043   0.50 21.17 ? 206 GLU A CG  1 
ATOM   398  C  CG  B GLU A 1 59  ? 6.667   3.300   6.234   0.50 31.69 ? 206 GLU A CG  1 
ATOM   399  C  CD  A GLU A 1 59  ? 7.183   3.575   8.980   0.50 20.84 ? 206 GLU A CD  1 
ATOM   400  C  CD  B GLU A 1 59  ? 5.468   3.349   5.284   0.50 33.16 ? 206 GLU A CD  1 
ATOM   401  O  OE1 A GLU A 1 59  ? 7.938   3.121   9.849   0.50 14.27 ? 206 GLU A OE1 1 
ATOM   402  O  OE1 B GLU A 1 59  ? 5.540   4.130   4.310   0.50 41.72 ? 206 GLU A OE1 1 
ATOM   403  O  OE2 A GLU A 1 59  ? 7.012   4.791   8.790   0.50 35.32 ? 206 GLU A OE2 1 
ATOM   404  O  OE2 B GLU A 1 59  ? 4.448   2.644   5.501   0.50 39.98 ? 206 GLU A OE2 1 
ATOM   405  N  N   . ILE A 1 60  ? 8.372   0.463   9.059   1.00 19.78 ? 207 ILE A N   1 
ATOM   406  C  CA  . ILE A 1 60  ? 8.240   -0.717  9.905   1.00 19.72 ? 207 ILE A CA  1 
ATOM   407  C  C   . ILE A 1 60  ? 6.991   -0.451  10.760  1.00 21.16 ? 207 ILE A C   1 
ATOM   408  O  O   . ILE A 1 60  ? 6.777   0.655   11.247  1.00 21.68 ? 207 ILE A O   1 
ATOM   409  C  CB  . ILE A 1 60  ? 9.512   -1.029  10.715  1.00 19.19 ? 207 ILE A CB  1 
ATOM   410  C  CG1 . ILE A 1 60  ? 9.303   -2.289  11.562  1.00 20.74 ? 207 ILE A CG1 1 
ATOM   411  C  CG2 . ILE A 1 60  ? 9.946   0.193   11.607  1.00 23.11 ? 207 ILE A CG2 1 
ATOM   412  C  CD1 . ILE A 1 60  ? 10.574  -2.822  12.185  1.00 21.50 ? 207 ILE A CD1 1 
ATOM   413  N  N   . HIS A 1 61  ? 6.131   -1.465  10.881  1.00 16.91 ? 208 HIS A N   1 
ATOM   414  C  CA  . HIS A 1 61  ? 4.925   -1.430  11.705  1.00 20.05 ? 208 HIS A CA  1 
ATOM   415  C  C   . HIS A 1 61  ? 4.949   -2.614  12.655  1.00 18.32 ? 208 HIS A C   1 
ATOM   416  O  O   . HIS A 1 61  ? 4.430   -3.668  12.370  1.00 18.35 ? 208 HIS A O   1 
ATOM   417  C  CB  . HIS A 1 61  ? 3.679   -1.459  10.819  1.00 22.02 ? 208 HIS A CB  1 
ATOM   418  C  CG  . HIS A 1 61  ? 3.506   -0.174  10.051  1.00 23.64 ? 208 HIS A CG  1 
ATOM   419  N  ND1 . HIS A 1 61  ? 3.505   -0.099  8.676   1.00 30.21 ? 208 HIS A ND1 1 
ATOM   420  C  CD2 . HIS A 1 61  ? 3.448   1.101   10.499  1.00 26.24 ? 208 HIS A CD2 1 
ATOM   421  C  CE1 . HIS A 1 61  ? 3.376   1.170   8.313   1.00 23.92 ? 208 HIS A CE1 1 
ATOM   422  N  NE2 . HIS A 1 61  ? 3.345   1.915   9.398   1.00 33.70 ? 208 HIS A NE2 1 
ATOM   423  N  N   . PRO A 1 62  ? 5.485   -2.413  13.887  1.00 20.33 ? 209 PRO A N   1 
ATOM   424  C  CA  . PRO A 1 62  ? 5.561   -3.538  14.797  1.00 17.45 ? 209 PRO A CA  1 
ATOM   425  C  C   . PRO A 1 62  ? 4.244   -4.091  15.318  1.00 16.57 ? 209 PRO A C   1 
ATOM   426  O  O   . PRO A 1 62  ? 4.247   -5.202  15.857  1.00 16.85 ? 209 PRO A O   1 
ATOM   427  C  CB  . PRO A 1 62  ? 6.426   -2.994  15.963  1.00 21.11 ? 209 PRO A CB  1 
ATOM   428  C  CG  . PRO A 1 62  ? 6.348   -1.565  15.865  1.00 22.54 ? 209 PRO A CG  1 
ATOM   429  C  CD  . PRO A 1 62  ? 6.063   -1.186  14.450  1.00 22.45 ? 209 PRO A CD  1 
ATOM   430  N  N   . HIS A 1 63  ? 3.128   -3.355  15.171  1.00 16.02 ? 210 HIS A N   1 
ATOM   431  C  CA  . HIS A 1 63  ? 1.849   -3.775  15.713  1.00 16.57 ? 210 HIS A CA  1 
ATOM   432  C  C   . HIS A 1 63  ? 0.844   -4.293  14.695  1.00 16.29 ? 210 HIS A C   1 
ATOM   433  O  O   . HIS A 1 63  ? -0.268  -4.647  15.047  1.00 17.86 ? 210 HIS A O   1 
ATOM   434  C  CB  . HIS A 1 63  ? 1.204   -2.574  16.430  1.00 19.54 ? 210 HIS A CB  1 
ATOM   435  C  CG  . HIS A 1 63  ? 1.933   -2.092  17.642  1.00 21.32 ? 210 HIS A CG  1 
ATOM   436  N  ND1 . HIS A 1 63  ? 1.990   -2.822  18.798  1.00 25.27 ? 210 HIS A ND1 1 
ATOM   437  C  CD2 . HIS A 1 63  ? 2.569   -0.927  17.895  1.00 28.38 ? 210 HIS A CD2 1 
ATOM   438  C  CE1 . HIS A 1 63  ? 2.664   -2.137  19.716  1.00 21.47 ? 210 HIS A CE1 1 
ATOM   439  N  NE2 . HIS A 1 63  ? 3.024   -0.986  19.186  1.00 24.34 ? 210 HIS A NE2 1 
ATOM   440  N  N   . LEU A 1 64  ? 1.203   -4.322  13.421  1.00 16.13 ? 211 LEU A N   1 
ATOM   441  C  CA  . LEU A 1 64  ? 0.229   -4.683  12.406  1.00 18.18 ? 211 LEU A CA  1 
ATOM   442  C  C   . LEU A 1 64  ? 0.834   -5.471  11.272  1.00 16.66 ? 211 LEU A C   1 
ATOM   443  O  O   . LEU A 1 64  ? 2.031   -5.296  10.965  1.00 16.74 ? 211 LEU A O   1 
ATOM   444  C  CB  . LEU A 1 64  ? -0.518  -3.475  11.873  1.00 20.79 ? 211 LEU A CB  1 
ATOM   445  C  CG  . LEU A 1 64  ? 0.238   -2.384  11.219  1.00 23.37 ? 211 LEU A CG  1 
ATOM   446  C  CD1 . LEU A 1 64  ? 0.547   -2.722  9.778   1.00 25.31 ? 211 LEU A CD1 1 
ATOM   447  C  CD2 . LEU A 1 64  ? -0.526  -1.020  11.287  1.00 20.98 ? 211 LEU A CD2 1 
ATOM   448  N  N   . ASP A 1 65  ? -0.001  -6.280  10.639  1.00 16.07 ? 212 ASP A N   1 
ATOM   449  C  CA  . ASP A 1 65  ? 0.338   -6.970  9.385   1.00 14.72 ? 212 ASP A CA  1 
ATOM   450  C  C   . ASP A 1 65  ? -0.260  -6.165  8.233   1.00 16.18 ? 212 ASP A C   1 
ATOM   451  O  O   . ASP A 1 65  ? -1.267  -5.478  8.386   1.00 16.40 ? 212 ASP A O   1 
ATOM   452  C  CB  . ASP A 1 65  ? -0.279  -8.376  9.333   1.00 15.06 ? 212 ASP A CB  1 
ATOM   453  C  CG  . ASP A 1 65  ? 0.391   -9.381  10.233  1.00 13.85 ? 212 ASP A CG  1 
ATOM   454  O  OD1 . ASP A 1 65  ? 1.532   -9.117  10.749  1.00 15.59 ? 212 ASP A OD1 1 
ATOM   455  O  OD2 . ASP A 1 65  ? -0.229  -10.438 10.491  1.00 17.03 ? 212 ASP A OD2 1 
ATOM   456  N  N   . GLN A 1 66  ? 0.349   -6.271  7.063   1.00 15.66 ? 213 GLN A N   1 
ATOM   457  C  CA  A GLN A 1 66  ? -0.172  -5.571  5.879   0.50 16.51 ? 213 GLN A CA  1 
ATOM   458  C  CA  B GLN A 1 66  ? -0.193  -5.611  5.864   0.50 17.14 ? 213 GLN A CA  1 
ATOM   459  C  C   . GLN A 1 66  ? -0.229  -6.558  4.698   1.00 17.70 ? 213 GLN A C   1 
ATOM   460  O  O   . GLN A 1 66  ? 0.698   -7.389  4.505   1.00 18.78 ? 213 GLN A O   1 
ATOM   461  C  CB  A GLN A 1 66  ? 0.708   -4.330  5.586   0.50 16.73 ? 213 GLN A CB  1 
ATOM   462  C  CB  B GLN A 1 66  ? 0.687   -4.471  5.416   0.50 17.88 ? 213 GLN A CB  1 
ATOM   463  C  CG  A GLN A 1 66  ? 0.172   -3.339  4.488   0.50 13.53 ? 213 GLN A CG  1 
ATOM   464  C  CG  B GLN A 1 66  ? 0.928   -3.394  6.400   0.50 20.78 ? 213 GLN A CG  1 
ATOM   465  C  CD  A GLN A 1 66  ? 1.009   -2.081  4.284   0.50 17.34 ? 213 GLN A CD  1 
ATOM   466  C  CD  B GLN A 1 66  ? 2.268   -2.685  6.135   0.50 21.84 ? 213 GLN A CD  1 
ATOM   467  O  OE1 A GLN A 1 66  ? 1.969   -1.867  4.969   0.50 19.85 ? 213 GLN A OE1 1 
ATOM   468  O  OE1 B GLN A 1 66  ? 3.231   -2.761  6.953   0.50 24.94 ? 213 GLN A OE1 1 
ATOM   469  N  NE2 A GLN A 1 66  ? 0.596   -1.241  3.331   0.50 18.06 ? 213 GLN A NE2 1 
ATOM   470  N  NE2 B GLN A 1 66  ? 2.340   -2.013  4.988   0.50 31.02 ? 213 GLN A NE2 1 
ATOM   471  N  N   . PHE A 1 67  ? -1.289  -6.473  3.941   1.00 16.55 ? 214 PHE A N   1 
ATOM   472  C  CA  . PHE A 1 67  ? -1.477  -7.184  2.680   1.00 14.95 ? 214 PHE A CA  1 
ATOM   473  C  C   . PHE A 1 67  ? -1.560  -6.134  1.588   1.00 17.71 ? 214 PHE A C   1 
ATOM   474  O  O   . PHE A 1 67  ? -2.382  -5.228  1.703   1.00 18.31 ? 214 PHE A O   1 
ATOM   475  C  CB  . PHE A 1 67  ? -2.750  -8.016  2.753   1.00 15.68 ? 214 PHE A CB  1 
ATOM   476  C  CG  . PHE A 1 67  ? -3.204  -8.621  1.458   1.00 16.30 ? 214 PHE A CG  1 
ATOM   477  C  CD1 . PHE A 1 67  ? -3.995  -7.886  0.572   1.00 17.54 ? 214 PHE A CD1 1 
ATOM   478  C  CD2 . PHE A 1 67  ? -2.880  -9.925  1.138   1.00 16.33 ? 214 PHE A CD2 1 
ATOM   479  C  CE1 . PHE A 1 67  ? -4.430  -8.430  -0.602  1.00 18.34 ? 214 PHE A CE1 1 
ATOM   480  C  CE2 . PHE A 1 67  ? -3.358  -10.502 -0.065  1.00 18.30 ? 214 PHE A CE2 1 
ATOM   481  C  CZ  . PHE A 1 67  ? -4.123  -9.735  -0.910  1.00 17.86 ? 214 PHE A CZ  1 
ATOM   482  N  N   . LEU A 1 68  ? -0.791  -6.281  0.517   1.00 16.22 ? 215 LEU A N   1 
ATOM   483  C  CA  A LEU A 1 68  ? -0.902  -5.367  -0.635  0.50 17.18 ? 215 LEU A CA  1 
ATOM   484  C  CA  B LEU A 1 68  ? -0.898  -5.366  -0.639  0.50 16.85 ? 215 LEU A CA  1 
ATOM   485  C  C   . LEU A 1 68  ? -1.209  -6.190  -1.865  1.00 16.70 ? 215 LEU A C   1 
ATOM   486  O  O   . LEU A 1 68  ? -0.678  -7.292  -2.017  1.00 17.13 ? 215 LEU A O   1 
ATOM   487  C  CB  A LEU A 1 68  ? 0.379   -4.525  -0.866  0.50 18.35 ? 215 LEU A CB  1 
ATOM   488  C  CB  B LEU A 1 68  ? 0.392   -4.559  -0.915  0.50 18.43 ? 215 LEU A CB  1 
ATOM   489  C  CG  A LEU A 1 68  ? 0.653   -3.487  0.235   0.50 14.18 ? 215 LEU A CG  1 
ATOM   490  C  CG  B LEU A 1 68  ? 1.211   -3.962  0.227   0.50 19.38 ? 215 LEU A CG  1 
ATOM   491  C  CD1 A LEU A 1 68  ? 1.382   -4.168  1.406   0.50 22.20 ? 215 LEU A CD1 1 
ATOM   492  C  CD1 B LEU A 1 68  ? 2.249   -2.962  -0.336  0.50 17.98 ? 215 LEU A CD1 1 
ATOM   493  C  CD2 A LEU A 1 68  ? 1.407   -2.331  -0.190  0.50 21.56 ? 215 LEU A CD2 1 
ATOM   494  C  CD2 B LEU A 1 68  ? 0.381   -3.320  1.347   0.50 26.58 ? 215 LEU A CD2 1 
ATOM   495  N  N   . ARG A 1 69  ? -2.068  -5.673  -2.729  1.00 16.32 ? 216 ARG A N   1 
ATOM   496  C  CA  A ARG A 1 69  ? -2.321  -6.326  -3.983  0.50 17.17 ? 216 ARG A CA  1 
ATOM   497  C  CA  B ARG A 1 69  ? -2.361  -6.298  -3.978  0.50 16.33 ? 216 ARG A CA  1 
ATOM   498  C  C   . ARG A 1 69  ? -2.084  -5.315  -5.113  1.00 18.35 ? 216 ARG A C   1 
ATOM   499  O  O   . ARG A 1 69  ? -2.681  -4.227  -5.129  1.00 18.58 ? 216 ARG A O   1 
ATOM   500  C  CB  A ARG A 1 69  ? -3.747  -6.899  -4.020  0.50 18.66 ? 216 ARG A CB  1 
ATOM   501  C  CB  B ARG A 1 69  ? -3.834  -6.699  -4.006  0.50 17.44 ? 216 ARG A CB  1 
ATOM   502  C  CG  A ARG A 1 69  ? -3.981  -8.170  -4.907  0.50 23.00 ? 216 ARG A CG  1 
ATOM   503  C  CG  B ARG A 1 69  ? -4.419  -6.980  -5.387  0.50 17.35 ? 216 ARG A CG  1 
ATOM   504  C  CD  A ARG A 1 69  ? -4.283  -7.857  -6.324  0.50 23.71 ? 216 ARG A CD  1 
ATOM   505  C  CD  B ARG A 1 69  ? -3.805  -8.150  -6.039  0.50 17.96 ? 216 ARG A CD  1 
ATOM   506  N  NE  A ARG A 1 69  ? -4.940  -8.976  -7.037  0.50 24.07 ? 216 ARG A NE  1 
ATOM   507  N  NE  B ARG A 1 69  ? -4.334  -8.325  -7.410  0.50 16.30 ? 216 ARG A NE  1 
ATOM   508  C  CZ  A ARG A 1 69  ? -5.020  -9.067  -8.364  0.50 30.68 ? 216 ARG A CZ  1 
ATOM   509  C  CZ  B ARG A 1 69  ? -5.428  -9.018  -7.735  0.50 18.31 ? 216 ARG A CZ  1 
ATOM   510  N  NH1 A ARG A 1 69  ? -4.454  -8.146  -9.132  0.50 22.38 ? 216 ARG A NH1 1 
ATOM   511  N  NH1 B ARG A 1 69  ? -5.806  -9.077  -9.031  0.50 23.64 ? 216 ARG A NH1 1 
ATOM   512  N  NH2 A ARG A 1 69  ? -5.658  -10.089 -8.939  0.50 21.61 ? 216 ARG A NH2 1 
ATOM   513  N  NH2 B ARG A 1 69  ? -6.130  -9.659  -6.821  0.50 22.77 ? 216 ARG A NH2 1 
ATOM   514  N  N   . VAL A 1 70  ? -1.237  -5.696  -6.059  1.00 15.98 ? 217 VAL A N   1 
ATOM   515  C  CA  . VAL A 1 70  ? -0.964  -4.888  -7.230  1.00 16.41 ? 217 VAL A CA  1 
ATOM   516  C  C   . VAL A 1 70  ? -2.010  -5.165  -8.281  1.00 18.19 ? 217 VAL A C   1 
ATOM   517  O  O   . VAL A 1 70  ? -2.173  -6.303  -8.719  1.00 17.77 ? 217 VAL A O   1 
ATOM   518  C  CB  . VAL A 1 70  ? 0.440   -5.214  -7.799  1.00 17.04 ? 217 VAL A CB  1 
ATOM   519  C  CG1 . VAL A 1 70  ? 0.701   -4.387  -9.068  1.00 16.85 ? 217 VAL A CG1 1 
ATOM   520  C  CG2 . VAL A 1 70  ? 1.501   -4.933  -6.780  1.00 19.88 ? 217 VAL A CG2 1 
ATOM   521  N  N   . GLU A 1 71  ? -2.727  -4.115  -8.668  1.00 18.10 ? 218 GLU A N   1 
ATOM   522  C  CA  . GLU A 1 71  ? -3.731  -4.212  -9.744  1.00 18.96 ? 218 GLU A CA  1 
ATOM   523  C  C   . GLU A 1 71  ? -3.165  -3.795  -11.072 1.00 18.83 ? 218 GLU A C   1 
ATOM   524  O  O   . GLU A 1 71  ? -3.636  -4.309  -12.132 1.00 20.55 ? 218 GLU A O   1 
ATOM   525  C  CB  . GLU A 1 71  ? -4.975  -3.399  -9.397  1.00 19.63 ? 218 GLU A CB  1 
ATOM   526  C  CG  . GLU A 1 71  ? -5.851  -4.068  -8.311  1.00 20.79 ? 218 GLU A CG  1 
ATOM   527  C  CD  . GLU A 1 71  ? -6.617  -5.278  -8.830  1.00 26.47 ? 218 GLU A CD  1 
ATOM   528  O  OE1 . GLU A 1 71  ? -6.683  -5.533  -10.047 1.00 28.85 ? 218 GLU A OE1 1 
ATOM   529  O  OE2 . GLU A 1 71  ? -7.155  -5.997  -8.012  1.00 29.35 ? 218 GLU A OE2 1 
ATOM   530  N  N   . GLU A 1 72  ? -2.134  -2.918  -11.114 1.00 17.54 ? 219 GLU A N   1 
ATOM   531  C  CA  . GLU A 1 72  ? -1.549  -2.476  -12.365 1.00 18.09 ? 219 GLU A CA  1 
ATOM   532  C  C   . GLU A 1 72  ? -0.159  -1.975  -12.120 1.00 18.06 ? 219 GLU A C   1 
ATOM   533  O  O   . GLU A 1 72  ? 0.079   -1.247  -11.160 1.00 17.05 ? 219 GLU A O   1 
ATOM   534  C  CB  . GLU A 1 72  ? -2.401  -1.341  -12.983 1.00 17.83 ? 219 GLU A CB  1 
ATOM   535  C  CG  . GLU A 1 72  ? -1.901  -0.895  -14.353 1.00 19.38 ? 219 GLU A CG  1 
ATOM   536  C  CD  . GLU A 1 72  ? -2.917  -0.021  -15.052 1.00 22.62 ? 219 GLU A CD  1 
ATOM   537  O  OE1 . GLU A 1 72  ? -3.822  -0.627  -15.690 1.00 23.05 ? 219 GLU A OE1 1 
ATOM   538  O  OE2 . GLU A 1 72  ? -2.884  1.210   -14.826 1.00 21.98 ? 219 GLU A OE2 1 
ATOM   539  N  N   . GLY A 1 73  ? 0.753   -2.353  -12.992 1.00 19.16 ? 220 GLY A N   1 
ATOM   540  C  CA  . GLY A 1 73  ? 2.102   -1.839  -12.973 1.00 16.98 ? 220 GLY A CA  1 
ATOM   541  C  C   . GLY A 1 73  ? 3.130   -2.871  -12.523 1.00 18.06 ? 220 GLY A C   1 
ATOM   542  O  O   . GLY A 1 73  ? 2.850   -4.053  -12.380 1.00 20.76 ? 220 GLY A O   1 
ATOM   543  N  N   . ARG A 1 74  ? 4.321   -2.354  -12.273 1.00 17.61 ? 221 ARG A N   1 
ATOM   544  C  CA  A ARG A 1 74  ? 5.448   -3.163  -11.856 0.50 19.23 ? 221 ARG A CA  1 
ATOM   545  C  CA  B ARG A 1 74  ? 5.509   -3.127  -11.903 0.50 18.68 ? 221 ARG A CA  1 
ATOM   546  C  C   . ARG A 1 74  ? 6.199   -2.457  -10.746 1.00 20.32 ? 221 ARG A C   1 
ATOM   547  O  O   . ARG A 1 74  ? 6.442   -1.247  -10.778 1.00 17.69 ? 221 ARG A O   1 
ATOM   548  C  CB  A ARG A 1 74  ? 6.401   -3.407  -13.028 0.50 21.67 ? 221 ARG A CB  1 
ATOM   549  C  CB  B ARG A 1 74  ? 6.518   -3.119  -13.060 0.50 19.25 ? 221 ARG A CB  1 
ATOM   550  C  CG  A ARG A 1 74  ? 7.491   -4.414  -12.695 0.50 24.85 ? 221 ARG A CG  1 
ATOM   551  C  CG  B ARG A 1 74  ? 5.965   -3.704  -14.308 0.50 22.90 ? 221 ARG A CG  1 
ATOM   552  N  N   . GLY A 1 75  ? 6.604   -3.232  -9.772  1.00 20.30 ? 222 GLY A N   1 
ATOM   553  C  CA  . GLY A 1 75  ? 7.375   -2.666  -8.676  1.00 21.05 ? 222 GLY A CA  1 
ATOM   554  C  C   . GLY A 1 75  ? 8.409   -3.609  -8.150  1.00 19.47 ? 222 GLY A C   1 
ATOM   555  O  O   . GLY A 1 75  ? 8.579   -4.726  -8.643  1.00 17.86 ? 222 GLY A O   1 
ATOM   556  N  N   . LEU A 1 76  ? 9.129   -3.099  -7.159  1.00 18.07 ? 223 LEU A N   1 
ATOM   557  C  CA  . LEU A 1 76  ? 10.180  -3.845  -6.444  1.00 17.66 ? 223 LEU A CA  1 
ATOM   558  C  C   . LEU A 1 76  ? 9.854   -3.735  -4.963  1.00 19.07 ? 223 LEU A C   1 
ATOM   559  O  O   . LEU A 1 76  ? 9.750   -2.631  -4.432  1.00 18.36 ? 223 LEU A O   1 
ATOM   560  C  CB  . LEU A 1 76  ? 11.548  -3.220  -6.708  1.00 16.73 ? 223 LEU A CB  1 
ATOM   561  C  CG  . LEU A 1 76  ? 12.720  -3.917  -5.973  1.00 21.48 ? 223 LEU A CG  1 
ATOM   562  C  CD1 . LEU A 1 76  ? 12.906  -5.370  -6.439  1.00 23.29 ? 223 LEU A CD1 1 
ATOM   563  C  CD2 . LEU A 1 76  ? 14.062  -3.117  -6.067  1.00 23.64 ? 223 LEU A CD2 1 
ATOM   564  N  N   . VAL A 1 77  ? 9.677   -4.889  -4.315  1.00 17.80 ? 224 VAL A N   1 
ATOM   565  C  CA  A VAL A 1 77  ? 9.435   -5.020  -2.899  0.50 17.65 ? 224 VAL A CA  1 
ATOM   566  C  CA  B VAL A 1 77  ? 9.468   -4.896  -2.853  0.50 16.48 ? 224 VAL A CA  1 
ATOM   567  C  C   . VAL A 1 77  ? 10.755  -5.340  -2.178  1.00 17.60 ? 224 VAL A C   1 
ATOM   568  O  O   . VAL A 1 77  ? 11.456  -6.230  -2.645  1.00 18.98 ? 224 VAL A O   1 
ATOM   569  C  CB  A VAL A 1 77  ? 8.428   -6.187  -2.713  0.50 19.88 ? 224 VAL A CB  1 
ATOM   570  C  CB  B VAL A 1 77  ? 8.229   -5.750  -2.335  0.50 15.69 ? 224 VAL A CB  1 
ATOM   571  C  CG1 A VAL A 1 77  ? 8.227   -6.532  -1.269  0.50 18.17 ? 224 VAL A CG1 1 
ATOM   572  C  CG1 B VAL A 1 77  ? 8.447   -7.228  -2.569  0.50 17.98 ? 224 VAL A CG1 1 
ATOM   573  C  CG2 A VAL A 1 77  ? 7.101   -5.848  -3.417  0.50 19.39 ? 224 VAL A CG2 1 
ATOM   574  C  CG2 B VAL A 1 77  ? 7.892   -5.485  -0.813  0.50 15.57 ? 224 VAL A CG2 1 
ATOM   575  N  N   . GLN A 1 78  ? 11.064  -4.616  -1.108  1.00 18.22 ? 225 GLN A N   1 
ATOM   576  C  CA  . GLN A 1 78  ? 12.312  -4.791  -0.337  1.00 17.32 ? 225 GLN A CA  1 
ATOM   577  C  C   . GLN A 1 78  ? 11.934  -4.945  1.095   1.00 16.57 ? 225 GLN A C   1 
ATOM   578  O  O   . GLN A 1 78  ? 11.170  -4.123  1.640   1.00 17.27 ? 225 GLN A O   1 
ATOM   579  C  CB  . GLN A 1 78  ? 13.214  -3.569  -0.506  1.00 18.40 ? 225 GLN A CB  1 
ATOM   580  C  CG  . GLN A 1 78  ? 13.490  -3.250  -1.939  1.00 20.84 ? 225 GLN A CG  1 
ATOM   581  C  CD  . GLN A 1 78  ? 14.251  -1.963  -2.154  1.00 24.11 ? 225 GLN A CD  1 
ATOM   582  O  OE1 . GLN A 1 78  ? 13.864  -0.888  -1.658  1.00 20.51 ? 225 GLN A OE1 1 
ATOM   583  N  NE2 . GLN A 1 78  ? 15.331  -2.064  -2.906  1.00 26.94 ? 225 GLN A NE2 1 
HETATM 584  N  N   . MSE A 1 79  ? 12.401  -6.054  1.717   1.00 16.04 ? 226 MSE A N   1 
HETATM 585  C  CA  . MSE A 1 79  ? 12.057  -6.344  3.084   1.00 16.04 ? 226 MSE A CA  1 
HETATM 586  C  C   . MSE A 1 79  ? 13.213  -6.931  3.865   1.00 17.20 ? 226 MSE A C   1 
HETATM 587  O  O   . MSE A 1 79  ? 14.075  -7.580  3.301   1.00 19.35 ? 226 MSE A O   1 
HETATM 588  C  CB  . MSE A 1 79  ? 10.857  -7.317  3.168   1.00 17.41 ? 226 MSE A CB  1 
HETATM 589  C  CG  . MSE A 1 79  ? 9.514   -6.725  2.680   1.00 15.39 ? 226 MSE A CG  1 
HETATM 590  SE SE  . MSE A 1 79  ? 7.942   -7.715  3.102   0.75 19.49 ? 226 MSE A SE  1 
HETATM 591  C  CE  . MSE A 1 79  ? 7.790   -8.743  1.648   1.00 20.84 ? 226 MSE A CE  1 
ATOM   592  N  N   . GLY A 1 80  ? 13.191  -6.638  5.131   1.00 17.15 ? 227 GLY A N   1 
ATOM   593  C  CA  . GLY A 1 80  ? 14.177  -7.230  6.013   1.00 19.46 ? 227 GLY A CA  1 
ATOM   594  C  C   . GLY A 1 80  ? 13.811  -7.057  7.427   1.00 21.04 ? 227 GLY A C   1 
ATOM   595  O  O   . GLY A 1 80  ? 13.041  -6.198  7.836   1.00 20.49 ? 227 GLY A O   1 
ATOM   596  N  N   . HIS A 1 81  ? 14.560  -7.873  8.162   1.00 28.92 ? 228 HIS A N   1 
ATOM   597  C  CA  A HIS A 1 81  ? 14.639  -7.912  9.582   0.50 27.38 ? 228 HIS A CA  1 
ATOM   598  C  CA  B HIS A 1 81  ? 14.516  -7.863  9.602   0.50 28.80 ? 228 HIS A CA  1 
ATOM   599  C  C   . HIS A 1 81  ? 15.202  -6.590  10.167  1.00 27.43 ? 228 HIS A C   1 
ATOM   600  O  O   . HIS A 1 81  ? 14.713  -6.005  11.135  1.00 27.89 ? 228 HIS A O   1 
ATOM   601  C  CB  A HIS A 1 81  ? 15.618  -9.074  9.833   0.50 28.15 ? 228 HIS A CB  1 
ATOM   602  C  CB  B HIS A 1 81  ? 15.137  -9.165  10.188  0.50 30.47 ? 228 HIS A CB  1 
ATOM   603  C  CG  A HIS A 1 81  ? 15.553  -9.651  11.186  0.50 14.02 ? 228 HIS A CG  1 
ATOM   604  C  CG  B HIS A 1 81  ? 15.736  -8.969  11.533  0.50 26.15 ? 228 HIS A CG  1 
ATOM   605  N  ND1 A HIS A 1 81  ? 16.670  -10.182 11.801  0.50 13.75 ? 228 HIS A ND1 1 
ATOM   606  N  ND1 B HIS A 1 81  ? 17.048  -9.286  11.824  0.50 22.46 ? 228 HIS A ND1 1 
ATOM   607  C  CD2 A HIS A 1 81  ? 14.527  -9.819  12.047  0.50 25.98 ? 228 HIS A CD2 1 
ATOM   608  C  CD2 B HIS A 1 81  ? 15.212  -8.451  12.667  0.50 23.87 ? 228 HIS A CD2 1 
ATOM   609  C  CE1 A HIS A 1 81  ? 16.332  -10.638 12.991  0.50 21.46 ? 228 HIS A CE1 1 
ATOM   610  C  CE1 B HIS A 1 81  ? 17.300  -8.964  13.077  0.50 30.84 ? 228 HIS A CE1 1 
ATOM   611  N  NE2 A HIS A 1 81  ? 15.042  -10.429 13.168  0.50 21.01 ? 228 HIS A NE2 1 
ATOM   612  N  NE2 B HIS A 1 81  ? 16.205  -8.442  13.602  0.50 26.95 ? 228 HIS A NE2 1 
ATOM   613  N  N   . ARG A 1 82  ? 16.258  -6.124  9.530   1.00 24.38 ? 229 ARG A N   1 
ATOM   614  C  CA  . ARG A 1 82  ? 16.913  -4.884  9.930   1.00 24.13 ? 229 ARG A CA  1 
ATOM   615  C  C   . ARG A 1 82  ? 16.853  -3.885  8.793   1.00 22.19 ? 229 ARG A C   1 
ATOM   616  O  O   . ARG A 1 82  ? 16.928  -4.266  7.617   1.00 21.53 ? 229 ARG A O   1 
ATOM   617  C  CB  . ARG A 1 82  ? 18.357  -5.159  10.259  1.00 22.91 ? 229 ARG A CB  1 
ATOM   618  C  CG  . ARG A 1 82  ? 18.554  -5.837  11.632  1.00 26.93 ? 229 ARG A CG  1 
ATOM   619  C  CD  . ARG A 1 82  ? 20.012  -5.947  11.926  1.00 30.13 ? 229 ARG A CD  1 
ATOM   620  N  NE  . ARG A 1 82  ? 20.762  -4.682  11.913  1.00 30.71 ? 229 ARG A NE  1 
ATOM   621  C  CZ  . ARG A 1 82  ? 20.928  -3.873  12.966  1.00 34.92 ? 229 ARG A CZ  1 
ATOM   622  N  NH1 . ARG A 1 82  ? 20.398  -4.161  14.155  1.00 34.34 ? 229 ARG A NH1 1 
ATOM   623  N  NH2 . ARG A 1 82  ? 21.636  -2.758  12.832  1.00 35.36 ? 229 ARG A NH2 1 
ATOM   624  N  N   . GLN A 1 83  ? 16.760  -2.619  9.183   1.00 22.75 ? 230 GLN A N   1 
ATOM   625  C  CA  . GLN A 1 83  ? 16.642  -1.502  8.266   1.00 22.61 ? 230 GLN A CA  1 
ATOM   626  C  C   . GLN A 1 83  ? 17.805  -1.487  7.307   1.00 21.90 ? 230 GLN A C   1 
ATOM   627  O  O   . GLN A 1 83  ? 17.642  -1.136  6.159   1.00 20.99 ? 230 GLN A O   1 
ATOM   628  C  CB  . GLN A 1 83  ? 16.643  -0.203  9.078   1.00 25.84 ? 230 GLN A CB  1 
ATOM   629  C  CG  . GLN A 1 83  ? 16.348  0.994   8.285   1.00 29.04 ? 230 GLN A CG  1 
ATOM   630  C  CD  . GLN A 1 83  ? 16.522  2.286   9.066   1.00 27.62 ? 230 GLN A CD  1 
ATOM   631  O  OE1 . GLN A 1 83  ? 16.735  2.285   10.298  1.00 29.33 ? 230 GLN A OE1 1 
ATOM   632  N  NE2 . GLN A 1 83  ? 16.417  3.386   8.361   1.00 29.86 ? 230 GLN A NE2 1 
ATOM   633  N  N   . ASP A 1 84  ? 18.985  -1.886  7.800   1.00 23.19 ? 231 ASP A N   1 
ATOM   634  C  CA  . ASP A 1 84  ? 20.197  -1.785  7.004   1.00 23.45 ? 231 ASP A CA  1 
ATOM   635  C  C   . ASP A 1 84  ? 20.472  -3.038  6.167   1.00 23.75 ? 231 ASP A C   1 
ATOM   636  O  O   . ASP A 1 84  ? 21.552  -3.146  5.567   1.00 21.76 ? 231 ASP A O   1 
ATOM   637  C  CB  . ASP A 1 84  ? 21.403  -1.441  7.898   1.00 23.93 ? 231 ASP A CB  1 
ATOM   638  C  CG  . ASP A 1 84  ? 21.703  -2.489  8.965   1.00 24.58 ? 231 ASP A CG  1 
ATOM   639  O  OD1 . ASP A 1 84  ? 21.092  -3.574  8.984   1.00 19.74 ? 231 ASP A OD1 1 
ATOM   640  O  OD2 . ASP A 1 84  ? 22.551  -2.223  9.872   1.00 29.85 ? 231 ASP A OD2 1 
ATOM   641  N  N   . ASN A 1 85  ? 19.536  -3.993  6.158   1.00 20.41 ? 232 ASN A N   1 
ATOM   642  C  CA  . ASN A 1 85  ? 19.707  -5.183  5.331   1.00 18.69 ? 232 ASN A CA  1 
ATOM   643  C  C   . ASN A 1 85  ? 18.420  -5.710  4.768   1.00 21.31 ? 232 ASN A C   1 
ATOM   644  O  O   . ASN A 1 85  ? 17.815  -6.655  5.313   1.00 17.85 ? 232 ASN A O   1 
ATOM   645  C  CB  . ASN A 1 85  ? 20.426  -6.334  6.113   1.00 16.49 ? 232 ASN A CB  1 
ATOM   646  C  CG  . ASN A 1 85  ? 20.783  -7.483  5.199   1.00 21.68 ? 232 ASN A CG  1 
ATOM   647  O  OD1 . ASN A 1 85  ? 20.679  -7.362  3.981   1.00 24.51 ? 232 ASN A OD1 1 
ATOM   648  N  ND2 . ASN A 1 85  ? 21.130  -8.621  5.767   1.00 20.43 ? 232 ASN A ND2 1 
ATOM   649  N  N   . LEU A 1 86  ? 17.951  -5.094  3.686   1.00 18.10 ? 233 LEU A N   1 
ATOM   650  C  CA  . LEU A 1 86  ? 16.677  -5.502  3.078   1.00 17.91 ? 233 LEU A CA  1 
ATOM   651  C  C   . LEU A 1 86  ? 16.955  -6.631  2.083   1.00 18.57 ? 233 LEU A C   1 
ATOM   652  O  O   . LEU A 1 86  ? 17.029  -6.454  0.864   1.00 21.57 ? 233 LEU A O   1 
ATOM   653  C  CB  . LEU A 1 86  ? 15.981  -4.286  2.431   1.00 17.98 ? 233 LEU A CB  1 
ATOM   654  C  CG  . LEU A 1 86  ? 15.795  -3.111  3.376   1.00 19.61 ? 233 LEU A CG  1 
ATOM   655  C  CD1 . LEU A 1 86  ? 15.186  -1.934  2.555   1.00 22.92 ? 233 LEU A CD1 1 
ATOM   656  C  CD2 . LEU A 1 86  ? 14.893  -3.443  4.529   1.00 19.07 ? 233 LEU A CD2 1 
ATOM   657  N  N   . HIS A 1 87  ? 17.228  -7.829  2.648   1.00 19.87 ? 234 HIS A N   1 
ATOM   658  C  CA  . HIS A 1 87  ? 17.726  -8.901  1.814   1.00 18.74 ? 234 HIS A CA  1 
ATOM   659  C  C   . HIS A 1 87  ? 16.662  -9.610  0.999   1.00 20.13 ? 234 HIS A C   1 
ATOM   660  O  O   . HIS A 1 87  ? 16.995  -10.296 0.071   1.00 21.75 ? 234 HIS A O   1 
ATOM   661  C  CB  . HIS A 1 87  ? 18.467  -9.955  2.660   1.00 20.86 ? 234 HIS A CB  1 
ATOM   662  C  CG  . HIS A 1 87  ? 17.688  -10.417 3.834   1.00 20.16 ? 234 HIS A CG  1 
ATOM   663  N  ND1 . HIS A 1 87  ? 16.642  -11.323 3.750   1.00 22.18 ? 234 HIS A ND1 1 
ATOM   664  C  CD2 . HIS A 1 87  ? 17.771  -10.067 5.140   1.00 29.60 ? 234 HIS A CD2 1 
ATOM   665  C  CE1 . HIS A 1 87  ? 16.105  -11.482 4.941   1.00 24.27 ? 234 HIS A CE1 1 
ATOM   666  N  NE2 . HIS A 1 87  ? 16.789  -10.752 5.808   1.00 28.17 ? 234 HIS A NE2 1 
ATOM   667  N  N   . PHE A 1 88  ? 15.386  -9.386  1.319   1.00 20.14 ? 235 PHE A N   1 
ATOM   668  C  CA  . PHE A 1 88  ? 14.249  -9.885  0.512   1.00 19.07 ? 235 PHE A CA  1 
ATOM   669  C  C   . PHE A 1 88  ? 14.000  -8.820  -0.539  1.00 19.60 ? 235 PHE A C   1 
ATOM   670  O  O   . PHE A 1 88  ? 13.688  -7.688  -0.190  1.00 20.08 ? 235 PHE A O   1 
ATOM   671  C  CB  . PHE A 1 88  ? 13.032  -10.066 1.392   1.00 17.87 ? 235 PHE A CB  1 
ATOM   672  C  CG  . PHE A 1 88  ? 11.813  -10.618 0.672   1.00 18.80 ? 235 PHE A CG  1 
ATOM   673  C  CD1 . PHE A 1 88  ? 11.044  -9.796  -0.114  1.00 20.34 ? 235 PHE A CD1 1 
ATOM   674  C  CD2 . PHE A 1 88  ? 11.456  -11.964 0.798   1.00 23.26 ? 235 PHE A CD2 1 
ATOM   675  C  CE1 . PHE A 1 88  ? 9.881   -10.340 -0.760  1.00 21.69 ? 235 PHE A CE1 1 
ATOM   676  C  CE2 . PHE A 1 88  ? 10.348  -12.488 0.155   1.00 23.86 ? 235 PHE A CE2 1 
ATOM   677  C  CZ  . PHE A 1 88  ? 9.574   -11.685 -0.632  1.00 24.68 ? 235 PHE A CZ  1 
ATOM   678  N  N   . GLN A 1 89  ? 14.189  -9.180  -1.796  1.00 18.81 ? 236 GLN A N   1 
ATOM   679  C  CA  . GLN A 1 89  ? 14.050  -8.235  -2.921  1.00 21.30 ? 236 GLN A CA  1 
ATOM   680  C  C   . GLN A 1 89  ? 13.365  -9.018  -4.008  1.00 22.21 ? 236 GLN A C   1 
ATOM   681  O  O   . GLN A 1 89  ? 13.942  -9.949  -4.557  1.00 21.53 ? 236 GLN A O   1 
ATOM   682  C  CB  . GLN A 1 89  ? 15.392  -7.745  -3.424  1.00 23.21 ? 236 GLN A CB  1 
ATOM   683  C  CG  . GLN A 1 89  ? 16.293  -7.053  -2.407  1.00 28.49 ? 236 GLN A CG  1 
ATOM   684  C  CD  . GLN A 1 89  ? 16.323  -5.545  -2.504  1.00 35.15 ? 236 GLN A CD  1 
ATOM   685  O  OE1 . GLN A 1 89  ? 16.219  -4.983  -3.597  1.00 29.06 ? 236 GLN A OE1 1 
ATOM   686  N  NE2 . GLN A 1 89  ? 16.504  -4.876  -1.356  1.00 34.58 ? 236 GLN A NE2 1 
ATOM   687  N  N   . GLU A 1 90  ? 12.118  -8.664  -4.307  1.00 20.46 ? 237 GLU A N   1 
ATOM   688  C  CA  A GLU A 1 90  ? 11.331  -9.377  -5.297  0.50 18.63 ? 237 GLU A CA  1 
ATOM   689  C  CA  B GLU A 1 90  ? 11.361  -9.366  -5.326  0.50 21.05 ? 237 GLU A CA  1 
ATOM   690  C  C   . GLU A 1 90  ? 10.533  -8.378  -6.146  1.00 20.36 ? 237 GLU A C   1 
ATOM   691  O  O   . GLU A 1 90  ? 9.974   -7.394  -5.629  1.00 20.65 ? 237 GLU A O   1 
ATOM   692  C  CB  A GLU A 1 90  ? 10.337  -10.339 -4.659  0.50 20.92 ? 237 GLU A CB  1 
ATOM   693  C  CB  B GLU A 1 90  ? 10.446  -10.445 -4.746  0.50 22.06 ? 237 GLU A CB  1 
ATOM   694  C  CG  A GLU A 1 90  ? 10.945  -11.447 -3.792  0.50 23.46 ? 237 GLU A CG  1 
ATOM   695  C  CG  B GLU A 1 90  ? 11.209  -11.600 -4.098  0.50 25.39 ? 237 GLU A CG  1 
ATOM   696  C  CD  A GLU A 1 90  ? 11.750  -12.479 -4.582  0.50 30.78 ? 237 GLU A CD  1 
ATOM   697  C  CD  B GLU A 1 90  ? 10.368  -12.850 -3.817  0.50 29.42 ? 237 GLU A CD  1 
ATOM   698  O  OE1 A GLU A 1 90  ? 11.625  -12.523 -5.817  0.50 26.29 ? 237 GLU A OE1 1 
ATOM   699  O  OE1 B GLU A 1 90  ? 9.193   -12.923 -4.230  0.50 37.96 ? 237 GLU A OE1 1 
ATOM   700  O  OE2 A GLU A 1 90  ? 12.504  -13.258 -3.959  0.50 31.41 ? 237 GLU A OE2 1 
ATOM   701  O  OE2 B GLU A 1 90  ? 10.913  -13.784 -3.174  0.50 47.37 ? 237 GLU A OE2 1 
ATOM   702  N  N   . GLU A 1 91  ? 10.461  -8.659  -7.429  1.00 20.09 ? 238 GLU A N   1 
ATOM   703  C  CA  . GLU A 1 91  ? 9.600   -7.899  -8.306  1.00 19.88 ? 238 GLU A CA  1 
ATOM   704  C  C   . GLU A 1 91  ? 8.153   -8.290  -8.101  1.00 19.61 ? 238 GLU A C   1 
ATOM   705  O  O   . GLU A 1 91  ? 7.804   -9.439  -7.749  1.00 22.24 ? 238 GLU A O   1 
ATOM   706  C  CB  . GLU A 1 91  ? 9.981   -8.160  -9.757  1.00 21.59 ? 238 GLU A CB  1 
ATOM   707  C  CG  . GLU A 1 91  ? 11.317  -7.610  -10.123 1.00 24.22 ? 238 GLU A CG  1 
ATOM   708  C  CD  . GLU A 1 91  ? 11.471  -7.562  -11.631 1.00 31.19 ? 238 GLU A CD  1 
ATOM   709  O  OE1 . GLU A 1 91  ? 11.791  -8.615  -12.206 1.00 34.03 ? 238 GLU A OE1 1 
ATOM   710  O  OE2 . GLU A 1 91  ? 11.231  -6.495  -12.226 1.00 31.34 ? 238 GLU A OE2 1 
ATOM   711  N  N   . VAL A 1 92  ? 7.282   -7.324  -8.296  1.00 17.36 ? 239 VAL A N   1 
ATOM   712  C  CA  . VAL A 1 92  ? 5.875   -7.559  -8.225  1.00 18.39 ? 239 VAL A CA  1 
ATOM   713  C  C   . VAL A 1 92  ? 5.222   -6.937  -9.464  1.00 20.31 ? 239 VAL A C   1 
ATOM   714  O  O   . VAL A 1 92  ? 5.704   -5.960  -10.004 1.00 20.41 ? 239 VAL A O   1 
ATOM   715  C  CB  . VAL A 1 92  ? 5.233   -6.955  -6.987  1.00 20.24 ? 239 VAL A CB  1 
ATOM   716  C  CG1 . VAL A 1 92  ? 5.784   -7.669  -5.762  1.00 25.14 ? 239 VAL A CG1 1 
ATOM   717  C  CG2 . VAL A 1 92  ? 5.472   -5.502  -6.865  1.00 19.67 ? 239 VAL A CG2 1 
ATOM   718  N  N   . PHE A 1 93  ? 4.168   -7.578  -9.903  1.00 20.64 ? 240 PHE A N   1 
ATOM   719  C  CA  . PHE A 1 93  ? 3.440   -7.204  -11.108 1.00 21.72 ? 240 PHE A CA  1 
ATOM   720  C  C   . PHE A 1 93  ? 1.977   -7.287  -10.854 1.00 18.75 ? 240 PHE A C   1 
ATOM   721  O  O   . PHE A 1 93  ? 1.515   -7.686  -9.788  1.00 17.39 ? 240 PHE A O   1 
ATOM   722  C  CB  . PHE A 1 93  ? 3.811   -8.184  -12.234 1.00 22.57 ? 240 PHE A CB  1 
ATOM   723  C  CG  . PHE A 1 93  ? 5.275   -8.330  -12.418 1.00 24.78 ? 240 PHE A CG  1 
ATOM   724  C  CD1 . PHE A 1 93  ? 6.011   -7.361  -13.103 1.00 33.34 ? 240 PHE A CD1 1 
ATOM   725  C  CD2 . PHE A 1 93  ? 5.927   -9.433  -11.923 1.00 29.71 ? 240 PHE A CD2 1 
ATOM   726  C  CE1 . PHE A 1 93  ? 7.399   -7.514  -13.254 1.00 32.51 ? 240 PHE A CE1 1 
ATOM   727  C  CE2 . PHE A 1 93  ? 7.302   -9.579  -12.066 1.00 33.92 ? 240 PHE A CE2 1 
ATOM   728  C  CZ  . PHE A 1 93  ? 8.032   -8.607  -12.708 1.00 25.04 ? 240 PHE A CZ  1 
ATOM   729  N  N   . ASP A 1 94  ? 1.210   -6.909  -11.873 1.00 18.32 ? 241 ASP A N   1 
ATOM   730  C  CA  . ASP A 1 94  ? -0.186  -7.118  -11.876 1.00 17.10 ? 241 ASP A CA  1 
ATOM   731  C  C   . ASP A 1 94  ? -0.497  -8.534  -11.415 1.00 18.99 ? 241 ASP A C   1 
ATOM   732  O  O   . ASP A 1 94  ? 0.175   -9.465  -11.845 1.00 18.05 ? 241 ASP A O   1 
ATOM   733  C  CB  . ASP A 1 94  ? -0.661  -6.933  -13.332 1.00 20.28 ? 241 ASP A CB  1 
ATOM   734  C  CG  . ASP A 1 94  ? 0.221   -5.840  -14.145 1.00 30.28 ? 241 ASP A CG  1 
ATOM   735  O  OD1 . ASP A 1 94  ? 1.500   -5.991  -14.529 1.00 28.77 ? 241 ASP A OD1 1 
ATOM   736  O  OD2 . ASP A 1 94  ? -0.395  -4.799  -14.418 1.00 34.76 ? 241 ASP A OD2 1 
ATOM   737  N  N   . ASP A 1 95  ? -1.468  -8.660  -10.519 1.00 18.60 ? 242 ASP A N   1 
ATOM   738  C  CA  . ASP A 1 95  ? -2.013  -9.935  -10.000 1.00 20.13 ? 242 ASP A CA  1 
ATOM   739  C  C   . ASP A 1 95  ? -1.293  -10.405 -8.714  1.00 20.40 ? 242 ASP A C   1 
ATOM   740  O  O   . ASP A 1 95  ? -1.655  -11.416 -8.136  1.00 21.43 ? 242 ASP A O   1 
ATOM   741  C  CB  . ASP A 1 95  ? -1.960  -11.092 -10.954 1.00 24.85 ? 242 ASP A CB  1 
ATOM   742  C  CG  . ASP A 1 95  ? -2.844  -10.882 -12.192 1.00 28.84 ? 242 ASP A CG  1 
ATOM   743  O  OD1 . ASP A 1 95  ? -3.746  -10.027 -12.140 1.00 38.08 ? 242 ASP A OD1 1 
ATOM   744  O  OD2 . ASP A 1 95  ? -2.562  -11.565 -13.192 1.00 27.97 ? 242 ASP A OD2 1 
ATOM   745  N  N   . TYR A 1 96  ? -0.201  -9.725  -8.335  1.00 17.25 ? 243 TYR A N   1 
ATOM   746  C  CA  . TYR A 1 96  ? 0.614   -10.143 -7.202  1.00 15.80 ? 243 TYR A CA  1 
ATOM   747  C  C   . TYR A 1 96  ? 0.135   -9.536  -5.892  1.00 16.81 ? 243 TYR A C   1 
ATOM   748  O  O   . TYR A 1 96  ? -0.344  -8.396  -5.848  1.00 18.38 ? 243 TYR A O   1 
ATOM   749  C  CB  . TYR A 1 96  ? 2.096   -9.769  -7.377  1.00 16.62 ? 243 TYR A CB  1 
ATOM   750  C  CG  . TYR A 1 96  ? 2.840   -10.642 -8.295  1.00 18.67 ? 243 TYR A CG  1 
ATOM   751  C  CD1 . TYR A 1 96  ? 2.366   -10.947 -9.570  1.00 21.19 ? 243 TYR A CD1 1 
ATOM   752  C  CD2 . TYR A 1 96  ? 4.090   -11.125 -7.930  1.00 25.86 ? 243 TYR A CD2 1 
ATOM   753  C  CE1 . TYR A 1 96  ? 3.098   -11.804 -10.429 1.00 27.52 ? 243 TYR A CE1 1 
ATOM   754  C  CE2 . TYR A 1 96  ? 4.831   -11.929 -8.790  1.00 29.79 ? 243 TYR A CE2 1 
ATOM   755  C  CZ  . TYR A 1 96  ? 4.313   -12.276 -10.023 1.00 26.17 ? 243 TYR A CZ  1 
ATOM   756  O  OH  . TYR A 1 96  ? 5.094   -13.099 -10.889 1.00 27.16 ? 243 TYR A OH  1 
ATOM   757  N  N   . ALA A 1 97  ? 0.267   -10.339 -4.842  1.00 15.92 ? 244 ALA A N   1 
ATOM   758  C  CA  . ALA A 1 97  ? 0.048   -9.878  -3.482  1.00 15.56 ? 244 ALA A CA  1 
ATOM   759  C  C   . ALA A 1 97  ? 1.386   -9.917  -2.733  1.00 16.63 ? 244 ALA A C   1 
ATOM   760  O  O   . ALA A 1 97  ? 2.291   -10.732 -3.021  1.00 17.14 ? 244 ALA A O   1 
ATOM   761  C  CB  . ALA A 1 97  ? -0.989  -10.737 -2.778  1.00 18.77 ? 244 ALA A CB  1 
ATOM   762  N  N   . ILE A 1 98  ? 1.512   -9.005  -1.767  1.00 16.05 ? 245 ILE A N   1 
ATOM   763  C  CA  . ILE A 1 98  ? 2.673   -8.879  -0.891  1.00 15.47 ? 245 ILE A CA  1 
ATOM   764  C  C   . ILE A 1 98  ? 2.176   -8.967  0.546   1.00 16.38 ? 245 ILE A C   1 
ATOM   765  O  O   . ILE A 1 98  ? 1.254   -8.247  0.901   1.00 16.09 ? 245 ILE A O   1 
ATOM   766  C  CB  . ILE A 1 98  ? 3.359   -7.495  -1.061  1.00 17.25 ? 245 ILE A CB  1 
ATOM   767  C  CG1 . ILE A 1 98  ? 3.628   -7.175  -2.545  1.00 19.53 ? 245 ILE A CG1 1 
ATOM   768  C  CG2 . ILE A 1 98  ? 4.565   -7.390  -0.166  1.00 19.67 ? 245 ILE A CG2 1 
ATOM   769  C  CD1 . ILE A 1 98  ? 3.899   -5.736  -2.829  1.00 24.40 ? 245 ILE A CD1 1 
ATOM   770  N  N   . LEU A 1 99  ? 2.767   -9.856  1.330   1.00 15.41 ? 246 LEU A N   1 
ATOM   771  C  CA  . LEU A 1 99  ? 2.460   -9.991  2.750   1.00 17.19 ? 246 LEU A CA  1 
ATOM   772  C  C   . LEU A 1 99  ? 3.635   -9.435  3.552   1.00 16.31 ? 246 LEU A C   1 
ATOM   773  O  O   . LEU A 1 99  ? 4.817   -9.833  3.357   1.00 14.68 ? 246 LEU A O   1 
ATOM   774  C  CB  . LEU A 1 99  ? 2.173   -11.427 3.134   1.00 17.04 ? 246 LEU A CB  1 
ATOM   775  C  CG  . LEU A 1 99  ? 0.784   -11.964 2.866   1.00 18.86 ? 246 LEU A CG  1 
ATOM   776  C  CD1 . LEU A 1 99  ? -0.220  -11.192 3.683   1.00 17.91 ? 246 LEU A CD1 1 
ATOM   777  C  CD2 . LEU A 1 99  ? 0.433   -11.942 1.373   1.00 18.70 ? 246 LEU A CD2 1 
ATOM   778  N  N   . ILE A 1 100 ? 3.320   -8.488  4.443   1.00 16.28 ? 247 ILE A N   1 
ATOM   779  C  CA  . ILE A 1 100 ? 4.339   -7.736  5.206   1.00 14.87 ? 247 ILE A CA  1 
ATOM   780  C  C   . ILE A 1 100 ? 4.027   -7.958  6.679   1.00 15.88 ? 247 ILE A C   1 
ATOM   781  O  O   . ILE A 1 100 ? 3.142   -7.299  7.248   1.00 16.01 ? 247 ILE A O   1 
ATOM   782  C  CB  . ILE A 1 100 ? 4.330   -6.257  4.868   1.00 16.08 ? 247 ILE A CB  1 
ATOM   783  C  CG1 . ILE A 1 100 ? 4.399   -6.009  3.352   1.00 17.81 ? 247 ILE A CG1 1 
ATOM   784  C  CG2 . ILE A 1 100 ? 5.483   -5.595  5.590   1.00 17.12 ? 247 ILE A CG2 1 
ATOM   785  C  CD1 . ILE A 1 100 ? 4.394   -4.559  2.915   1.00 21.38 ? 247 ILE A CD1 1 
ATOM   786  N  N   . PRO A 1 101 ? 4.683   -8.939  7.281   1.00 15.51 ? 248 PRO A N   1 
ATOM   787  C  CA  . PRO A 1 101 ? 4.351   -9.224  8.691   1.00 16.60 ? 248 PRO A CA  1 
ATOM   788  C  C   . PRO A 1 101 ? 4.849   -8.121  9.598   1.00 14.30 ? 248 PRO A C   1 
ATOM   789  O  O   . PRO A 1 101 ? 5.911   -7.524  9.375   1.00 16.43 ? 248 PRO A O   1 
ATOM   790  C  CB  . PRO A 1 101 ? 5.043   -10.578 8.952   1.00 16.13 ? 248 PRO A CB  1 
ATOM   791  C  CG  . PRO A 1 101 ? 6.240   -10.518 8.017   1.00 16.56 ? 248 PRO A CG  1 
ATOM   792  C  CD  . PRO A 1 101 ? 5.750   -9.842  6.782   1.00 17.60 ? 248 PRO A CD  1 
ATOM   793  N  N   . ALA A 1 102 ? 4.158   -7.921  10.696  1.00 15.94 ? 249 ALA A N   1 
ATOM   794  C  CA  . ALA A 1 102 ? 4.566   -6.964  11.721  1.00 15.74 ? 249 ALA A CA  1 
ATOM   795  C  C   . ALA A 1 102 ? 6.036   -7.168  12.071  1.00 15.49 ? 249 ALA A C   1 
ATOM   796  O  O   . ALA A 1 102 ? 6.483   -8.286  12.306  1.00 17.28 ? 249 ALA A O   1 
ATOM   797  C  CB  . ALA A 1 102 ? 3.704   -7.157  12.963  1.00 17.57 ? 249 ALA A CB  1 
ATOM   798  N  N   . GLY A 1 103 ? 6.760   -6.057  12.207  1.00 16.76 ? 250 GLY A N   1 
ATOM   799  C  CA  . GLY A 1 103 ? 8.163   -6.081  12.546  1.00 19.44 ? 250 GLY A CA  1 
ATOM   800  C  C   . GLY A 1 103 ? 9.177   -6.240  11.439  1.00 18.22 ? 250 GLY A C   1 
ATOM   801  O  O   . GLY A 1 103 ? 10.376  -6.282  11.682  1.00 19.31 ? 250 GLY A O   1 
ATOM   802  N  N   . THR A 1 104 ? 8.693   -6.314  10.197  1.00 19.01 ? 251 THR A N   1 
ATOM   803  C  CA  . THR A 1 104 ? 9.539   -6.390  9.021   1.00 20.51 ? 251 THR A CA  1 
ATOM   804  C  C   . THR A 1 104 ? 9.636   -4.967  8.391   1.00 19.61 ? 251 THR A C   1 
ATOM   805  O  O   . THR A 1 104 ? 8.623   -4.277  8.173   1.00 19.55 ? 251 THR A O   1 
ATOM   806  C  CB  . THR A 1 104 ? 9.004   -7.490  8.038   1.00 22.70 ? 251 THR A CB  1 
ATOM   807  O  OG1 . THR A 1 104 ? 9.295   -8.820  8.549   1.00 25.98 ? 251 THR A OG1 1 
ATOM   808  C  CG2 . THR A 1 104 ? 9.738   -7.408  6.717   1.00 22.15 ? 251 THR A CG2 1 
ATOM   809  N  N   . TRP A 1 105 ? 10.868  -4.484  8.191   1.00 18.58 ? 252 TRP A N   1 
ATOM   810  C  CA  . TRP A 1 105 ? 11.119  -3.237  7.495   1.00 19.09 ? 252 TRP A CA  1 
ATOM   811  C  C   . TRP A 1 105 ? 10.768  -3.494  6.015   1.00 18.49 ? 252 TRP A C   1 
ATOM   812  O  O   . TRP A 1 105 ? 11.079  -4.565  5.479   1.00 17.68 ? 252 TRP A O   1 
ATOM   813  C  CB  . TRP A 1 105 ? 12.594  -2.864  7.579   1.00 20.15 ? 252 TRP A CB  1 
ATOM   814  C  CG  . TRP A 1 105 ? 13.015  -2.404  8.926   1.00 22.11 ? 252 TRP A CG  1 
ATOM   815  C  CD1 . TRP A 1 105 ? 13.482  -3.181  9.955   1.00 21.83 ? 252 TRP A CD1 1 
ATOM   816  C  CD2 . TRP A 1 105 ? 12.988  -1.064  9.402   1.00 18.63 ? 252 TRP A CD2 1 
ATOM   817  N  NE1 . TRP A 1 105 ? 13.760  -2.389  11.040  1.00 23.10 ? 252 TRP A NE1 1 
ATOM   818  C  CE2 . TRP A 1 105 ? 13.498  -1.083  10.728  1.00 20.80 ? 252 TRP A CE2 1 
ATOM   819  C  CE3 . TRP A 1 105 ? 12.637  0.165   8.833   1.00 22.58 ? 252 TRP A CE3 1 
ATOM   820  C  CZ2 . TRP A 1 105 ? 13.617  0.072   11.495  1.00 25.12 ? 252 TRP A CZ2 1 
ATOM   821  C  CZ3 . TRP A 1 105 ? 12.772  1.315   9.605   1.00 22.86 ? 252 TRP A CZ3 1 
ATOM   822  C  CH2 . TRP A 1 105 ? 13.262  1.258   10.917  1.00 28.16 ? 252 TRP A CH2 1 
ATOM   823  N  N   . HIS A 1 106 ? 10.111  -2.525  5.369   1.00 18.69 ? 253 HIS A N   1 
ATOM   824  C  CA  . HIS A 1 106 ? 9.665   -2.748  3.997   1.00 16.81 ? 253 HIS A CA  1 
ATOM   825  C  C   . HIS A 1 106 ? 9.616   -1.448  3.192   1.00 17.39 ? 253 HIS A C   1 
ATOM   826  O  O   . HIS A 1 106 ? 9.385   -0.361  3.718   1.00 18.12 ? 253 HIS A O   1 
ATOM   827  C  CB  . HIS A 1 106 ? 8.287   -3.389  4.037   1.00 17.28 ? 253 HIS A CB  1 
ATOM   828  C  CG  . HIS A 1 106 ? 7.298   -2.593  4.832   1.00 18.92 ? 253 HIS A CG  1 
ATOM   829  N  ND1 . HIS A 1 106 ? 7.240   -2.644  6.211   1.00 21.77 ? 253 HIS A ND1 1 
ATOM   830  C  CD2 . HIS A 1 106 ? 6.380   -1.680  4.448   1.00 19.75 ? 253 HIS A CD2 1 
ATOM   831  C  CE1 . HIS A 1 106 ? 6.283   -1.835  6.635   1.00 21.91 ? 253 HIS A CE1 1 
ATOM   832  N  NE2 . HIS A 1 106 ? 5.748   -1.235  5.587   1.00 27.86 ? 253 HIS A NE2 1 
ATOM   833  N  N   . ASN A 1 107 ? 9.769   -1.613  1.887   1.00 16.38 ? 254 ASN A N   1 
ATOM   834  C  CA  . ASN A 1 107 ? 9.535   -0.517  0.940   1.00 15.58 ? 254 ASN A CA  1 
ATOM   835  C  C   . ASN A 1 107 ? 9.000   -1.160  -0.333  1.00 16.62 ? 254 ASN A C   1 
ATOM   836  O  O   . ASN A 1 107 ? 9.247   -2.336  -0.585  1.00 16.38 ? 254 ASN A O   1 
ATOM   837  C  CB  . ASN A 1 107 ? 10.814  0.274   0.665   1.00 17.64 ? 254 ASN A CB  1 
ATOM   838  C  CG  . ASN A 1 107 ? 10.551  1.647   0.084   1.00 17.16 ? 254 ASN A CG  1 
ATOM   839  O  OD1 . ASN A 1 107 ? 9.415   2.039   -0.134  1.00 18.15 ? 254 ASN A OD1 1 
ATOM   840  N  ND2 . ASN A 1 107 ? 11.637  2.395   -0.164  1.00 18.01 ? 254 ASN A ND2 1 
ATOM   841  N  N   . VAL A 1 108 ? 8.255   -0.363  -1.123  1.00 16.16 ? 255 VAL A N   1 
ATOM   842  C  CA  . VAL A 1 108 ? 7.790   -0.798  -2.439  1.00 17.41 ? 255 VAL A CA  1 
ATOM   843  C  C   . VAL A 1 108 ? 8.099   0.382   -3.369  1.00 18.01 ? 255 VAL A C   1 
ATOM   844  O  O   . VAL A 1 108 ? 7.686   1.522   -3.108  1.00 16.95 ? 255 VAL A O   1 
ATOM   845  C  CB  . VAL A 1 108 ? 6.281   -1.112  -2.489  1.00 21.28 ? 255 VAL A CB  1 
ATOM   846  C  CG1 . VAL A 1 108 ? 5.868   -1.498  -3.933  1.00 22.30 ? 255 VAL A CG1 1 
ATOM   847  C  CG2 . VAL A 1 108 ? 5.918   -2.219  -1.516  1.00 20.43 ? 255 VAL A CG2 1 
ATOM   848  N  N   . ARG A 1 109 ? 8.852   0.092   -4.409  1.00 17.99 ? 256 ARG A N   1 
ATOM   849  C  CA  . ARG A 1 109 ? 9.277   1.099   -5.380  1.00 17.42 ? 256 ARG A CA  1 
ATOM   850  C  C   . ARG A 1 109 ? 8.608   0.818   -6.733  1.00 16.77 ? 256 ARG A C   1 
ATOM   851  O  O   . ARG A 1 109 ? 8.623   -0.319  -7.203  1.00 17.72 ? 256 ARG A O   1 
ATOM   852  C  CB  . ARG A 1 109 ? 10.804  1.031   -5.574  1.00 19.59 ? 256 ARG A CB  1 
ATOM   853  C  CG  . ARG A 1 109 ? 11.631  1.162   -4.277  1.00 23.99 ? 256 ARG A CG  1 
ATOM   854  C  CD  . ARG A 1 109 ? 13.162  1.120   -4.492  1.00 26.85 ? 256 ARG A CD  1 
ATOM   855  N  NE  . ARG A 1 109 ? 13.896  1.423   -3.272  1.00 28.46 ? 256 ARG A NE  1 
ATOM   856  C  CZ  . ARG A 1 109 ? 14.117  2.653   -2.803  1.00 36.03 ? 256 ARG A CZ  1 
ATOM   857  N  NH1 . ARG A 1 109 ? 13.689  3.717   -3.459  1.00 34.84 ? 256 ARG A NH1 1 
ATOM   858  N  NH2 . ARG A 1 109 ? 14.816  2.822   -1.678  1.00 32.29 ? 256 ARG A NH2 1 
ATOM   859  N  N   . ASN A 1 110 ? 8.119   1.873   -7.381  1.00 17.10 ? 257 ASN A N   1 
ATOM   860  C  CA  . ASN A 1 110 ? 7.603   1.721   -8.735  1.00 16.82 ? 257 ASN A CA  1 
ATOM   861  C  C   . ASN A 1 110 ? 8.793   1.602   -9.693  1.00 19.53 ? 257 ASN A C   1 
ATOM   862  O  O   . ASN A 1 110 ? 9.549   2.548   -9.836  1.00 24.03 ? 257 ASN A O   1 
ATOM   863  C  CB  . ASN A 1 110 ? 6.712   2.899   -9.090  1.00 16.44 ? 257 ASN A CB  1 
ATOM   864  C  CG  . ASN A 1 110 ? 6.043   2.716   -10.436 1.00 15.50 ? 257 ASN A CG  1 
ATOM   865  O  OD1 . ASN A 1 110 ? 6.349   1.762   -11.151 1.00 17.13 ? 257 ASN A OD1 1 
ATOM   866  N  ND2 . ASN A 1 110 ? 5.176   3.666   -10.805 1.00 15.00 ? 257 ASN A ND2 1 
ATOM   867  N  N   . THR A 1 111 ? 8.905   0.490   -10.407 1.00 18.86 ? 258 THR A N   1 
ATOM   868  C  CA  . THR A 1 111 ? 10.006  0.326   -11.372 1.00 20.17 ? 258 THR A CA  1 
ATOM   869  C  C   . THR A 1 111 ? 9.515   0.316   -12.806 1.00 20.79 ? 258 THR A C   1 
ATOM   870  O  O   . THR A 1 111 ? 10.332  0.082   -13.734 1.00 21.37 ? 258 THR A O   1 
ATOM   871  C  CB  . THR A 1 111 ? 10.742  -1.042  -11.129 1.00 20.18 ? 258 THR A CB  1 
ATOM   872  O  OG1 . THR A 1 111 ? 9.815   -2.119  -11.298 1.00 24.93 ? 258 THR A OG1 1 
ATOM   873  C  CG2 . THR A 1 111 ? 11.329  -1.073  -9.788  1.00 25.21 ? 258 THR A CG2 1 
ATOM   874  N  N   . GLY A 1 112 ? 8.213   0.530   -13.008 1.00 18.84 ? 259 GLY A N   1 
ATOM   875  C  CA  . GLY A 1 112 ? 7.621   0.461   -14.339 1.00 19.78 ? 259 GLY A CA  1 
ATOM   876  C  C   . GLY A 1 112 ? 7.466   1.832   -14.954 1.00 20.38 ? 259 GLY A C   1 
ATOM   877  O  O   . GLY A 1 112 ? 8.028   2.824   -14.470 1.00 22.04 ? 259 GLY A O   1 
ATOM   878  N  N   . ASN A 1 113 ? 6.711   1.848   -16.058 1.00 19.44 ? 260 ASN A N   1 
ATOM   879  C  CA  . ASN A 1 113 ? 6.601   2.999   -16.908 1.00 18.70 ? 260 ASN A CA  1 
ATOM   880  C  C   . ASN A 1 113 ? 5.258   3.714   -16.843 1.00 19.50 ? 260 ASN A C   1 
ATOM   881  O  O   . ASN A 1 113 ? 4.960   4.580   -17.684 1.00 17.41 ? 260 ASN A O   1 
ATOM   882  C  CB  . ASN A 1 113 ? 6.897   2.577   -18.380 1.00 20.37 ? 260 ASN A CB  1 
ATOM   883  C  CG  . ASN A 1 113 ? 5.740   1.731   -19.045 1.00 30.47 ? 260 ASN A CG  1 
ATOM   884  O  OD1 . ASN A 1 113 ? 4.742   1.355   -18.423 1.00 40.13 ? 260 ASN A OD1 1 
ATOM   885  N  ND2 . ASN A 1 113 ? 5.906   1.447   -20.343 1.00 39.90 ? 260 ASN A ND2 1 
ATOM   886  N  N   . ARG A 1 114 ? 4.461   3.385   -15.836 1.00 15.55 ? 261 ARG A N   1 
ATOM   887  C  CA  . ARG A 1 114 ? 3.186   4.040   -15.575 1.00 15.82 ? 261 ARG A CA  1 
ATOM   888  C  C   . ARG A 1 114 ? 2.993   3.975   -14.065 1.00 15.98 ? 261 ARG A C   1 
ATOM   889  O  O   . ARG A 1 114 ? 3.708   3.219   -13.368 1.00 15.74 ? 261 ARG A O   1 
ATOM   890  C  CB  . ARG A 1 114 ? 2.022   3.321   -16.307 1.00 16.38 ? 261 ARG A CB  1 
ATOM   891  C  CG  . ARG A 1 114 ? 1.908   1.832   -15.999 1.00 20.19 ? 261 ARG A CG  1 
ATOM   892  C  CD  . ARG A 1 114 ? 0.625   1.183   -16.581 1.00 21.09 ? 261 ARG A CD  1 
ATOM   893  N  NE  . ARG A 1 114 ? 0.582   1.353   -18.033 1.00 25.65 ? 261 ARG A NE  1 
ATOM   894  C  CZ  . ARG A 1 114 ? 0.382   0.372   -18.907 1.00 25.14 ? 261 ARG A CZ  1 
ATOM   895  N  NH1 . ARG A 1 114 ? 0.162   -0.886  -18.501 1.00 34.36 ? 261 ARG A NH1 1 
ATOM   896  N  NH2 . ARG A 1 114 ? 0.340   0.663   -20.173 1.00 26.63 ? 261 ARG A NH2 1 
ATOM   897  N  N   . PRO A 1 115 ? 2.041   4.742   -13.525 1.00 14.50 ? 262 PRO A N   1 
ATOM   898  C  CA  . PRO A 1 115 ? 1.771   4.639   -12.086 1.00 14.98 ? 262 PRO A CA  1 
ATOM   899  C  C   . PRO A 1 115 ? 1.451   3.221   -11.630 1.00 15.43 ? 262 PRO A C   1 
ATOM   900  O  O   . PRO A 1 115 ? 0.807   2.444   -12.364 1.00 15.65 ? 262 PRO A O   1 
ATOM   901  C  CB  . PRO A 1 115 ? 0.579   5.569   -11.919 1.00 15.49 ? 262 PRO A CB  1 
ATOM   902  C  CG  . PRO A 1 115 ? 0.746   6.597   -12.965 1.00 16.40 ? 262 PRO A CG  1 
ATOM   903  C  CD  . PRO A 1 115 ? 1.256   5.819   -14.142 1.00 16.15 ? 262 PRO A CD  1 
ATOM   904  N  N   . LEU A 1 116 ? 1.941   2.893   -10.450 1.00 15.72 ? 263 LEU A N   1 
ATOM   905  C  CA  . LEU A 1 116 ? 1.749   1.590   -9.861  1.00 15.58 ? 263 LEU A CA  1 
ATOM   906  C  C   . LEU A 1 116 ? 0.486   1.691   -8.998  1.00 17.69 ? 263 LEU A C   1 
ATOM   907  O  O   . LEU A 1 116 ? 0.416   2.535   -8.091  1.00 17.35 ? 263 LEU A O   1 
ATOM   908  C  CB  . LEU A 1 116 ? 2.949   1.238   -9.024  1.00 16.96 ? 263 LEU A CB  1 
ATOM   909  C  CG  . LEU A 1 116 ? 2.901   -0.013  -8.151  1.00 16.79 ? 263 LEU A CG  1 
ATOM   910  C  CD1 . LEU A 1 116 ? 2.840   -1.291  -8.970  1.00 18.55 ? 263 LEU A CD1 1 
ATOM   911  C  CD2 . LEU A 1 116 ? 4.132   -0.033  -7.224  1.00 18.69 ? 263 LEU A CD2 1 
ATOM   912  N  N   . LYS A 1 117 ? -0.524  0.858   -9.299  1.00 16.17 ? 264 LYS A N   1 
ATOM   913  C  CA  . LYS A 1 117 ? -1.836  0.902   -8.665  1.00 16.22 ? 264 LYS A CA  1 
ATOM   914  C  C   . LYS A 1 117 ? -1.985  -0.315  -7.755  1.00 14.61 ? 264 LYS A C   1 
ATOM   915  O  O   . LYS A 1 117 ? -1.901  -1.456  -8.218  1.00 17.17 ? 264 LYS A O   1 
ATOM   916  C  CB  . LYS A 1 117 ? -2.957  0.869   -9.708  1.00 16.86 ? 264 LYS A CB  1 
ATOM   917  C  CG  . LYS A 1 117 ? -2.830  1.934   -10.820 1.00 18.81 ? 264 LYS A CG  1 
ATOM   918  C  CD  . LYS A 1 117 ? -3.075  3.342   -10.268 1.00 19.56 ? 264 LYS A CD  1 
ATOM   919  C  CE  . LYS A 1 117 ? -3.263  4.321   -11.401 1.00 21.51 ? 264 LYS A CE  1 
ATOM   920  N  NZ  . LYS A 1 117 ? -3.847  5.586   -11.011 1.00 23.23 ? 264 LYS A NZ  1 
ATOM   921  N  N   . LEU A 1 118 ? -2.152  -0.048  -6.474  1.00 16.74 ? 265 LEU A N   1 
ATOM   922  C  CA  . LEU A 1 118 ? -2.347  -1.163  -5.543  1.00 18.58 ? 265 LEU A CA  1 
ATOM   923  C  C   . LEU A 1 118 ? -3.365  -0.794  -4.479  1.00 17.73 ? 265 LEU A C   1 
ATOM   924  O  O   . LEU A 1 118 ? -3.693  0.378   -4.280  1.00 16.90 ? 265 LEU A O   1 
ATOM   925  C  CB  . LEU A 1 118 ? -1.056  -1.619  -4.932  1.00 20.52 ? 265 LEU A CB  1 
ATOM   926  C  CG  . LEU A 1 118 ? -0.295  -0.578  -4.158  1.00 19.20 ? 265 LEU A CG  1 
ATOM   927  C  CD1 . LEU A 1 118 ? -0.800  -0.544  -2.736  1.00 22.84 ? 265 LEU A CD1 1 
ATOM   928  C  CD2 . LEU A 1 118 ? 1.243   -0.878  -4.125  1.00 23.45 ? 265 LEU A CD2 1 
ATOM   929  N  N   . TYR A 1 119 ? -3.880  -1.826  -3.817  1.00 16.56 ? 266 TYR A N   1 
ATOM   930  C  CA  . TYR A 1 119 ? -4.560  -1.608  -2.552  1.00 17.21 ? 266 TYR A CA  1 
ATOM   931  C  C   . TYR A 1 119 ? -3.844  -2.280  -1.424  1.00 17.36 ? 266 TYR A C   1 
ATOM   932  O  O   . TYR A 1 119 ? -3.133  -3.270  -1.618  1.00 17.50 ? 266 TYR A O   1 
ATOM   933  C  CB  . TYR A 1 119 ? -6.029  -2.021  -2.598  1.00 17.94 ? 266 TYR A CB  1 
ATOM   934  C  CG  . TYR A 1 119 ? -6.416  -3.476  -2.897  1.00 19.52 ? 266 TYR A CG  1 
ATOM   935  C  CD1 . TYR A 1 119 ? -6.560  -4.452  -1.848  1.00 20.46 ? 266 TYR A CD1 1 
ATOM   936  C  CD2 . TYR A 1 119 ? -6.708  -3.888  -4.179  1.00 21.40 ? 266 TYR A CD2 1 
ATOM   937  C  CE1 . TYR A 1 119 ? -6.968  -5.723  -2.175  1.00 23.23 ? 266 TYR A CE1 1 
ATOM   938  C  CE2 . TYR A 1 119 ? -7.117  -5.145  -4.476  1.00 22.93 ? 266 TYR A CE2 1 
ATOM   939  C  CZ  . TYR A 1 119 ? -7.237  -6.086  -3.440  1.00 21.60 ? 266 TYR A CZ  1 
ATOM   940  O  OH  . TYR A 1 119 ? -7.657  -7.334  -3.870  1.00 27.06 ? 266 TYR A OH  1 
ATOM   941  N  N   . SER A 1 120 ? -4.033  -1.694  -0.238  1.00 18.88 ? 267 SER A N   1 
ATOM   942  C  CA  A SER A 1 120 ? -3.361  -2.116  0.960   0.50 19.10 ? 267 SER A CA  1 
ATOM   943  C  CA  B SER A 1 120 ? -3.348  -2.082  0.996   0.50 20.23 ? 267 SER A CA  1 
ATOM   944  C  C   . SER A 1 120 ? -4.400  -2.409  2.041   1.00 20.82 ? 267 SER A C   1 
ATOM   945  O  O   . SER A 1 120 ? -5.398  -1.667  2.174   1.00 21.67 ? 267 SER A O   1 
ATOM   946  C  CB  A SER A 1 120 ? -2.377  -1.037  1.388   0.50 23.95 ? 267 SER A CB  1 
ATOM   947  C  CB  B SER A 1 120 ? -2.465  -0.956  1.556   0.50 24.99 ? 267 SER A CB  1 
ATOM   948  O  OG  A SER A 1 120 ? -2.005  -1.164  2.739   0.50 22.89 ? 267 SER A OG  1 
ATOM   949  O  OG  B SER A 1 120 ? -1.297  -0.732  0.781   0.50 33.74 ? 267 SER A OG  1 
ATOM   950  N  N   . ILE A 1 121 ? -4.205  -3.492  2.768   1.00 18.02 ? 268 ILE A N   1 
ATOM   951  C  CA  . ILE A 1 121 ? -5.059  -3.849  3.907   1.00 16.94 ? 268 ILE A CA  1 
ATOM   952  C  C   . ILE A 1 121 ? -4.130  -3.861  5.114   1.00 17.68 ? 268 ILE A C   1 
ATOM   953  O  O   . ILE A 1 121 ? -3.140  -4.624  5.138   1.00 17.19 ? 268 ILE A O   1 
ATOM   954  C  CB  . ILE A 1 121 ? -5.755  -5.179  3.725   1.00 18.85 ? 268 ILE A CB  1 
ATOM   955  C  CG1 . ILE A 1 121 ? -6.699  -5.055  2.495   1.00 25.60 ? 268 ILE A CG1 1 
ATOM   956  C  CG2 . ILE A 1 121 ? -6.441  -5.581  4.998   1.00 20.72 ? 268 ILE A CG2 1 
ATOM   957  C  CD1 . ILE A 1 121 ? -7.297  -6.316  2.082   1.00 31.32 ? 268 ILE A CD1 1 
ATOM   958  N  N   . TYR A 1 122 ? -4.431  -3.010  6.081   1.00 16.21 ? 269 TYR A N   1 
ATOM   959  C  CA  . TYR A 1 122 ? -3.730  -2.972  7.359   1.00 15.73 ? 269 TYR A CA  1 
ATOM   960  C  C   . TYR A 1 122 ? -4.582  -3.653  8.429   1.00 16.10 ? 269 TYR A C   1 
ATOM   961  O  O   . TYR A 1 122 ? -5.798  -3.430  8.483   1.00 16.98 ? 269 TYR A O   1 
ATOM   962  C  CB  . TYR A 1 122 ? -3.551  -1.558  7.832   1.00 15.75 ? 269 TYR A CB  1 
ATOM   963  C  CG  . TYR A 1 122 ? -2.696  -0.650  7.000   1.00 20.70 ? 269 TYR A CG  1 
ATOM   964  C  CD1 . TYR A 1 122 ? -3.275  0.122   6.020   1.00 22.21 ? 269 TYR A CD1 1 
ATOM   965  C  CD2 . TYR A 1 122 ? -1.368  -0.508  7.240   1.00 24.46 ? 269 TYR A CD2 1 
ATOM   966  C  CE1 . TYR A 1 122 ? -2.508  0.982   5.260   1.00 24.90 ? 269 TYR A CE1 1 
ATOM   967  C  CE2 . TYR A 1 122 ? -0.594  0.419   6.523   1.00 22.99 ? 269 TYR A CE2 1 
ATOM   968  C  CZ  . TYR A 1 122 ? -1.181  1.159   5.536   1.00 25.93 ? 269 TYR A CZ  1 
ATOM   969  O  OH  . TYR A 1 122 ? -0.448  2.081   4.806   1.00 27.97 ? 269 TYR A OH  1 
ATOM   970  N  N   . ALA A 1 123 ? -3.972  -4.485  9.277   1.00 15.49 ? 270 ALA A N   1 
ATOM   971  C  CA  . ALA A 1 123 ? -4.683  -5.096  10.419  1.00 15.48 ? 270 ALA A CA  1 
ATOM   972  C  C   . ALA A 1 123 ? -3.786  -5.068  11.631  1.00 14.63 ? 270 ALA A C   1 
ATOM   973  O  O   . ALA A 1 123 ? -2.720  -5.683  11.611  1.00 16.90 ? 270 ALA A O   1 
ATOM   974  C  CB  . ALA A 1 123 ? -5.024  -6.526  10.117  1.00 17.36 ? 270 ALA A CB  1 
ATOM   975  N  N   . PRO A 1 124 ? -4.184  -4.378  12.700  1.00 15.28 ? 271 PRO A N   1 
ATOM   976  C  CA  . PRO A 1 124 ? -5.300  -3.453  12.797  1.00 16.55 ? 271 PRO A CA  1 
ATOM   977  C  C   . PRO A 1 124 ? -5.065  -2.195  11.930  1.00 16.48 ? 271 PRO A C   1 
ATOM   978  O  O   . PRO A 1 124 ? -4.032  -2.040  11.277  1.00 16.49 ? 271 PRO A O   1 
ATOM   979  C  CB  . PRO A 1 124 ? -5.342  -3.070  14.285  1.00 20.11 ? 271 PRO A CB  1 
ATOM   980  C  CG  . PRO A 1 124 ? -4.411  -4.032  14.966  1.00 21.69 ? 271 PRO A CG  1 
ATOM   981  C  CD  . PRO A 1 124 ? -3.462  -4.556  13.977  1.00 16.73 ? 271 PRO A CD  1 
ATOM   982  N  N   . PRO A 1 125 ? -6.064  -1.293  11.887  1.00 16.71 ? 272 PRO A N   1 
ATOM   983  C  CA  . PRO A 1 125 ? -5.918  -0.086  11.061  1.00 16.29 ? 272 PRO A CA  1 
ATOM   984  C  C   . PRO A 1 125 ? -4.733  0.803   11.436  1.00 17.60 ? 272 PRO A C   1 
ATOM   985  O  O   . PRO A 1 125 ? -4.324  0.822   12.608  1.00 18.67 ? 272 PRO A O   1 
ATOM   986  C  CB  . PRO A 1 125 ? -7.240  0.642   11.287  1.00 15.96 ? 272 PRO A CB  1 
ATOM   987  C  CG  . PRO A 1 125 ? -8.184  -0.446  11.603  1.00 17.14 ? 272 PRO A CG  1 
ATOM   988  C  CD  . PRO A 1 125 ? -7.415  -1.413  12.459  1.00 18.86 ? 272 PRO A CD  1 
ATOM   989  N  N   . GLN A 1 126 ? -4.220  1.507   10.432  1.00 17.57 ? 273 GLN A N   1 
ATOM   990  C  CA  . GLN A 1 126 ? -3.073  2.410   10.583  1.00 19.01 ? 273 GLN A CA  1 
ATOM   991  C  C   . GLN A 1 126 ? -3.434  3.893   10.527  1.00 19.34 ? 273 GLN A C   1 
ATOM   992  O  O   . GLN A 1 126 ? -2.841  4.700   11.271  1.00 22.05 ? 273 GLN A O   1 
ATOM   993  C  CB  . GLN A 1 126 ? -2.037  2.058   9.531   1.00 22.27 ? 273 GLN A CB  1 
ATOM   994  C  CG  . GLN A 1 126 ? -0.845  2.992   9.429   1.00 22.83 ? 273 GLN A CG  1 
ATOM   995  C  CD  . GLN A 1 126 ? -0.022  3.080   10.677  1.00 27.34 ? 273 GLN A CD  1 
ATOM   996  O  OE1 . GLN A 1 126 ? -0.247  2.379   11.647  1.00 27.66 ? 273 GLN A OE1 1 
ATOM   997  N  NE2 . GLN A 1 126 ? 0.950   3.990   10.667  1.00 36.13 ? 273 GLN A NE2 1 
ATOM   998  N  N   . HIS A 1 127 ? -4.361  4.261   9.655   1.00 17.88 ? 274 HIS A N   1 
ATOM   999  C  CA  . HIS A 1 127 ? -4.640  5.660   9.331   1.00 17.15 ? 274 HIS A CA  1 
ATOM   1000 C  C   . HIS A 1 127 ? -6.009  6.063   9.877   1.00 17.01 ? 274 HIS A C   1 
ATOM   1001 O  O   . HIS A 1 127 ? -6.883  5.191   10.050  1.00 18.52 ? 274 HIS A O   1 
ATOM   1002 C  CB  . HIS A 1 127 ? -4.626  5.865   7.831   1.00 17.93 ? 274 HIS A CB  1 
ATOM   1003 C  CG  . HIS A 1 127 ? -3.320  5.461   7.204   1.00 19.87 ? 274 HIS A CG  1 
ATOM   1004 N  ND1 . HIS A 1 127 ? -2.181  6.245   7.300   1.00 24.82 ? 274 HIS A ND1 1 
ATOM   1005 C  CD2 . HIS A 1 127 ? -2.964  4.337   6.529   1.00 20.97 ? 274 HIS A CD2 1 
ATOM   1006 C  CE1 . HIS A 1 127 ? -1.186  5.616   6.690   1.00 23.40 ? 274 HIS A CE1 1 
ATOM   1007 N  NE2 . HIS A 1 127 ? -1.632  4.463   6.213   1.00 22.10 ? 274 HIS A NE2 1 
ATOM   1008 N  N   . PRO A 1 128 ? -6.191  7.362   10.154  1.00 18.12 ? 275 PRO A N   1 
ATOM   1009 C  CA  . PRO A 1 128 ? -7.547  7.808   10.468  1.00 19.37 ? 275 PRO A CA  1 
ATOM   1010 C  C   . PRO A 1 128 ? -8.560  7.473   9.377   1.00 16.63 ? 275 PRO A C   1 
ATOM   1011 O  O   . PRO A 1 128 ? -8.280  7.433   8.170   1.00 17.34 ? 275 PRO A O   1 
ATOM   1012 C  CB  . PRO A 1 128 ? -7.399  9.329   10.604  1.00 21.02 ? 275 PRO A CB  1 
ATOM   1013 C  CG  . PRO A 1 128 ? -5.938  9.521   11.031  1.00 19.59 ? 275 PRO A CG  1 
ATOM   1014 C  CD  . PRO A 1 128 ? -5.206  8.464   10.246  1.00 19.48 ? 275 PRO A CD  1 
ATOM   1015 N  N   . HIS A 1 129 ? -9.784  7.269   9.829   1.00 18.46 ? 276 HIS A N   1 
ATOM   1016 C  CA  . HIS A 1 129 ? -10.914 7.124   8.914   1.00 16.05 ? 276 HIS A CA  1 
ATOM   1017 C  C   . HIS A 1 129 ? -10.897 8.291   7.935   1.00 16.32 ? 276 HIS A C   1 
ATOM   1018 O  O   . HIS A 1 129 ? -10.679 9.465   8.334   1.00 17.48 ? 276 HIS A O   1 
ATOM   1019 C  CB  . HIS A 1 129 ? -12.224 7.148   9.725   1.00 19.21 ? 276 HIS A CB  1 
ATOM   1020 C  CG  . HIS A 1 129 ? -13.433 6.783   8.925   1.00 17.81 ? 276 HIS A CG  1 
ATOM   1021 N  ND1 . HIS A 1 129 ? -14.050 7.680   8.071   1.00 16.78 ? 276 HIS A ND1 1 
ATOM   1022 C  CD2 . HIS A 1 129 ? -14.177 5.646   8.898   1.00 18.29 ? 276 HIS A CD2 1 
ATOM   1023 C  CE1 . HIS A 1 129 ? -15.086 7.072   7.502   1.00 16.51 ? 276 HIS A CE1 1 
ATOM   1024 N  NE2 . HIS A 1 129 ? -15.201 5.853   8.005   1.00 18.17 ? 276 HIS A NE2 1 
ATOM   1025 N  N   . GLY A 1 130 ? -11.062 7.971   6.655   1.00 16.23 ? 277 GLY A N   1 
ATOM   1026 C  CA  . GLY A 1 130 ? -11.226 8.973   5.621   1.00 17.75 ? 277 GLY A CA  1 
ATOM   1027 C  C   . GLY A 1 130 ? -9.939  9.673   5.186   1.00 19.18 ? 277 GLY A C   1 
ATOM   1028 O  O   . GLY A 1 130 ? -9.979  10.642  4.439   1.00 19.66 ? 277 GLY A O   1 
ATOM   1029 N  N   . THR A 1 131 ? -8.794  9.132   5.600   1.00 17.55 ? 278 THR A N   1 
ATOM   1030 C  CA  . THR A 1 131 ? -7.516  9.646   5.188   1.00 17.84 ? 278 THR A CA  1 
ATOM   1031 C  C   . THR A 1 131 ? -7.384  9.760   3.666   1.00 18.04 ? 278 THR A C   1 
ATOM   1032 O  O   . THR A 1 131 ? -7.730  8.836   2.929   1.00 19.76 ? 278 THR A O   1 
ATOM   1033 C  CB  . THR A 1 131 ? -6.375  8.747   5.736   1.00 17.82 ? 278 THR A CB  1 
ATOM   1034 O  OG1 . THR A 1 131 ? -6.282  8.901   7.116   1.00 19.31 ? 278 THR A OG1 1 
ATOM   1035 C  CG2 . THR A 1 131 ? -4.979  9.135   5.157   1.00 18.91 ? 278 THR A CG2 1 
ATOM   1036 N  N   . VAL A 1 132 ? -6.894  10.911  3.223   1.00 18.17 ? 279 VAL A N   1 
ATOM   1037 C  CA  . VAL A 1 132 ? -6.483  11.120  1.832   1.00 20.02 ? 279 VAL A CA  1 
ATOM   1038 C  C   . VAL A 1 132 ? -5.179  11.872  1.859   1.00 20.87 ? 279 VAL A C   1 
ATOM   1039 O  O   . VAL A 1 132 ? -5.082  12.976  2.405   1.00 20.84 ? 279 VAL A O   1 
ATOM   1040 C  CB  . VAL A 1 132 ? -7.480  11.947  1.006   1.00 21.38 ? 279 VAL A CB  1 
ATOM   1041 C  CG1 . VAL A 1 132 ? -6.988  12.089  -0.452  1.00 24.04 ? 279 VAL A CG1 1 
ATOM   1042 C  CG2 . VAL A 1 132 ? -8.872  11.322  1.058   1.00 25.65 ? 279 VAL A CG2 1 
ATOM   1043 N  N   . HIS A 1 133 ? -4.163  11.251  1.280   1.00 18.95 ? 280 HIS A N   1 
ATOM   1044 C  CA  . HIS A 1 133 ? -2.907  11.934  1.011   1.00 17.03 ? 280 HIS A CA  1 
ATOM   1045 C  C   . HIS A 1 133 ? -2.786  11.953  -0.508  1.00 21.61 ? 280 HIS A C   1 
ATOM   1046 O  O   . HIS A 1 133 ? -2.469  10.926  -1.096  1.00 19.04 ? 280 HIS A O   1 
ATOM   1047 C  CB  . HIS A 1 133 ? -1.740  11.187  1.622   1.00 20.29 ? 280 HIS A CB  1 
ATOM   1048 C  CG  . HIS A 1 133 ? -1.801  11.041  3.106   1.00 21.71 ? 280 HIS A CG  1 
ATOM   1049 N  ND1 . HIS A 1 133 ? -1.387  9.887   3.736   1.00 24.32 ? 280 HIS A ND1 1 
ATOM   1050 C  CD2 . HIS A 1 133 ? -2.228  11.879  4.085   1.00 23.06 ? 280 HIS A CD2 1 
ATOM   1051 C  CE1 . HIS A 1 133 ? -1.539  10.032  5.042   1.00 23.02 ? 280 HIS A CE1 1 
ATOM   1052 N  NE2 . HIS A 1 133 ? -2.038  11.227  5.282   1.00 23.07 ? 280 HIS A NE2 1 
ATOM   1053 N  N   . GLU A 1 134 ? -3.061  13.093  -1.138  1.00 17.53 ? 281 GLU A N   1 
ATOM   1054 C  CA  . GLU A 1 134 ? -3.080  13.150  -2.620  1.00 19.64 ? 281 GLU A CA  1 
ATOM   1055 C  C   . GLU A 1 134 ? -1.722  12.812  -3.227  1.00 18.11 ? 281 GLU A C   1 
ATOM   1056 O  O   . GLU A 1 134 ? -1.671  12.177  -4.287  1.00 19.22 ? 281 GLU A O   1 
ATOM   1057 C  CB  . GLU A 1 134 ? -3.566  14.501  -3.146  1.00 20.62 ? 281 GLU A CB  1 
ATOM   1058 C  CG  . GLU A 1 134 ? -5.069  14.661  -2.946  1.00 27.48 ? 281 GLU A CG  1 
ATOM   1059 N  N   . THR A 1 135 ? -0.657  13.179  -2.529  1.00 19.85 ? 282 THR A N   1 
ATOM   1060 C  CA  . THR A 1 135 ? 0.709   13.040  -3.006  1.00 20.82 ? 282 THR A CA  1 
ATOM   1061 C  C   . THR A 1 135 ? 1.569   12.445  -1.924  1.00 19.78 ? 282 THR A C   1 
ATOM   1062 O  O   . THR A 1 135 ? 1.201   12.492  -0.741  1.00 20.14 ? 282 THR A O   1 
ATOM   1063 C  CB  . THR A 1 135 ? 1.380   14.386  -3.412  1.00 23.98 ? 282 THR A CB  1 
ATOM   1064 O  OG1 . THR A 1 135 ? 1.555   15.187  -2.240  1.00 22.66 ? 282 THR A OG1 1 
ATOM   1065 C  CG2 . THR A 1 135 ? 0.571   15.091  -4.424  1.00 20.79 ? 282 THR A CG2 1 
ATOM   1066 N  N   . LYS A 1 136 ? 2.723   11.888  -2.325  1.00 21.09 ? 283 LYS A N   1 
ATOM   1067 C  CA  . LYS A 1 136 ? 3.703   11.415  -1.354  1.00 24.18 ? 283 LYS A CA  1 
ATOM   1068 C  C   . LYS A 1 136 ? 4.152   12.519  -0.371  1.00 25.50 ? 283 LYS A C   1 
ATOM   1069 O  O   . LYS A 1 136 ? 4.280   12.288  0.843   1.00 25.32 ? 283 LYS A O   1 
ATOM   1070 C  CB  . LYS A 1 136 ? 4.931   10.793  -2.047  1.00 24.76 ? 283 LYS A CB  1 
ATOM   1071 C  CG  . LYS A 1 136 ? 5.849   10.170  -1.058  1.00 28.19 ? 283 LYS A CG  1 
ATOM   1072 C  CD  . LYS A 1 136 ? 7.113   9.595   -1.685  1.00 30.21 ? 283 LYS A CD  1 
ATOM   1073 C  CE  . LYS A 1 136 ? 7.853   8.807   -0.610  1.00 29.06 ? 283 LYS A CE  1 
ATOM   1074 N  NZ  . LYS A 1 136 ? 9.073   8.235   -1.113  1.00 36.22 ? 283 LYS A NZ  1 
ATOM   1075 N  N   . ALA A 1 137 ? 4.375   13.723  -0.897  1.00 27.41 ? 284 ALA A N   1 
ATOM   1076 C  CA  . ALA A 1 137 ? 4.846   14.835  -0.074  1.00 28.94 ? 284 ALA A CA  1 
ATOM   1077 C  C   . ALA A 1 137 ? 3.865   15.106  1.066   1.00 28.17 ? 284 ALA A C   1 
ATOM   1078 O  O   . ALA A 1 137 ? 4.249   15.215  2.236   1.00 28.95 ? 284 ALA A O   1 
ATOM   1079 C  CB  . ALA A 1 137 ? 5.029   16.053  -0.919  1.00 30.36 ? 284 ALA A CB  1 
ATOM   1080 N  N   . ILE A 1 138 ? 2.586   15.142  0.725   1.00 26.90 ? 285 ILE A N   1 
ATOM   1081 C  CA  . ILE A 1 138 ? 1.522   15.294  1.722   1.00 25.42 ? 285 ILE A CA  1 
ATOM   1082 C  C   . ILE A 1 138 ? 1.526   14.189  2.756   1.00 27.70 ? 285 ILE A C   1 
ATOM   1083 O  O   . ILE A 1 138 ? 1.365   14.457  3.948   1.00 27.37 ? 285 ILE A O   1 
ATOM   1084 C  CB  . ILE A 1 138 ? 0.147   15.438  1.036   1.00 25.90 ? 285 ILE A CB  1 
ATOM   1085 C  CG1 . ILE A 1 138 ? 0.041   16.804  0.345   1.00 26.55 ? 285 ILE A CG1 1 
ATOM   1086 C  CG2 . ILE A 1 138 ? -0.983  15.230  2.042   1.00 30.18 ? 285 ILE A CG2 1 
ATOM   1087 C  CD1 . ILE A 1 138 ? -1.016  16.896  -0.704  1.00 24.57 ? 285 ILE A CD1 1 
ATOM   1088 N  N   . ALA A 1 139 ? 1.666   12.930  2.323   1.00 23.29 ? 286 ALA A N   1 
ATOM   1089 C  CA  . ALA A 1 139 ? 1.797   11.828  3.265   1.00 26.71 ? 286 ALA A CA  1 
ATOM   1090 C  C   . ALA A 1 139 ? 2.998   12.008  4.201   1.00 30.42 ? 286 ALA A C   1 
ATOM   1091 O  O   . ALA A 1 139 ? 2.889   11.795  5.409   1.00 31.62 ? 286 ALA A O   1 
ATOM   1092 C  CB  . ALA A 1 139 ? 1.919   10.482  2.524   1.00 26.05 ? 286 ALA A CB  1 
HETATM 1093 N  N   . MSE A 1 140 ? 4.147   12.355  3.640   1.00 33.94 ? 287 MSE A N   1 
HETATM 1094 C  CA  A MSE A 1 140 ? 5.359   12.509  4.442   0.65 36.08 ? 287 MSE A CA  1 
HETATM 1095 C  CA  B MSE A 1 140 ? 5.353   12.502  4.438   0.35 37.36 ? 287 MSE A CA  1 
HETATM 1096 C  C   . MSE A 1 140 ? 5.126   13.585  5.497   1.00 37.46 ? 287 MSE A C   1 
HETATM 1097 O  O   . MSE A 1 140 ? 5.432   13.382  6.665   1.00 38.75 ? 287 MSE A O   1 
HETATM 1098 C  CB  A MSE A 1 140 ? 6.575   12.856  3.567   0.65 37.04 ? 287 MSE A CB  1 
HETATM 1099 C  CB  B MSE A 1 140 ? 6.568   12.788  3.538   0.35 37.36 ? 287 MSE A CB  1 
HETATM 1100 C  CG  A MSE A 1 140 ? 7.100   11.708  2.682   0.65 37.77 ? 287 MSE A CG  1 
HETATM 1101 C  CG  B MSE A 1 140 ? 6.964   11.570  2.680   0.35 37.51 ? 287 MSE A CG  1 
HETATM 1102 SE SE  A MSE A 1 140 ? 7.267   9.958   3.524   0.48 46.66 ? 287 MSE A SE  1 
HETATM 1103 SE SE  B MSE A 1 140 ? 8.632   11.715  1.655   0.27 44.05 ? 287 MSE A SE  1 
HETATM 1104 C  CE  A MSE A 1 140 ? 5.402   9.324   3.194   0.65 37.02 ? 287 MSE A CE  1 
HETATM 1105 C  CE  B MSE A 1 140 ? 8.059   12.752  0.075   0.35 35.13 ? 287 MSE A CE  1 
ATOM   1106 N  N   . ALA A 1 141 ? 4.534   14.706  5.089   1.00 38.32 ? 288 ALA A N   1 
ATOM   1107 C  CA  . ALA A 1 141 ? 4.212   15.792  6.030   1.00 42.04 ? 288 ALA A CA  1 
ATOM   1108 C  C   . ALA A 1 141 ? 3.251   15.334  7.119   1.00 45.08 ? 288 ALA A C   1 
ATOM   1109 O  O   . ALA A 1 141 ? 3.381   15.736  8.273   1.00 48.55 ? 288 ALA A O   1 
ATOM   1110 C  CB  . ALA A 1 141 ? 3.646   17.003  5.293   1.00 40.46 ? 288 ALA A CB  1 
ATOM   1111 N  N   . ALA A 1 142 ? 2.287   14.497  6.766   1.00 45.78 ? 289 ALA A N   1 
ATOM   1112 C  CA  . ALA A 1 142 ? 1.383   13.940  7.759   1.00 47.46 ? 289 ALA A CA  1 
ATOM   1113 C  C   . ALA A 1 142 ? 2.134   12.957  8.648   1.00 49.46 ? 289 ALA A C   1 
ATOM   1114 O  O   . ALA A 1 142 ? 1.887   12.912  9.852   1.00 51.66 ? 289 ALA A O   1 
ATOM   1115 C  CB  . ALA A 1 142 ? 0.203   13.256  7.091   1.00 47.45 ? 289 ALA A CB  1 
HETATM 1116 O  O   . HOH B 2 .   ? -4.997  3.092   -6.390  1.00 15.74 ? 1   HOH A O   1 
HETATM 1117 O  O   . HOH B 2 .   ? 4.395   0.544   -12.718 1.00 17.46 ? 2   HOH A O   1 
HETATM 1118 O  O   . HOH B 2 .   ? -1.147  2.994   -14.241 1.00 16.57 ? 3   HOH A O   1 
HETATM 1119 O  O   . HOH B 2 .   ? 6.244   -4.105  9.560   1.00 18.61 ? 4   HOH A O   1 
HETATM 1120 O  O   . HOH B 2 .   ? -7.378  -6.403  13.805  1.00 17.95 ? 5   HOH A O   1 
HETATM 1121 O  O   . HOH B 2 .   ? 3.679   -4.938  8.751   1.00 15.93 ? 6   HOH A O   1 
HETATM 1122 O  O   . HOH B 2 .   ? -11.139 5.129   -7.121  1.00 22.45 ? 7   HOH A O   1 
HETATM 1123 O  O   . HOH B 2 .   ? 2.650   -11.508 11.601  1.00 19.13 ? 8   HOH A O   1 
HETATM 1124 O  O   . HOH B 2 .   ? -1.604  2.851   2.422   1.00 22.97 ? 9   HOH A O   1 
HETATM 1125 O  O   . HOH B 2 .   ? -8.315  -5.714  16.171  1.00 19.57 ? 10  HOH A O   1 
HETATM 1126 O  O   . HOH B 2 .   ? 2.705   -0.618  14.111  1.00 25.35 ? 11  HOH A O   1 
HETATM 1127 O  O   . HOH B 2 .   ? 1.613   -10.282 -14.030 1.00 20.91 ? 12  HOH A O   1 
HETATM 1128 O  O   . HOH B 2 .   ? -22.256 -1.906  -1.145  1.00 22.79 ? 13  HOH A O   1 
HETATM 1129 O  O   . HOH B 2 .   ? 5.113   -10.758 12.794  1.00 22.91 ? 14  HOH A O   1 
HETATM 1130 O  O   . HOH B 2 .   ? 3.817   8.688   -12.695 1.00 23.32 ? 15  HOH A O   1 
HETATM 1131 O  O   . HOH B 2 .   ? -1.566  -4.681  17.382  1.00 24.71 ? 16  HOH A O   1 
HETATM 1132 O  O   . HOH B 2 .   ? -19.096 5.505   8.369   1.00 21.77 ? 17  HOH A O   1 
HETATM 1133 O  O   . HOH B 2 .   ? -24.405 -0.911  3.906   1.00 24.61 ? 18  HOH A O   1 
HETATM 1134 O  O   . HOH B 2 .   ? 2.936   -7.307  16.587  1.00 25.15 ? 19  HOH A O   1 
HETATM 1135 O  O   . HOH B 2 .   ? 22.534  -5.762  9.394   1.00 27.36 ? 20  HOH A O   1 
HETATM 1136 O  O   . HOH B 2 .   ? 3.273   -14.834 -11.633 1.00 26.24 ? 21  HOH A O   1 
HETATM 1137 O  O   . HOH B 2 .   ? -20.644 -2.240  11.216  1.00 23.99 ? 22  HOH A O   1 
HETATM 1138 O  O   . HOH B 2 .   ? -10.781 8.467   2.050   1.00 26.11 ? 23  HOH A O   1 
HETATM 1139 O  O   . HOH B 2 .   ? -8.310  9.766   -7.272  1.00 27.55 ? 24  HOH A O   1 
HETATM 1140 O  O   . HOH B 2 .   ? -11.226 -0.997  -14.487 1.00 26.08 ? 25  HOH A O   1 
HETATM 1141 O  O   . HOH B 2 .   ? 3.279   3.908   -20.297 1.00 28.13 ? 26  HOH A O   1 
HETATM 1142 O  O   . HOH B 2 .   ? 19.395  -3.057  2.324   1.00 29.67 ? 27  HOH A O   1 
HETATM 1143 O  O   . HOH B 2 .   ? 14.227  0.913   0.351   1.00 28.16 ? 28  HOH A O   1 
HETATM 1144 O  O   . HOH B 2 .   ? 9.138   3.675   -12.162 1.00 30.75 ? 29  HOH A O   1 
HETATM 1145 O  O   . HOH B 2 .   ? 8.403   -9.898  10.885  1.00 23.60 ? 30  HOH A O   1 
HETATM 1146 O  O   . HOH B 2 .   ? -5.730  11.455  7.867   1.00 28.65 ? 31  HOH A O   1 
HETATM 1147 O  O   . HOH B 2 .   ? 17.227  -7.848  7.758   1.00 31.95 ? 32  HOH A O   1 
HETATM 1148 O  O   . HOH B 2 .   ? 4.854   14.184  -3.935  1.00 32.57 ? 33  HOH A O   1 
HETATM 1149 O  O   . HOH B 2 .   ? -13.492 -4.108  -13.344 1.00 31.26 ? 34  HOH A O   1 
HETATM 1150 O  O   . HOH B 2 .   ? 6.811   1.088   2.892   1.00 31.01 ? 35  HOH A O   1 
HETATM 1151 O  O   . HOH B 2 .   ? -10.879 1.950   13.382  1.00 32.97 ? 36  HOH A O   1 
HETATM 1152 O  O   . HOH B 2 .   ? -1.662  8.928   -9.661  1.00 24.81 ? 37  HOH A O   1 
HETATM 1153 O  O   . HOH B 2 .   ? -11.765 9.607   -0.533  1.00 34.52 ? 38  HOH A O   1 
HETATM 1154 O  O   . HOH B 2 .   ? 14.676  -12.047 -2.124  1.00 33.98 ? 39  HOH A O   1 
HETATM 1155 O  O   . HOH B 2 .   ? -18.046 -0.468  -7.284  1.00 30.30 ? 40  HOH A O   1 
HETATM 1156 O  O   . HOH B 2 .   ? -3.848  -6.132  17.871  1.00 32.81 ? 41  HOH A O   1 
HETATM 1157 O  O   . HOH B 2 .   ? 12.799  5.439   2.314   1.00 31.30 ? 42  HOH A O   1 
HETATM 1158 O  O   . HOH B 2 .   ? 0.624   -2.754  -15.987 1.00 35.76 ? 43  HOH A O   1 
HETATM 1159 O  O   . HOH B 2 .   ? 5.936   5.570   -19.925 1.00 37.66 ? 44  HOH A O   1 
HETATM 1160 O  O   . HOH B 2 .   ? 2.111   17.650  -2.930  1.00 34.89 ? 45  HOH A O   1 
HETATM 1161 O  O   . HOH B 2 .   ? 8.624   -11.959 -8.039  1.00 31.29 ? 46  HOH A O   1 
HETATM 1162 O  O   . HOH B 2 .   ? -6.324  12.891  5.210   1.00 33.84 ? 47  HOH A O   1 
HETATM 1163 O  O   . HOH B 2 .   ? 11.654  -10.388 8.415   1.00 32.19 ? 48  HOH A O   1 
HETATM 1164 O  O   . HOH B 2 .   ? -16.252 -4.313  16.589  1.00 36.80 ? 49  HOH A O   1 
HETATM 1165 O  O   . HOH B 2 .   ? -18.290 -0.733  -10.784 1.00 37.97 ? 50  HOH A O   1 
HETATM 1166 O  O   . HOH B 2 .   ? -10.898 10.700  10.562  1.00 32.81 ? 51  HOH A O   1 
HETATM 1167 O  O   . HOH B 2 .   ? -13.267 1.795   -16.051 1.00 37.12 ? 52  HOH A O   1 
HETATM 1168 O  O   . HOH B 2 .   ? -3.098  -4.699  -14.695 1.00 37.20 ? 53  HOH A O   1 
HETATM 1169 O  O   . HOH B 2 .   ? 11.643  -11.147 -8.347  1.00 30.68 ? 54  HOH A O   1 
HETATM 1170 O  O   . HOH B 2 .   ? 17.139  -1.918  12.082  1.00 39.86 ? 55  HOH A O   1 
HETATM 1171 O  O   . HOH B 2 .   ? 1.396   9.331   -6.023  1.00 33.27 ? 56  HOH A O   1 
HETATM 1172 O  O   . HOH B 2 .   ? 0.544   -5.077  19.039  1.00 34.23 ? 57  HOH A O   1 
HETATM 1173 O  O   . HOH B 2 .   ? 19.371  -1.645  10.957  1.00 36.54 ? 58  HOH A O   1 
HETATM 1174 O  O   . HOH B 2 .   ? -12.643 1.567   15.846  1.00 39.05 ? 59  HOH A O   1 
HETATM 1175 O  O   . HOH B 2 .   ? -13.671 10.343  8.030   1.00 37.44 ? 60  HOH A O   1 
HETATM 1176 O  O   . HOH B 2 .   ? 10.501  8.270   0.960   1.00 38.03 ? 61  HOH A O   1 
HETATM 1177 O  O   . HOH B 2 .   ? 16.388  1.293   1.863   1.00 34.37 ? 62  HOH A O   1 
HETATM 1178 O  O   . HOH B 2 .   ? -2.963  11.433  8.100   1.00 38.92 ? 63  HOH A O   1 
HETATM 1179 O  O   . HOH B 2 .   ? 6.665   -6.606  16.085  1.00 37.51 ? 64  HOH A O   1 
HETATM 1180 O  O   . HOH B 2 .   ? 1.515   3.249   6.325   1.00 40.60 ? 65  HOH A O   1 
HETATM 1181 O  O   . HOH B 2 .   ? -7.807  4.024   12.310  1.00 34.32 ? 66  HOH A O   1 
HETATM 1182 O  O   . HOH B 2 .   ? 7.473   13.570  -3.086  1.00 42.05 ? 67  HOH A O   1 
HETATM 1183 O  O   . HOH B 2 .   ? 0.007   -12.219 -14.265 1.00 35.77 ? 68  HOH A O   1 
HETATM 1184 O  O   . HOH B 2 .   ? -1.922  8.648   8.553   1.00 39.99 ? 69  HOH A O   1 
HETATM 1185 O  O   . HOH B 2 .   ? -6.198  -6.095  -12.419 1.00 37.66 ? 70  HOH A O   1 
HETATM 1186 O  O   . HOH B 2 .   ? 12.161  -5.695  13.486  1.00 33.81 ? 71  HOH A O   1 
HETATM 1187 O  O   . HOH B 2 .   ? -5.470  0.475   14.950  1.00 36.93 ? 72  HOH A O   1 
HETATM 1188 O  O   . HOH B 2 .   ? 3.280   -2.420  -16.521 1.00 41.97 ? 73  HOH A O   1 
HETATM 1189 O  O   . HOH B 2 .   ? -13.571 9.450   2.950   1.00 45.88 ? 74  HOH A O   1 
HETATM 1190 O  O   . HOH B 2 .   ? 3.456   11.823  -4.873  1.00 43.68 ? 75  HOH A O   1 
HETATM 1191 O  O   . HOH B 2 .   ? -19.729 0.283   -4.050  1.00 35.14 ? 76  HOH A O   1 
HETATM 1192 O  O   . HOH B 2 .   ? -18.514 7.099   2.988   1.00 39.41 ? 77  HOH A O   1 
HETATM 1193 O  O   . HOH B 2 .   ? 3.639   -5.340  -16.198 1.00 40.93 ? 78  HOH A O   1 
HETATM 1194 O  O   . HOH B 2 .   ? -16.211 0.793   -10.248 1.00 38.85 ? 79  HOH A O   1 
HETATM 1195 O  O   . HOH B 2 .   ? -5.032  5.445   -14.014 1.00 34.30 ? 80  HOH A O   1 
HETATM 1196 O  O   . HOH B 2 .   ? 0.103   16.627  5.050   1.00 45.94 ? 81  HOH A O   1 
HETATM 1197 O  O   . HOH B 2 .   ? -5.684  8.315   -14.318 1.00 34.76 ? 82  HOH A O   1 
HETATM 1198 O  O   . HOH B 2 .   ? -17.979 -0.619  15.940  1.00 37.34 ? 83  HOH A O   1 
HETATM 1199 O  O   . HOH B 2 .   ? 22.393  -0.155  14.150  1.00 44.61 ? 84  HOH A O   1 
HETATM 1200 O  O   . HOH B 2 .   ? 12.625  6.598   -0.100  1.00 40.42 ? 85  HOH A O   1 
HETATM 1201 O  O   . HOH B 2 .   ? -6.785  12.931  9.821   1.00 38.06 ? 86  HOH A O   1 
HETATM 1202 O  O   . HOH B 2 .   ? -7.496  -10.320 -10.841 1.00 36.68 ? 87  HOH A O   1 
HETATM 1203 O  O   . HOH B 2 .   ? 4.147   16.813  -4.701  1.00 52.67 ? 88  HOH A O   1 
HETATM 1204 O  O   . HOH B 2 .   ? 4.531   -0.458  -15.416 1.00 43.17 ? 89  HOH A O   1 
HETATM 1205 O  O   . HOH B 2 .   ? -21.769 0.383   2.118   1.00 43.78 ? 90  HOH A O   1 
HETATM 1206 O  O   . HOH B 2 .   ? 7.192   10.346  -12.033 1.00 37.77 ? 91  HOH A O   1 
HETATM 1207 O  O   . HOH B 2 .   ? 11.460  -11.014 -11.472 1.00 48.15 ? 92  HOH A O   1 
HETATM 1208 O  O   . HOH B 2 .   ? 17.684  0.162   -0.614  1.00 47.44 ? 93  HOH A O   1 
HETATM 1209 O  O   . HOH B 2 .   ? 8.924   6.357   4.844   1.00 42.27 ? 94  HOH A O   1 
HETATM 1210 O  O   . HOH B 2 .   ? -20.494 5.027   -2.786  1.00 57.68 ? 95  HOH A O   1 
HETATM 1211 O  O   . HOH B 2 .   ? 9.868   -5.203  15.751  1.00 49.38 ? 96  HOH A O   1 
HETATM 1212 O  O   . HOH B 2 .   ? -3.362  7.026   -13.240 1.00 41.69 ? 97  HOH A O   1 
HETATM 1213 O  O   . HOH B 2 .   ? 17.838  3.127   5.779   1.00 57.15 ? 98  HOH A O   1 
HETATM 1214 O  O   . HOH B 2 .   ? 0.362   10.578  -12.746 1.00 44.03 ? 99  HOH A O   1 
HETATM 1215 O  O   . HOH B 2 .   ? -19.678 -1.659  13.612  1.00 44.21 ? 100 HOH A O   1 
HETATM 1216 O  O   . HOH B 2 .   ? 8.779   5.437   -20.502 1.00 49.70 ? 101 HOH A O   1 
HETATM 1217 O  O   . HOH B 2 .   ? 18.136  -2.363  -0.128  1.00 42.93 ? 102 HOH A O   1 
HETATM 1218 O  O   . HOH B 2 .   ? 0.108   11.677  -6.251  1.00 42.13 ? 103 HOH A O   1 
HETATM 1219 O  O   . HOH B 2 .   ? 7.677   -13.298 -10.238 1.00 41.03 ? 104 HOH A O   1 
HETATM 1220 O  O   . HOH B 2 .   ? -6.786  13.703  -12.240 1.00 57.54 ? 105 HOH A O   1 
HETATM 1221 O  O   . HOH B 2 .   ? -1.660  7.266   11.251  1.00 42.96 ? 106 HOH A O   1 
HETATM 1222 O  O   . HOH B 2 .   ? 15.190  -3.163  13.471  1.00 43.34 ? 107 HOH A O   1 
HETATM 1223 O  O   . HOH B 2 .   ? 8.456   15.373  1.234   1.00 55.27 ? 108 HOH A O   1 
HETATM 1224 O  O   . HOH B 2 .   ? 10.582  -4.515  -10.691 1.00 40.49 ? 109 HOH A O   1 
HETATM 1225 O  O   . HOH B 2 .   ? 13.026  0.763   -13.588 1.00 50.36 ? 110 HOH A O   1 
HETATM 1226 O  O   . HOH B 2 .   ? -2.008  9.967   -12.045 1.00 48.72 ? 111 HOH A O   1 
HETATM 1227 O  O   . HOH B 2 .   ? 18.215  -0.089  3.764   1.00 52.67 ? 112 HOH A O   1 
HETATM 1228 O  O   . HOH B 2 .   ? 23.933  -4.598  6.416   1.00 47.60 ? 113 HOH A O   1 
HETATM 1229 O  O   . HOH B 2 .   ? 11.735  4.922   -13.270 1.00 54.81 ? 114 HOH A O   1 
HETATM 1230 O  O   . HOH B 2 .   ? 16.723  1.356   12.449  1.00 45.20 ? 115 HOH A O   1 
HETATM 1231 O  O   . HOH B 2 .   ? -8.245  -2.962  16.466  1.00 51.61 ? 116 HOH A O   1 
HETATM 1232 O  O   . HOH B 2 .   ? 2.779   19.276  -0.929  1.00 54.33 ? 117 HOH A O   1 
HETATM 1233 O  O   . HOH B 2 .   ? 6.969   6.751   -18.214 1.00 52.52 ? 118 HOH A O   1 
HETATM 1234 O  O   . HOH B 2 .   ? 13.495  -4.140  -10.155 1.00 51.04 ? 119 HOH A O   1 
HETATM 1235 O  O   . HOH B 2 .   ? -12.754 11.049  -9.645  1.00 42.99 ? 120 HOH A O   1 
HETATM 1236 O  O   . HOH B 2 .   ? 1.583   1.950   2.967   1.00 49.01 ? 121 HOH A O   1 
HETATM 1237 O  O   . HOH B 2 .   ? 17.060  -5.748  -5.925  1.00 48.74 ? 122 HOH A O   1 
HETATM 1238 O  O   . HOH B 2 .   ? -11.094 7.664   -7.647  1.00 41.38 ? 123 HOH A O   1 
HETATM 1239 O  O   . HOH B 2 .   ? -18.335 2.676   -3.900  1.00 43.33 ? 124 HOH A O   1 
HETATM 1240 O  O   . HOH B 2 .   ? -10.128 10.815  -12.513 1.00 46.85 ? 125 HOH A O   1 
HETATM 1241 O  O   . HOH B 2 .   ? 17.077  0.139   -3.467  1.00 50.25 ? 126 HOH A O   1 
HETATM 1242 O  O   . HOH B 2 .   ? -21.930 2.329   -2.031  1.00 44.55 ? 127 HOH A O   1 
HETATM 1243 O  O   . HOH B 2 .   ? -15.692 11.820  -10.023 1.00 55.40 ? 128 HOH A O   1 
HETATM 1244 O  O   . HOH B 2 .   ? 8.127   -13.951 -6.334  1.00 65.05 ? 129 HOH A O   1 
HETATM 1245 O  O   . HOH B 2 .   ? -20.836 -1.929  -6.899  1.00 61.89 ? 130 HOH A O   1 
HETATM 1246 O  O   . HOH B 2 .   ? -17.411 6.705   -4.932  1.00 49.18 ? 131 HOH A O   1 
HETATM 1247 O  O   . HOH B 2 .   ? -14.537 9.953   5.233   1.00 57.50 ? 132 HOH A O   1 
HETATM 1248 O  O   . HOH B 2 .   ? 13.318  -11.074 6.451   1.00 39.69 ? 133 HOH A O   1 
HETATM 1249 O  O   . HOH B 2 .   ? -8.388  8.146   -12.773 1.00 46.24 ? 134 HOH A O   1 
HETATM 1250 O  O   . HOH B 2 .   ? -11.703 6.732   -14.520 1.00 44.30 ? 135 HOH A O   1 
HETATM 1251 O  O   . HOH B 2 .   ? 0.575   3.494   -19.987 1.00 25.02 ? 136 HOH A O   1 
HETATM 1252 O  O   . HOH B 2 .   ? 6.554   16.413  2.739   1.00 52.70 ? 137 HOH A O   1 
HETATM 1253 O  O   . HOH B 2 .   ? -16.355 1.927   -14.069 1.00 40.84 ? 138 HOH A O   1 
HETATM 1254 O  O   . HOH B 2 .   ? -14.421 6.054   -14.587 1.00 38.95 ? 139 HOH A O   1 
HETATM 1255 O  O   . HOH B 2 .   ? -4.262  15.228  0.307   1.00 27.88 ? 140 HOH A O   1 
HETATM 1256 O  O   . HOH B 2 .   ? -15.825 4.181   -14.436 1.00 38.38 ? 141 HOH A O   1 
HETATM 1257 O  O   . HOH B 2 .   ? 12.437  4.339   -5.970  1.00 40.68 ? 142 HOH A O   1 
HETATM 1258 O  O   . HOH B 2 .   ? 12.451  6.644   -5.292  1.00 49.74 ? 143 HOH A O   1 
# 
